data_6XFG
# 
_entry.id   6XFG 
# 
_audit_conform.dict_name       mmcif_pdbx.dic 
_audit_conform.dict_version    5.380 
_audit_conform.dict_location   http://mmcif.pdb.org/dictionaries/ascii/mmcif_pdbx.dic 
# 
loop_
_database_2.database_id 
_database_2.database_code 
_database_2.pdbx_database_accession 
_database_2.pdbx_DOI 
PDB   6XFG         pdb_00006xfg 10.2210/pdb6xfg/pdb 
WWPDB D_1000249231 ?            ?                   
# 
_pdbx_database_status.status_code                     REL 
_pdbx_database_status.status_code_sf                  REL 
_pdbx_database_status.status_code_mr                  ? 
_pdbx_database_status.entry_id                        6XFG 
_pdbx_database_status.recvd_initial_deposition_date   2020-06-15 
_pdbx_database_status.SG_entry                        N 
_pdbx_database_status.deposit_site                    RCSB 
_pdbx_database_status.process_site                    RCSB 
_pdbx_database_status.status_code_cs                  ? 
_pdbx_database_status.status_code_nmr_data            ? 
_pdbx_database_status.methods_development_category    ? 
_pdbx_database_status.pdb_format_compatible           Y 
# 
loop_
_audit_author.name 
_audit_author.pdbx_ordinal 
_audit_author.identifier_ORCID 
'Simmons, C.R.'      1 0000-0002-2290-6132 
'MacCulloch, T.'     2 0000-0001-5875-3361 
'Stephanopoulos, N.' 3 0000-0001-7859-410X 
'Yan, H.'            4 0000-0001-7397-9852 
# 
_citation.abstract                  ? 
_citation.abstract_id_CAS           ? 
_citation.book_id_ISBN              ? 
_citation.book_publisher            ? 
_citation.book_publisher_city       ? 
_citation.book_title                ? 
_citation.coordinate_linkage        ? 
_citation.country                   UK 
_citation.database_id_Medline       ? 
_citation.details                   ? 
_citation.id                        primary 
_citation.journal_abbrev            'Nat Commun' 
_citation.journal_id_ASTM           ? 
_citation.journal_id_CSD            ? 
_citation.journal_id_ISSN           2041-1723 
_citation.journal_full              ? 
_citation.journal_issue             ? 
_citation.journal_volume            13 
_citation.language                  ? 
_citation.page_first                3112 
_citation.page_last                 3112 
_citation.title                     'The influence of Holliday junction sequence and dynamics on DNA crystal self-assembly.' 
_citation.year                      2022 
_citation.database_id_CSD           ? 
_citation.pdbx_database_id_DOI      10.1038/s41467-022-30779-6 
_citation.pdbx_database_id_PubMed   35662248 
_citation.unpublished_flag          ? 
# 
loop_
_citation_author.citation_id 
_citation_author.name 
_citation_author.ordinal 
_citation_author.identifier_ORCID 
primary 'Simmons, C.R.'      1  ?                   
primary 'MacCulloch, T.'     2  ?                   
primary 'Krepl, M.'          3  0000-0002-9833-4281 
primary 'Matthies, M.'       4  ?                   
primary 'Buchberger, A.'     5  ?                   
primary 'Crawford, I.'       6  ?                   
primary 'Sponer, J.'         7  0000-0001-6558-6186 
primary 'Sulc, P.'           8  0000-0003-1565-6769 
primary 'Stephanopoulos, N.' 9  0000-0001-7859-410X 
primary 'Yan, H.'            10 0000-0001-7397-9852 
# 
_cell.angle_alpha                  90.000 
_cell.angle_alpha_esd              ? 
_cell.angle_beta                   90.000 
_cell.angle_beta_esd               ? 
_cell.angle_gamma                  120.000 
_cell.angle_gamma_esd              ? 
_cell.entry_id                     6XFG 
_cell.details                      ? 
_cell.formula_units_Z              ? 
_cell.length_a                     68.458 
_cell.length_a_esd                 ? 
_cell.length_b                     68.458 
_cell.length_b_esd                 ? 
_cell.length_c                     60.214 
_cell.length_c_esd                 ? 
_cell.volume                       ? 
_cell.volume_esd                   ? 
_cell.Z_PDB                        6 
_cell.reciprocal_angle_alpha       ? 
_cell.reciprocal_angle_beta        ? 
_cell.reciprocal_angle_gamma       ? 
_cell.reciprocal_angle_alpha_esd   ? 
_cell.reciprocal_angle_beta_esd    ? 
_cell.reciprocal_angle_gamma_esd   ? 
_cell.reciprocal_length_a          ? 
_cell.reciprocal_length_b          ? 
_cell.reciprocal_length_c          ? 
_cell.reciprocal_length_a_esd      ? 
_cell.reciprocal_length_b_esd      ? 
_cell.reciprocal_length_c_esd      ? 
_cell.pdbx_unique_axis             ? 
# 
_symmetry.entry_id                         6XFG 
_symmetry.cell_setting                     ? 
_symmetry.Int_Tables_number                154 
_symmetry.space_group_name_Hall            ? 
_symmetry.space_group_name_H-M             'P 32 2 1' 
_symmetry.pdbx_full_space_group_name_H-M   ? 
# 
loop_
_entity.id 
_entity.type 
_entity.src_method 
_entity.pdbx_description 
_entity.formula_weight 
_entity.pdbx_number_of_molecules 
_entity.pdbx_ec 
_entity.pdbx_mutation 
_entity.pdbx_fragment 
_entity.details 
1 polymer     syn 
;DNA (5'-D(*GP*AP*GP*CP*AP*GP*AP*CP*CP*TP*G)-3')
;
3383.224 1 ? ? ? ? 
2 polymer     syn 
;DNA (5'-D(P*AP*CP*AP*CP*CP*AP*CP*TP*CP*A)-3')
;
2957.972 1 ? ? ? ? 
3 polymer     syn 
;DNA (5'-D(P*CP*AP*TP*GP*T)-3')
;
1495.023 1 ? ? ? ? 
4 polymer     syn 
;DNA (5'-D(*TP*CP*TP*GP*AP*GP*TP*GP*GP*GP*GP*TP*CP*TP*GP*C)-3')
;
4961.199 1 ? ? ? ? 
5 non-polymer syn 'CACODYLATE ION'                                                 136.989  2 ? ? ? ? 
# 
loop_
_entity_poly.entity_id 
_entity_poly.type 
_entity_poly.nstd_linkage 
_entity_poly.nstd_monomer 
_entity_poly.pdbx_seq_one_letter_code 
_entity_poly.pdbx_seq_one_letter_code_can 
_entity_poly.pdbx_strand_id 
_entity_poly.pdbx_target_identifier 
1 polydeoxyribonucleotide no no '(DG)(DA)(DG)(DC)(DA)(DG)(DA)(DC)(DC)(DT)(DG)'                     GAGCAGACCTG      A ? 
2 polydeoxyribonucleotide no no '(DA)(DC)(DA)(DC)(DC)(DA)(DC)(DT)(DC)(DA)'                         ACACCACTCA       B ? 
3 polydeoxyribonucleotide no no '(DC)(DA)(DT)(DG)(DT)'                                             CATGT            C ? 
4 polydeoxyribonucleotide no no '(DT)(DC)(DT)(DG)(DA)(DG)(DT)(DG)(DG)(DG)(DG)(DT)(DC)(DT)(DG)(DC)' TCTGAGTGGGGTCTGC D ? 
# 
loop_
_entity_poly_seq.entity_id 
_entity_poly_seq.num 
_entity_poly_seq.mon_id 
_entity_poly_seq.hetero 
1 1  DG n 
1 2  DA n 
1 3  DG n 
1 4  DC n 
1 5  DA n 
1 6  DG n 
1 7  DA n 
1 8  DC n 
1 9  DC n 
1 10 DT n 
1 11 DG n 
2 1  DA n 
2 2  DC n 
2 3  DA n 
2 4  DC n 
2 5  DC n 
2 6  DA n 
2 7  DC n 
2 8  DT n 
2 9  DC n 
2 10 DA n 
3 1  DC n 
3 2  DA n 
3 3  DT n 
3 4  DG n 
3 5  DT n 
4 1  DT n 
4 2  DC n 
4 3  DT n 
4 4  DG n 
4 5  DA n 
4 6  DG n 
4 7  DT n 
4 8  DG n 
4 9  DG n 
4 10 DG n 
4 11 DG n 
4 12 DT n 
4 13 DC n 
4 14 DT n 
4 15 DG n 
4 16 DC n 
# 
loop_
_pdbx_entity_src_syn.entity_id 
_pdbx_entity_src_syn.pdbx_src_id 
_pdbx_entity_src_syn.pdbx_alt_source_flag 
_pdbx_entity_src_syn.pdbx_beg_seq_num 
_pdbx_entity_src_syn.pdbx_end_seq_num 
_pdbx_entity_src_syn.organism_scientific 
_pdbx_entity_src_syn.organism_common_name 
_pdbx_entity_src_syn.ncbi_taxonomy_id 
_pdbx_entity_src_syn.details 
1 1 sample 1 11 'synthetic construct' ? 32630 ? 
2 1 sample 1 10 'synthetic construct' ? 32630 ? 
3 1 sample 1 5  'synthetic construct' ? 32630 ? 
4 1 sample 1 16 'synthetic construct' ? 32630 ? 
# 
loop_
_struct_ref.id 
_struct_ref.db_name 
_struct_ref.db_code 
_struct_ref.pdbx_db_accession 
_struct_ref.pdbx_db_isoform 
_struct_ref.entity_id 
_struct_ref.pdbx_seq_one_letter_code 
_struct_ref.pdbx_align_begin 
1 PDB 6XFG 6XFG ? 1 ? 1 
2 PDB 6XFG 6XFG ? 2 ? 1 
3 PDB 6XFG 6XFG ? 3 ? 1 
4 PDB 6XFG 6XFG ? 4 ? 1 
# 
loop_
_struct_ref_seq.align_id 
_struct_ref_seq.ref_id 
_struct_ref_seq.pdbx_PDB_id_code 
_struct_ref_seq.pdbx_strand_id 
_struct_ref_seq.seq_align_beg 
_struct_ref_seq.pdbx_seq_align_beg_ins_code 
_struct_ref_seq.seq_align_end 
_struct_ref_seq.pdbx_seq_align_end_ins_code 
_struct_ref_seq.pdbx_db_accession 
_struct_ref_seq.db_align_beg 
_struct_ref_seq.pdbx_db_align_beg_ins_code 
_struct_ref_seq.db_align_end 
_struct_ref_seq.pdbx_db_align_end_ins_code 
_struct_ref_seq.pdbx_auth_seq_align_beg 
_struct_ref_seq.pdbx_auth_seq_align_end 
1 1 6XFG A 1 ? 11 ? 6XFG 1  ? 11 ? 1  11 
2 2 6XFG B 1 ? 10 ? 6XFG 12 ? 21 ? 12 21 
3 3 6XFG C 1 ? 5  ? 6XFG 1  ? 5  ? 1  5  
4 4 6XFG D 1 ? 16 ? 6XFG 1  ? 16 ? 1  16 
# 
loop_
_chem_comp.id 
_chem_comp.type 
_chem_comp.mon_nstd_flag 
_chem_comp.name 
_chem_comp.pdbx_synonyms 
_chem_comp.formula 
_chem_comp.formula_weight 
CAC non-polymer   . 'CACODYLATE ION'                     dimethylarsinate 'C2 H6 As O2 -1'  136.989 
DA  'DNA linking' y "2'-DEOXYADENOSINE-5'-MONOPHOSPHATE" ?                'C10 H14 N5 O6 P' 331.222 
DC  'DNA linking' y "2'-DEOXYCYTIDINE-5'-MONOPHOSPHATE"  ?                'C9 H14 N3 O7 P'  307.197 
DG  'DNA linking' y "2'-DEOXYGUANOSINE-5'-MONOPHOSPHATE" ?                'C10 H14 N5 O7 P' 347.221 
DT  'DNA linking' y "THYMIDINE-5'-MONOPHOSPHATE"         ?                'C10 H15 N2 O8 P' 322.208 
# 
_exptl.absorpt_coefficient_mu     ? 
_exptl.absorpt_correction_T_max   ? 
_exptl.absorpt_correction_T_min   ? 
_exptl.absorpt_correction_type    ? 
_exptl.absorpt_process_details    ? 
_exptl.entry_id                   6XFG 
_exptl.crystals_number            1 
_exptl.details                    ? 
_exptl.method                     'X-RAY DIFFRACTION' 
_exptl.method_details             ? 
# 
_exptl_crystal.colour                      ? 
_exptl_crystal.density_diffrn              ? 
_exptl_crystal.density_Matthews            3.18 
_exptl_crystal.density_method              ? 
_exptl_crystal.density_percent_sol         61.35 
_exptl_crystal.description                 ? 
_exptl_crystal.F_000                       ? 
_exptl_crystal.id                          1 
_exptl_crystal.preparation                 ? 
_exptl_crystal.size_max                    ? 
_exptl_crystal.size_mid                    ? 
_exptl_crystal.size_min                    ? 
_exptl_crystal.size_rad                    ? 
_exptl_crystal.colour_lustre               ? 
_exptl_crystal.colour_modifier             ? 
_exptl_crystal.colour_primary              ? 
_exptl_crystal.density_meas                ? 
_exptl_crystal.density_meas_esd            ? 
_exptl_crystal.density_meas_gt             ? 
_exptl_crystal.density_meas_lt             ? 
_exptl_crystal.density_meas_temp           ? 
_exptl_crystal.density_meas_temp_esd       ? 
_exptl_crystal.density_meas_temp_gt        ? 
_exptl_crystal.density_meas_temp_lt        ? 
_exptl_crystal.pdbx_crystal_image_url      ? 
_exptl_crystal.pdbx_crystal_image_format   ? 
_exptl_crystal.pdbx_mosaicity              ? 
_exptl_crystal.pdbx_mosaicity_esd          ? 
# 
_exptl_crystal_grow.apparatus       ? 
_exptl_crystal_grow.atmosphere      ? 
_exptl_crystal_grow.crystal_id      1 
_exptl_crystal_grow.details         ? 
_exptl_crystal_grow.method          'VAPOR DIFFUSION, SITTING DROP' 
_exptl_crystal_grow.method_ref      ? 
_exptl_crystal_grow.pH              ? 
_exptl_crystal_grow.pressure        ? 
_exptl_crystal_grow.pressure_esd    ? 
_exptl_crystal_grow.seeding         ? 
_exptl_crystal_grow.seeding_ref     ? 
_exptl_crystal_grow.temp            298 
_exptl_crystal_grow.temp_details    'temperature gradient generated from 60 to 25 C at 0.3 degrees per hour' 
_exptl_crystal_grow.temp_esd        ? 
_exptl_crystal_grow.time            ? 
_exptl_crystal_grow.pdbx_details    
;0.5 mL of 0.05 M Cacodylate pH 6.5 with 36 mM MgCl2, 2.25 mM spermine, and 5% PEG 400 was added to the reservoir with 2 uL added to the drop containing 4 uL of DNA stock
;
_exptl_crystal_grow.pdbx_pH_range   ? 
# 
_diffrn.ambient_environment              ? 
_diffrn.ambient_temp                     100 
_diffrn.ambient_temp_details             ? 
_diffrn.ambient_temp_esd                 ? 
_diffrn.crystal_id                       1 
_diffrn.crystal_support                  ? 
_diffrn.crystal_treatment                ? 
_diffrn.details                          ? 
_diffrn.id                               1 
_diffrn.ambient_pressure                 ? 
_diffrn.ambient_pressure_esd             ? 
_diffrn.ambient_pressure_gt              ? 
_diffrn.ambient_pressure_lt              ? 
_diffrn.ambient_temp_gt                  ? 
_diffrn.ambient_temp_lt                  ? 
_diffrn.pdbx_serial_crystal_experiment   N 
# 
_diffrn_detector.details                      ? 
_diffrn_detector.detector                     PIXEL 
_diffrn_detector.diffrn_id                    1 
_diffrn_detector.type                         'DECTRIS PILATUS3 6M' 
_diffrn_detector.area_resol_mean              ? 
_diffrn_detector.dtime                        ? 
_diffrn_detector.pdbx_frames_total            ? 
_diffrn_detector.pdbx_collection_time_total   ? 
_diffrn_detector.pdbx_collection_date         2018-05-15 
_diffrn_detector.pdbx_frequency               ? 
# 
_diffrn_radiation.collimation                      ? 
_diffrn_radiation.diffrn_id                        1 
_diffrn_radiation.filter_edge                      ? 
_diffrn_radiation.inhomogeneity                    ? 
_diffrn_radiation.monochromator                    ? 
_diffrn_radiation.polarisn_norm                    ? 
_diffrn_radiation.polarisn_ratio                   ? 
_diffrn_radiation.probe                            ? 
_diffrn_radiation.type                             ? 
_diffrn_radiation.xray_symbol                      ? 
_diffrn_radiation.wavelength_id                    1 
_diffrn_radiation.pdbx_monochromatic_or_laue_m_l   M 
_diffrn_radiation.pdbx_wavelength_list             ? 
_diffrn_radiation.pdbx_wavelength                  ? 
_diffrn_radiation.pdbx_diffrn_protocol             'SINGLE WAVELENGTH' 
_diffrn_radiation.pdbx_analyzer                    ? 
_diffrn_radiation.pdbx_scattering_type             x-ray 
# 
_diffrn_radiation_wavelength.id           1 
_diffrn_radiation_wavelength.wavelength   1 
_diffrn_radiation_wavelength.wt           1.0 
# 
_diffrn_source.current                     ? 
_diffrn_source.details                     ? 
_diffrn_source.diffrn_id                   1 
_diffrn_source.power                       ? 
_diffrn_source.size                        ? 
_diffrn_source.source                      SYNCHROTRON 
_diffrn_source.target                      ? 
_diffrn_source.type                        'ALS BEAMLINE 5.0.2' 
_diffrn_source.voltage                     ? 
_diffrn_source.take-off_angle              ? 
_diffrn_source.pdbx_wavelength_list        1 
_diffrn_source.pdbx_wavelength             ? 
_diffrn_source.pdbx_synchrotron_beamline   5.0.2 
_diffrn_source.pdbx_synchrotron_site       ALS 
# 
_reflns.B_iso_Wilson_estimate            87.080 
_reflns.entry_id                         6XFG 
_reflns.data_reduction_details           ? 
_reflns.data_reduction_method            ? 
_reflns.d_resolution_high                3.050 
_reflns.d_resolution_low                 50.000 
_reflns.details                          ? 
_reflns.limit_h_max                      ? 
_reflns.limit_h_min                      ? 
_reflns.limit_k_max                      ? 
_reflns.limit_k_min                      ? 
_reflns.limit_l_max                      ? 
_reflns.limit_l_min                      ? 
_reflns.number_all                       ? 
_reflns.number_obs                       3313 
_reflns.observed_criterion               ? 
_reflns.observed_criterion_F_max         ? 
_reflns.observed_criterion_F_min         ? 
_reflns.observed_criterion_I_max         ? 
_reflns.observed_criterion_I_min         ? 
_reflns.observed_criterion_sigma_F       ? 
_reflns.observed_criterion_sigma_I       ? 
_reflns.percent_possible_obs             99.900 
_reflns.R_free_details                   ? 
_reflns.Rmerge_F_all                     ? 
_reflns.Rmerge_F_obs                     ? 
_reflns.Friedel_coverage                 ? 
_reflns.number_gt                        ? 
_reflns.threshold_expression             ? 
_reflns.pdbx_redundancy                  18.700 
_reflns.pdbx_Rmerge_I_obs                0.054 
_reflns.pdbx_Rmerge_I_all                ? 
_reflns.pdbx_Rsym_value                  ? 
_reflns.pdbx_netI_over_av_sigmaI         ? 
_reflns.pdbx_netI_over_sigmaI            7.300 
_reflns.pdbx_res_netI_over_av_sigmaI_2   ? 
_reflns.pdbx_res_netI_over_sigmaI_2      ? 
_reflns.pdbx_chi_squared                 0.597 
_reflns.pdbx_scaling_rejects             ? 
_reflns.pdbx_d_res_high_opt              ? 
_reflns.pdbx_d_res_low_opt               ? 
_reflns.pdbx_d_res_opt_method            ? 
_reflns.phase_calculation_details        ? 
_reflns.pdbx_Rrim_I_all                  0.056 
_reflns.pdbx_Rpim_I_all                  0.013 
_reflns.pdbx_d_opt                       ? 
_reflns.pdbx_number_measured_all         ? 
_reflns.pdbx_diffrn_id                   1 
_reflns.pdbx_ordinal                     1 
_reflns.pdbx_CC_half                     0.999 
_reflns.pdbx_CC_star                     ? 
_reflns.pdbx_R_split                     ? 
# 
loop_
_reflns_shell.d_res_high 
_reflns_shell.d_res_low 
_reflns_shell.meanI_over_sigI_all 
_reflns_shell.meanI_over_sigI_obs 
_reflns_shell.number_measured_all 
_reflns_shell.number_measured_obs 
_reflns_shell.number_possible 
_reflns_shell.number_unique_all 
_reflns_shell.number_unique_obs 
_reflns_shell.percent_possible_all 
_reflns_shell.percent_possible_obs 
_reflns_shell.Rmerge_F_all 
_reflns_shell.Rmerge_F_obs 
_reflns_shell.Rmerge_I_all 
_reflns_shell.Rmerge_I_obs 
_reflns_shell.meanI_over_sigI_gt 
_reflns_shell.meanI_over_uI_all 
_reflns_shell.meanI_over_uI_gt 
_reflns_shell.number_measured_gt 
_reflns_shell.number_unique_gt 
_reflns_shell.percent_possible_gt 
_reflns_shell.Rmerge_F_gt 
_reflns_shell.Rmerge_I_gt 
_reflns_shell.pdbx_redundancy 
_reflns_shell.pdbx_Rsym_value 
_reflns_shell.pdbx_chi_squared 
_reflns_shell.pdbx_netI_over_sigmaI_all 
_reflns_shell.pdbx_netI_over_sigmaI_obs 
_reflns_shell.pdbx_Rrim_I_all 
_reflns_shell.pdbx_Rpim_I_all 
_reflns_shell.pdbx_rejects 
_reflns_shell.pdbx_ordinal 
_reflns_shell.pdbx_diffrn_id 
_reflns_shell.pdbx_CC_half 
_reflns_shell.pdbx_CC_star 
_reflns_shell.pdbx_R_split 
3.050 3.100  ? ? ? ? ? ? 164 99.400  ? ? ? ? 0.920 ? ? ? ? ? ? ? ? 15.900 ? 0.425 ? ? 0.950 0.232 ? 1  1 0.905 ? ? 
3.100 3.160  ? ? ? ? ? ? 154 100.000 ? ? ? ? 0.561 ? ? ? ? ? ? ? ? 16.600 ? 0.431 ? ? 0.579 0.139 ? 2  1 0.979 ? ? 
3.160 3.220  ? ? ? ? ? ? 166 100.000 ? ? ? ? 0.203 ? ? ? ? ? ? ? ? 18.000 ? 0.460 ? ? 0.209 0.048 ? 3  1 0.998 ? ? 
3.220 3.290  ? ? ? ? ? ? 159 100.000 ? ? ? ? 0.146 ? ? ? ? ? ? ? ? 19.100 ? 0.506 ? ? 0.150 0.033 ? 4  1 0.999 ? ? 
3.290 3.360  ? ? ? ? ? ? 160 100.000 ? ? ? ? 0.214 ? ? ? ? ? ? ? ? 19.900 ? 0.481 ? ? 0.219 0.048 ? 5  1 0.997 ? ? 
3.360 3.430  ? ? ? ? ? ? 158 100.000 ? ? ? ? 0.191 ? ? ? ? ? ? ? ? 20.200 ? 0.482 ? ? 0.196 0.043 ? 6  1 0.998 ? ? 
3.430 3.520  ? ? ? ? ? ? 171 100.000 ? ? ? ? 0.193 ? ? ? ? ? ? ? ? 19.700 ? 0.503 ? ? 0.198 0.044 ? 7  1 0.998 ? ? 
3.520 3.620  ? ? ? ? ? ? 158 100.000 ? ? ? ? 0.166 ? ? ? ? ? ? ? ? 20.100 ? 0.525 ? ? 0.170 0.037 ? 8  1 0.998 ? ? 
3.620 3.720  ? ? ? ? ? ? 161 100.000 ? ? ? ? 0.190 ? ? ? ? ? ? ? ? 19.000 ? 0.506 ? ? 0.195 0.044 ? 9  1 0.994 ? ? 
3.720 3.840  ? ? ? ? ? ? 167 100.000 ? ? ? ? 0.140 ? ? ? ? ? ? ? ? 18.000 ? 0.498 ? ? 0.144 0.034 ? 10 1 0.997 ? ? 
3.840 3.980  ? ? ? ? ? ? 161 100.000 ? ? ? ? 0.121 ? ? ? ? ? ? ? ? 18.900 ? 0.556 ? ? 0.124 0.029 ? 11 1 0.998 ? ? 
3.980 4.140  ? ? ? ? ? ? 161 100.000 ? ? ? ? 0.099 ? ? ? ? ? ? ? ? 19.600 ? 0.620 ? ? 0.102 0.023 ? 12 1 0.998 ? ? 
4.140 4.330  ? ? ? ? ? ? 174 100.000 ? ? ? ? 0.083 ? ? ? ? ? ? ? ? 19.400 ? 0.625 ? ? 0.085 0.019 ? 13 1 0.998 ? ? 
4.330 4.560  ? ? ? ? ? ? 167 100.000 ? ? ? ? 0.077 ? ? ? ? ? ? ? ? 20.100 ? 0.601 ? ? 0.078 0.017 ? 14 1 0.999 ? ? 
4.560 4.840  ? ? ? ? ? ? 156 100.000 ? ? ? ? 0.069 ? ? ? ? ? ? ? ? 19.000 ? 0.647 ? ? 0.071 0.016 ? 15 1 0.999 ? ? 
4.840 5.210  ? ? ? ? ? ? 164 100.000 ? ? ? ? 0.053 ? ? ? ? ? ? ? ? 18.400 ? 0.731 ? ? 0.054 0.013 ? 16 1 0.999 ? ? 
5.210 5.740  ? ? ? ? ? ? 173 100.000 ? ? ? ? 0.045 ? ? ? ? ? ? ? ? 19.100 ? 0.835 ? ? 0.046 0.010 ? 17 1 0.999 ? ? 
5.740 6.570  ? ? ? ? ? ? 174 100.000 ? ? ? ? 0.044 ? ? ? ? ? ? ? ? 19.100 ? 0.770 ? ? 0.045 0.010 ? 18 1 1.000 ? ? 
6.570 8.270  ? ? ? ? ? ? 176 100.000 ? ? ? ? 0.038 ? ? ? ? ? ? ? ? 17.500 ? 0.849 ? ? 0.039 0.010 ? 19 1 1.000 ? ? 
8.270 50.000 ? ? ? ? ? ? 189 99.000  ? ? ? ? 0.030 ? ? ? ? ? ? ? ? 16.400 ? 0.815 ? ? 0.032 0.009 ? 20 1 1.000 ? ? 
# 
_refine.aniso_B[1][1]                            ? 
_refine.aniso_B[1][2]                            ? 
_refine.aniso_B[1][3]                            ? 
_refine.aniso_B[2][2]                            ? 
_refine.aniso_B[2][3]                            ? 
_refine.aniso_B[3][3]                            ? 
_refine.B_iso_max                                190.140 
_refine.B_iso_mean                               99.1717 
_refine.B_iso_min                                54.220 
_refine.correlation_coeff_Fo_to_Fc               ? 
_refine.correlation_coeff_Fo_to_Fc_free          ? 
_refine.details                                  ? 
_refine.diff_density_max                         ? 
_refine.diff_density_max_esd                     ? 
_refine.diff_density_min                         ? 
_refine.diff_density_min_esd                     ? 
_refine.diff_density_rms                         ? 
_refine.diff_density_rms_esd                     ? 
_refine.entry_id                                 6XFG 
_refine.pdbx_refine_id                           'X-RAY DIFFRACTION' 
_refine.ls_abs_structure_details                 ? 
_refine.ls_abs_structure_Flack                   ? 
_refine.ls_abs_structure_Flack_esd               ? 
_refine.ls_abs_structure_Rogers                  ? 
_refine.ls_abs_structure_Rogers_esd              ? 
_refine.ls_d_res_high                            3.0530 
_refine.ls_d_res_low                             42.2460 
_refine.ls_extinction_coef                       ? 
_refine.ls_extinction_coef_esd                   ? 
_refine.ls_extinction_expression                 ? 
_refine.ls_extinction_method                     ? 
_refine.ls_goodness_of_fit_all                   ? 
_refine.ls_goodness_of_fit_all_esd               ? 
_refine.ls_goodness_of_fit_obs                   ? 
_refine.ls_goodness_of_fit_obs_esd               ? 
_refine.ls_hydrogen_treatment                    ? 
_refine.ls_matrix_type                           ? 
_refine.ls_number_constraints                    ? 
_refine.ls_number_parameters                     ? 
_refine.ls_number_reflns_all                     ? 
_refine.ls_number_reflns_obs                     3254 
_refine.ls_number_reflns_R_free                  161 
_refine.ls_number_reflns_R_work                  3093 
_refine.ls_number_restraints                     ? 
_refine.ls_percent_reflns_obs                    98.4900 
_refine.ls_percent_reflns_R_free                 4.9500 
_refine.ls_R_factor_all                          ? 
_refine.ls_R_factor_obs                          0.2162 
_refine.ls_R_factor_R_free                       0.2405 
_refine.ls_R_factor_R_free_error                 ? 
_refine.ls_R_factor_R_free_error_details         ? 
_refine.ls_R_factor_R_work                       0.2146 
_refine.ls_R_Fsqd_factor_obs                     ? 
_refine.ls_R_I_factor_obs                        ? 
_refine.ls_redundancy_reflns_all                 ? 
_refine.ls_redundancy_reflns_obs                 ? 
_refine.ls_restrained_S_all                      ? 
_refine.ls_restrained_S_obs                      ? 
_refine.ls_shift_over_esd_max                    ? 
_refine.ls_shift_over_esd_mean                   ? 
_refine.ls_structure_factor_coef                 ? 
_refine.ls_weighting_details                     ? 
_refine.ls_weighting_scheme                      ? 
_refine.ls_wR_factor_all                         ? 
_refine.ls_wR_factor_obs                         ? 
_refine.ls_wR_factor_R_free                      ? 
_refine.ls_wR_factor_R_work                      ? 
_refine.occupancy_max                            ? 
_refine.occupancy_min                            ? 
_refine.solvent_model_details                    'FLAT BULK SOLVENT MODEL' 
_refine.solvent_model_param_bsol                 ? 
_refine.solvent_model_param_ksol                 ? 
_refine.pdbx_R_complete                          ? 
_refine.ls_R_factor_gt                           ? 
_refine.ls_goodness_of_fit_gt                    ? 
_refine.ls_goodness_of_fit_ref                   ? 
_refine.ls_shift_over_su_max                     ? 
_refine.ls_shift_over_su_max_lt                  ? 
_refine.ls_shift_over_su_mean                    ? 
_refine.ls_shift_over_su_mean_lt                 ? 
_refine.pdbx_ls_sigma_I                          ? 
_refine.pdbx_ls_sigma_F                          2.070 
_refine.pdbx_ls_sigma_Fsqd                       ? 
_refine.pdbx_data_cutoff_high_absF               ? 
_refine.pdbx_data_cutoff_high_rms_absF           ? 
_refine.pdbx_data_cutoff_low_absF                ? 
_refine.pdbx_isotropic_thermal_model             ? 
_refine.pdbx_ls_cross_valid_method               THROUGHOUT 
_refine.pdbx_method_to_determine_struct          'MOLECULAR REPLACEMENT' 
_refine.pdbx_starting_model                      6x8c 
_refine.pdbx_stereochemistry_target_values       ML 
_refine.pdbx_R_Free_selection_details            ? 
_refine.pdbx_stereochem_target_val_spec_case     ? 
_refine.pdbx_overall_ESU_R                       ? 
_refine.pdbx_overall_ESU_R_Free                  ? 
_refine.pdbx_solvent_vdw_probe_radii             1.1100 
_refine.pdbx_solvent_ion_probe_radii             ? 
_refine.pdbx_solvent_shrinkage_radii             0.9000 
_refine.pdbx_real_space_R                        ? 
_refine.pdbx_density_correlation                 ? 
_refine.pdbx_pd_number_of_powder_patterns        ? 
_refine.pdbx_pd_number_of_points                 ? 
_refine.pdbx_pd_meas_number_of_points            ? 
_refine.pdbx_pd_proc_ls_prof_R_factor            ? 
_refine.pdbx_pd_proc_ls_prof_wR_factor           ? 
_refine.pdbx_pd_Marquardt_correlation_coeff      ? 
_refine.pdbx_pd_Fsqrd_R_factor                   ? 
_refine.pdbx_pd_ls_matrix_band_width             ? 
_refine.pdbx_overall_phase_error                 23.7000 
_refine.pdbx_overall_SU_R_free_Cruickshank_DPI   ? 
_refine.pdbx_overall_SU_R_free_Blow_DPI          ? 
_refine.pdbx_overall_SU_R_Blow_DPI               ? 
_refine.pdbx_TLS_residual_ADP_flag               ? 
_refine.pdbx_diffrn_id                           1 
_refine.overall_SU_B                             ? 
_refine.overall_SU_ML                            0.2600 
_refine.overall_SU_R_Cruickshank_DPI             ? 
_refine.overall_SU_R_free                        ? 
_refine.overall_FOM_free_R_set                   ? 
_refine.overall_FOM_work_R_set                   ? 
_refine.pdbx_average_fsc_overall                 ? 
_refine.pdbx_average_fsc_work                    ? 
_refine.pdbx_average_fsc_free                    ? 
# 
_refine_hist.pdbx_refine_id                   'X-RAY DIFFRACTION' 
_refine_hist.cycle_id                         final 
_refine_hist.details                          ? 
_refine_hist.d_res_high                       3.0530 
_refine_hist.d_res_low                        42.2460 
_refine_hist.number_atoms_solvent             0 
_refine_hist.number_atoms_total               857 
_refine_hist.number_reflns_all                ? 
_refine_hist.number_reflns_obs                ? 
_refine_hist.number_reflns_R_free             ? 
_refine_hist.number_reflns_R_work             ? 
_refine_hist.R_factor_all                     ? 
_refine_hist.R_factor_obs                     ? 
_refine_hist.R_factor_R_free                  ? 
_refine_hist.R_factor_R_work                  ? 
_refine_hist.pdbx_number_residues_total       42 
_refine_hist.pdbx_B_iso_mean_ligand           172.95 
_refine_hist.pdbx_B_iso_mean_solvent          ? 
_refine_hist.pdbx_number_atoms_protein        0 
_refine_hist.pdbx_number_atoms_nucleic_acid   855 
_refine_hist.pdbx_number_atoms_ligand         2 
_refine_hist.pdbx_number_atoms_lipid          ? 
_refine_hist.pdbx_number_atoms_carb           ? 
_refine_hist.pdbx_pseudo_atom_details         ? 
# 
loop_
_refine_ls_restr.pdbx_refine_id 
_refine_ls_restr.criterion 
_refine_ls_restr.dev_ideal 
_refine_ls_restr.dev_ideal_target 
_refine_ls_restr.number 
_refine_ls_restr.rejects 
_refine_ls_restr.type 
_refine_ls_restr.weight 
_refine_ls_restr.pdbx_restraint_function 
'X-RAY DIFFRACTION' ? 0.006  ? 956  ? f_bond_d           ? ? 
'X-RAY DIFFRACTION' ? 0.829  ? 1467 ? f_angle_d          ? ? 
'X-RAY DIFFRACTION' ? 0.039  ? 166  ? f_chiral_restr     ? ? 
'X-RAY DIFFRACTION' ? 0.004  ? 42   ? f_plane_restr      ? ? 
'X-RAY DIFFRACTION' ? 36.475 ? 406  ? f_dihedral_angle_d ? ? 
# 
_refine_ls_shell.pdbx_refine_id                   'X-RAY DIFFRACTION' 
_refine_ls_shell.d_res_high                       3.053 
_refine_ls_shell.d_res_low                        42.246 
_refine_ls_shell.number_reflns_all                ? 
_refine_ls_shell.number_reflns_obs                ? 
_refine_ls_shell.number_reflns_R_free             161 
_refine_ls_shell.number_reflns_R_work             3093 
_refine_ls_shell.percent_reflns_obs               98.0000 
_refine_ls_shell.percent_reflns_R_free            ? 
_refine_ls_shell.R_factor_all                     ? 
_refine_ls_shell.R_factor_obs                     ? 
_refine_ls_shell.R_factor_R_free                  0.2405 
_refine_ls_shell.R_factor_R_free_error            0.0000 
_refine_ls_shell.R_factor_R_work                  0.2146 
_refine_ls_shell.redundancy_reflns_all            ? 
_refine_ls_shell.redundancy_reflns_obs            ? 
_refine_ls_shell.wR_factor_all                    ? 
_refine_ls_shell.wR_factor_obs                    ? 
_refine_ls_shell.wR_factor_R_free                 ? 
_refine_ls_shell.wR_factor_R_work                 ? 
_refine_ls_shell.pdbx_R_complete                  ? 
_refine_ls_shell.pdbx_total_number_of_bins_used   ? 
_refine_ls_shell.pdbx_phase_error                 ? 
_refine_ls_shell.pdbx_fsc_work                    ? 
_refine_ls_shell.pdbx_fsc_free                    ? 
# 
_struct.entry_id                     6XFG 
_struct.title                        
'Self-assembly of a 3D DNA crystal lattice (4x5 junction version) containing the J23 immobile Holliday junction' 
_struct.pdbx_model_details           ? 
_struct.pdbx_formula_weight          ? 
_struct.pdbx_formula_weight_method   ? 
_struct.pdbx_model_type_details      ? 
_struct.pdbx_CASP_flag               N 
# 
_struct_keywords.entry_id        6XFG 
_struct_keywords.text            
'Structural DNA nanotechnology, immobile Holliday junctions, 3D DNA self-assembly, designer DNA crystals, DNA' 
_struct_keywords.pdbx_keywords   DNA 
# 
loop_
_struct_asym.id 
_struct_asym.pdbx_blank_PDB_chainid_flag 
_struct_asym.pdbx_modified 
_struct_asym.entity_id 
_struct_asym.details 
A N N 1 ? 
B N N 2 ? 
C N N 3 ? 
D N N 4 ? 
E N N 5 ? 
F N N 5 ? 
# 
loop_
_struct_conn.id 
_struct_conn.conn_type_id 
_struct_conn.pdbx_leaving_atom_flag 
_struct_conn.pdbx_PDB_id 
_struct_conn.ptnr1_label_asym_id 
_struct_conn.ptnr1_label_comp_id 
_struct_conn.ptnr1_label_seq_id 
_struct_conn.ptnr1_label_atom_id 
_struct_conn.pdbx_ptnr1_label_alt_id 
_struct_conn.pdbx_ptnr1_PDB_ins_code 
_struct_conn.pdbx_ptnr1_standard_comp_id 
_struct_conn.ptnr1_symmetry 
_struct_conn.ptnr2_label_asym_id 
_struct_conn.ptnr2_label_comp_id 
_struct_conn.ptnr2_label_seq_id 
_struct_conn.ptnr2_label_atom_id 
_struct_conn.pdbx_ptnr2_label_alt_id 
_struct_conn.pdbx_ptnr2_PDB_ins_code 
_struct_conn.ptnr1_auth_asym_id 
_struct_conn.ptnr1_auth_comp_id 
_struct_conn.ptnr1_auth_seq_id 
_struct_conn.ptnr2_auth_asym_id 
_struct_conn.ptnr2_auth_comp_id 
_struct_conn.ptnr2_auth_seq_id 
_struct_conn.ptnr2_symmetry 
_struct_conn.pdbx_ptnr3_label_atom_id 
_struct_conn.pdbx_ptnr3_label_seq_id 
_struct_conn.pdbx_ptnr3_label_comp_id 
_struct_conn.pdbx_ptnr3_label_asym_id 
_struct_conn.pdbx_ptnr3_label_alt_id 
_struct_conn.pdbx_ptnr3_PDB_ins_code 
_struct_conn.details 
_struct_conn.pdbx_dist_value 
_struct_conn.pdbx_value_order 
_struct_conn.pdbx_role 
hydrog1  hydrog ? ? A DG 3  N1 ? ? ? 1_555 D DC 16 N3 ? ? A DG 3  D DC 16 1_555 ? ? ? ? ? ? WATSON-CRICK            ? ? ? 
hydrog2  hydrog ? ? A DG 3  N2 ? ? ? 1_555 D DC 16 O2 ? ? A DG 3  D DC 16 1_555 ? ? ? ? ? ? WATSON-CRICK            ? ? ? 
hydrog3  hydrog ? ? A DG 3  O6 ? ? ? 1_555 D DC 16 N4 ? ? A DG 3  D DC 16 1_555 ? ? ? ? ? ? WATSON-CRICK            ? ? ? 
hydrog4  hydrog ? ? A DC 4  N3 ? ? ? 1_555 D DG 15 N1 ? ? A DC 4  D DG 15 1_555 ? ? ? ? ? ? WATSON-CRICK            ? ? ? 
hydrog5  hydrog ? ? A DC 4  N4 ? ? ? 1_555 D DG 15 O6 ? ? A DC 4  D DG 15 1_555 ? ? ? ? ? ? WATSON-CRICK            ? ? ? 
hydrog6  hydrog ? ? A DC 4  O2 ? ? ? 1_555 D DG 15 N2 ? ? A DC 4  D DG 15 1_555 ? ? ? ? ? ? WATSON-CRICK            ? ? ? 
hydrog7  hydrog ? ? A DA 5  N1 ? ? ? 1_555 D DT 14 N3 ? ? A DA 5  D DT 14 1_555 ? ? ? ? ? ? WATSON-CRICK            ? ? ? 
hydrog8  hydrog ? ? A DA 5  N6 ? ? ? 1_555 D DT 14 O4 ? ? A DA 5  D DT 14 1_555 ? ? ? ? ? ? WATSON-CRICK            ? ? ? 
hydrog9  hydrog ? ? A DG 6  N1 ? ? ? 1_555 D DC 13 N3 ? ? A DG 6  D DC 13 1_555 ? ? ? ? ? ? WATSON-CRICK            ? ? ? 
hydrog10 hydrog ? ? A DG 6  N2 ? ? ? 1_555 D DC 13 O2 ? ? A DG 6  D DC 13 1_555 ? ? ? ? ? ? WATSON-CRICK            ? ? ? 
hydrog11 hydrog ? ? A DG 6  O6 ? ? ? 1_555 D DC 13 N4 ? ? A DG 6  D DC 13 1_555 ? ? ? ? ? ? WATSON-CRICK            ? ? ? 
hydrog12 hydrog ? ? A DA 7  N1 ? ? ? 1_555 D DT 12 N3 ? ? A DA 7  D DT 12 1_555 ? ? ? ? ? ? WATSON-CRICK            ? ? ? 
hydrog13 hydrog ? ? A DA 7  N6 ? ? ? 1_555 D DT 12 O4 ? ? A DA 7  D DT 12 1_555 ? ? ? ? ? ? WATSON-CRICK            ? ? ? 
hydrog14 hydrog ? ? A DC 8  N3 ? ? ? 1_555 D DG 11 N2 ? ? A DC 8  D DG 11 1_555 ? ? ? ? ? ? 'REVERSED WATSON-CRICK' ? ? ? 
hydrog15 hydrog ? ? A DC 8  O2 ? ? ? 1_555 D DG 11 N1 ? ? A DC 8  D DG 11 1_555 ? ? ? ? ? ? 'REVERSED WATSON-CRICK' ? ? ? 
hydrog16 hydrog ? ? A DC 9  N3 ? ? ? 1_555 D DG 10 N1 ? ? A DC 9  D DG 10 1_555 ? ? ? ? ? ? WATSON-CRICK            ? ? ? 
hydrog17 hydrog ? ? A DC 9  N4 ? ? ? 1_555 D DG 10 O6 ? ? A DC 9  D DG 10 1_555 ? ? ? ? ? ? WATSON-CRICK            ? ? ? 
hydrog18 hydrog ? ? A DC 9  O2 ? ? ? 1_555 D DG 10 N2 ? ? A DC 9  D DG 10 1_555 ? ? ? ? ? ? WATSON-CRICK            ? ? ? 
hydrog19 hydrog ? ? A DT 10 N3 ? ? ? 1_555 C DA 2  N1 ? ? A DT 10 C DA 2  1_555 ? ? ? ? ? ? WATSON-CRICK            ? ? ? 
hydrog20 hydrog ? ? A DT 10 O4 ? ? ? 1_555 C DA 2  N6 ? ? A DT 10 C DA 2  1_555 ? ? ? ? ? ? WATSON-CRICK            ? ? ? 
hydrog21 hydrog ? ? A DG 11 N1 ? ? ? 1_555 C DC 1  N3 ? ? A DG 11 C DC 1  1_555 ? ? ? ? ? ? WATSON-CRICK            ? ? ? 
hydrog22 hydrog ? ? A DG 11 N2 ? ? ? 1_555 C DC 1  O2 ? ? A DG 11 C DC 1  1_555 ? ? ? ? ? ? WATSON-CRICK            ? ? ? 
hydrog23 hydrog ? ? A DG 11 O6 ? ? ? 1_555 C DC 1  N4 ? ? A DG 11 C DC 1  1_555 ? ? ? ? ? ? WATSON-CRICK            ? ? ? 
hydrog24 hydrog ? ? B DA 1  N1 ? ? ? 1_555 C DT 5  N3 ? ? B DA 12 C DT 5  1_555 ? ? ? ? ? ? WATSON-CRICK            ? ? ? 
hydrog25 hydrog ? ? B DA 1  N6 ? ? ? 1_555 C DT 5  O4 ? ? B DA 12 C DT 5  1_555 ? ? ? ? ? ? WATSON-CRICK            ? ? ? 
hydrog26 hydrog ? ? B DC 2  N3 ? ? ? 1_555 C DG 4  N1 ? ? B DC 13 C DG 4  1_555 ? ? ? ? ? ? WATSON-CRICK            ? ? ? 
hydrog27 hydrog ? ? B DC 2  N4 ? ? ? 1_555 C DG 4  O6 ? ? B DC 13 C DG 4  1_555 ? ? ? ? ? ? WATSON-CRICK            ? ? ? 
hydrog28 hydrog ? ? B DC 2  O2 ? ? ? 1_555 C DG 4  N2 ? ? B DC 13 C DG 4  1_555 ? ? ? ? ? ? WATSON-CRICK            ? ? ? 
hydrog29 hydrog ? ? B DA 3  N1 ? ? ? 1_555 C DT 3  N3 ? ? B DA 14 C DT 3  1_555 ? ? ? ? ? ? WATSON-CRICK            ? ? ? 
hydrog30 hydrog ? ? B DA 3  N6 ? ? ? 1_555 C DT 3  O4 ? ? B DA 14 C DT 3  1_555 ? ? ? ? ? ? WATSON-CRICK            ? ? ? 
hydrog31 hydrog ? ? B DC 4  N3 ? ? ? 1_555 D DG 9  N1 ? ? B DC 15 D DG 9  1_555 ? ? ? ? ? ? WATSON-CRICK            ? ? ? 
hydrog32 hydrog ? ? B DC 4  N4 ? ? ? 1_555 D DG 9  O6 ? ? B DC 15 D DG 9  1_555 ? ? ? ? ? ? WATSON-CRICK            ? ? ? 
hydrog33 hydrog ? ? B DC 4  O2 ? ? ? 1_555 D DG 9  N2 ? ? B DC 15 D DG 9  1_555 ? ? ? ? ? ? WATSON-CRICK            ? ? ? 
hydrog34 hydrog ? ? B DC 5  N3 ? ? ? 1_555 D DG 8  N1 ? ? B DC 16 D DG 8  1_555 ? ? ? ? ? ? WATSON-CRICK            ? ? ? 
hydrog35 hydrog ? ? B DC 5  N4 ? ? ? 1_555 D DG 8  O6 ? ? B DC 16 D DG 8  1_555 ? ? ? ? ? ? WATSON-CRICK            ? ? ? 
hydrog36 hydrog ? ? B DC 5  O2 ? ? ? 1_555 D DG 8  N2 ? ? B DC 16 D DG 8  1_555 ? ? ? ? ? ? WATSON-CRICK            ? ? ? 
hydrog37 hydrog ? ? B DA 6  N1 ? ? ? 1_555 D DT 7  N3 ? ? B DA 17 D DT 7  1_555 ? ? ? ? ? ? WATSON-CRICK            ? ? ? 
hydrog38 hydrog ? ? B DA 6  N6 ? ? ? 1_555 D DT 7  O4 ? ? B DA 17 D DT 7  1_555 ? ? ? ? ? ? WATSON-CRICK            ? ? ? 
hydrog39 hydrog ? ? B DC 7  N3 ? ? ? 1_555 D DG 6  N1 ? ? B DC 18 D DG 6  1_555 ? ? ? ? ? ? WATSON-CRICK            ? ? ? 
hydrog40 hydrog ? ? B DC 7  N4 ? ? ? 1_555 D DG 6  O6 ? ? B DC 18 D DG 6  1_555 ? ? ? ? ? ? WATSON-CRICK            ? ? ? 
hydrog41 hydrog ? ? B DC 7  O2 ? ? ? 1_555 D DG 6  N2 ? ? B DC 18 D DG 6  1_555 ? ? ? ? ? ? WATSON-CRICK            ? ? ? 
hydrog42 hydrog ? ? B DT 8  N3 ? ? ? 1_555 D DA 5  N1 ? ? B DT 19 D DA 5  1_555 ? ? ? ? ? ? WATSON-CRICK            ? ? ? 
hydrog43 hydrog ? ? B DT 8  O4 ? ? ? 1_555 D DA 5  N6 ? ? B DT 19 D DA 5  1_555 ? ? ? ? ? ? WATSON-CRICK            ? ? ? 
hydrog44 hydrog ? ? B DC 9  N3 ? ? ? 1_555 D DG 4  N1 ? ? B DC 20 D DG 4  1_555 ? ? ? ? ? ? WATSON-CRICK            ? ? ? 
hydrog45 hydrog ? ? B DC 9  N4 ? ? ? 1_555 D DG 4  O6 ? ? B DC 20 D DG 4  1_555 ? ? ? ? ? ? WATSON-CRICK            ? ? ? 
hydrog46 hydrog ? ? B DC 9  O2 ? ? ? 1_555 D DG 4  N2 ? ? B DC 20 D DG 4  1_555 ? ? ? ? ? ? WATSON-CRICK            ? ? ? 
hydrog47 hydrog ? ? B DA 10 N1 ? ? ? 1_555 D DT 3  N3 ? ? B DA 21 D DT 3  1_555 ? ? ? ? ? ? WATSON-CRICK            ? ? ? 
hydrog48 hydrog ? ? B DA 10 N6 ? ? ? 1_555 D DT 3  O4 ? ? B DA 21 D DT 3  1_555 ? ? ? ? ? ? WATSON-CRICK            ? ? ? 
# 
_struct_conn_type.id          hydrog 
_struct_conn_type.criteria    ? 
_struct_conn_type.reference   ? 
# 
_atom_sites.entry_id                    6XFG 
_atom_sites.Cartn_transf_matrix[1][1]   ? 
_atom_sites.Cartn_transf_matrix[1][2]   ? 
_atom_sites.Cartn_transf_matrix[1][3]   ? 
_atom_sites.Cartn_transf_matrix[2][1]   ? 
_atom_sites.Cartn_transf_matrix[2][2]   ? 
_atom_sites.Cartn_transf_matrix[2][3]   ? 
_atom_sites.Cartn_transf_matrix[3][1]   ? 
_atom_sites.Cartn_transf_matrix[3][2]   ? 
_atom_sites.Cartn_transf_matrix[3][3]   ? 
_atom_sites.Cartn_transf_vector[1]      ? 
_atom_sites.Cartn_transf_vector[2]      ? 
_atom_sites.Cartn_transf_vector[3]      ? 
_atom_sites.fract_transf_matrix[1][1]   0.01496504 
_atom_sites.fract_transf_matrix[1][2]   -0.00516688 
_atom_sites.fract_transf_matrix[1][3]   0.00581788 
_atom_sites.fract_transf_matrix[2][1]   0.00972770 
_atom_sites.fract_transf_matrix[2][2]   0.01058107 
_atom_sites.fract_transf_matrix[2][3]   0.00882658 
_atom_sites.fract_transf_matrix[3][1]   -0.00722348 
_atom_sites.fract_transf_matrix[3][2]   -0.00508878 
_atom_sites.fract_transf_matrix[3][3]   0.01406123 
_atom_sites.fract_transf_vector[1]      1.805344 
_atom_sites.fract_transf_vector[2]      0.618045 
_atom_sites.fract_transf_vector[3]      2.152471 
_atom_sites.solution_primary            ? 
_atom_sites.solution_secondary          ? 
_atom_sites.solution_hydrogens          ? 
_atom_sites.special_details             ? 
# 
loop_
_atom_type.symbol 
AS 
C  
N  
O  
P  
# 
loop_
_atom_site.group_PDB 
_atom_site.id 
_atom_site.type_symbol 
_atom_site.label_atom_id 
_atom_site.label_alt_id 
_atom_site.label_comp_id 
_atom_site.label_asym_id 
_atom_site.label_entity_id 
_atom_site.label_seq_id 
_atom_site.pdbx_PDB_ins_code 
_atom_site.Cartn_x 
_atom_site.Cartn_y 
_atom_site.Cartn_z 
_atom_site.occupancy 
_atom_site.B_iso_or_equiv 
_atom_site.pdbx_formal_charge 
_atom_site.auth_seq_id 
_atom_site.auth_comp_id 
_atom_site.auth_asym_id 
_atom_site.auth_atom_id 
_atom_site.pdbx_PDB_model_num 
ATOM   1   O  "O5'" . DG  A 1 1  ? -14.083 15.576  13.517  1.00 130.21 ? 1   DG  A "O5'" 1 
ATOM   2   C  "C5'" . DG  A 1 1  ? -14.082 16.682  14.430  1.00 127.25 ? 1   DG  A "C5'" 1 
ATOM   3   C  "C4'" . DG  A 1 1  ? -12.965 17.650  14.098  1.00 113.59 ? 1   DG  A "C4'" 1 
ATOM   4   O  "O4'" . DG  A 1 1  ? -12.283 18.023  15.311  1.00 101.34 ? 1   DG  A "O4'" 1 
ATOM   5   C  "C3'" . DG  A 1 1  ? -11.886 17.075  13.204  1.00 119.82 ? 1   DG  A "C3'" 1 
ATOM   6   O  "O3'" . DG  A 1 1  ? -12.246 17.265  11.842  1.00 131.54 ? 1   DG  A "O3'" 1 
ATOM   7   C  "C2'" . DG  A 1 1  ? -10.657 17.901  13.574  1.00 103.95 ? 1   DG  A "C2'" 1 
ATOM   8   C  "C1'" . DG  A 1 1  ? -10.917 18.279  15.033  1.00 109.57 ? 1   DG  A "C1'" 1 
ATOM   9   N  N9    . DG  A 1 1  ? -10.099 17.547  15.999  1.00 99.44  ? 1   DG  A N9    1 
ATOM   10  C  C8    . DG  A 1 1  ? -10.537 16.964  17.160  1.00 97.05  ? 1   DG  A C8    1 
ATOM   11  N  N7    . DG  A 1 1  ? -9.591  16.388  17.844  1.00 94.97  ? 1   DG  A N7    1 
ATOM   12  C  C5    . DG  A 1 1  ? -8.446  16.602  17.093  1.00 90.53  ? 1   DG  A C5    1 
ATOM   13  C  C6    . DG  A 1 1  ? -7.114  16.203  17.340  1.00 94.05  ? 1   DG  A C6    1 
ATOM   14  O  O6    . DG  A 1 1  ? -6.675  15.560  18.301  1.00 89.90  ? 1   DG  A O6    1 
ATOM   15  N  N1    . DG  A 1 1  ? -6.251  16.622  16.329  1.00 97.22  ? 1   DG  A N1    1 
ATOM   16  C  C2    . DG  A 1 1  ? -6.636  17.338  15.221  1.00 101.32 ? 1   DG  A C2    1 
ATOM   17  N  N2    . DG  A 1 1  ? -5.664  17.653  14.352  1.00 103.56 ? 1   DG  A N2    1 
ATOM   18  N  N3    . DG  A 1 1  ? -7.885  17.722  14.978  1.00 100.15 ? 1   DG  A N3    1 
ATOM   19  C  C4    . DG  A 1 1  ? -8.737  17.317  15.953  1.00 92.81  ? 1   DG  A C4    1 
ATOM   20  P  P     . DA  A 1 2  ? -12.114 16.057  10.792  1.00 141.91 ? 2   DA  A P     1 
ATOM   21  O  OP1   . DA  A 1 2  ? -13.397 15.988  10.050  1.00 134.14 ? 2   DA  A OP1   1 
ATOM   22  O  OP2   . DA  A 1 2  ? -11.606 14.867  11.517  1.00 130.01 ? 2   DA  A OP2   1 
ATOM   23  O  "O5'" . DA  A 1 2  ? -10.964 16.543  9.796   1.00 121.19 ? 2   DA  A "O5'" 1 
ATOM   24  C  "C5'" . DA  A 1 2  ? -10.141 17.648  10.144  1.00 120.76 ? 2   DA  A "C5'" 1 
ATOM   25  C  "C4'" . DA  A 1 2  ? -8.679  17.266  10.065  1.00 122.77 ? 2   DA  A "C4'" 1 
ATOM   26  O  "O4'" . DA  A 1 2  ? -8.195  16.901  11.385  1.00 123.69 ? 2   DA  A "O4'" 1 
ATOM   27  C  "C3'" . DA  A 1 2  ? -8.385  16.075  9.159   1.00 119.86 ? 2   DA  A "C3'" 1 
ATOM   28  O  "O3'" . DA  A 1 2  ? -7.192  16.314  8.438   1.00 125.93 ? 2   DA  A "O3'" 1 
ATOM   29  C  "C2'" . DA  A 1 2  ? -8.229  14.918  10.144  1.00 118.46 ? 2   DA  A "C2'" 1 
ATOM   30  C  "C1'" . DA  A 1 2  ? -7.609  15.617  11.342  1.00 116.08 ? 2   DA  A "C1'" 1 
ATOM   31  N  N9    . DA  A 1 2  ? -7.882  14.952  12.610  1.00 106.39 ? 2   DA  A N9    1 
ATOM   32  C  C8    . DA  A 1 2  ? -9.103  14.760  13.190  1.00 104.89 ? 2   DA  A C8    1 
ATOM   33  N  N7    . DA  A 1 2  ? -9.048  14.134  14.342  1.00 106.53 ? 2   DA  A N7    1 
ATOM   34  C  C5    . DA  A 1 2  ? -7.695  13.900  14.532  1.00 103.51 ? 2   DA  A C5    1 
ATOM   35  C  C6    . DA  A 1 2  ? -6.975  13.273  15.570  1.00 99.57  ? 2   DA  A C6    1 
ATOM   36  N  N6    . DA  A 1 2  ? -7.557  12.747  16.651  1.00 100.67 ? 2   DA  A N6    1 
ATOM   37  N  N1    . DA  A 1 2  ? -5.631  13.208  15.451  1.00 90.60  ? 2   DA  A N1    1 
ATOM   38  C  C2    . DA  A 1 2  ? -5.057  13.738  14.371  1.00 98.12  ? 2   DA  A C2    1 
ATOM   39  N  N3    . DA  A 1 2  ? -5.628  14.348  13.331  1.00 111.69 ? 2   DA  A N3    1 
ATOM   40  C  C4    . DA  A 1 2  ? -6.962  14.399  13.476  1.00 105.82 ? 2   DA  A C4    1 
ATOM   41  P  P     . DG  A 1 3  ? -6.611  15.199  7.441   1.00 132.68 ? 3   DG  A P     1 
ATOM   42  O  OP1   . DG  A 1 3  ? -5.890  15.887  6.343   1.00 126.77 ? 3   DG  A OP1   1 
ATOM   43  O  OP2   . DG  A 1 3  ? -7.704  14.247  7.138   1.00 130.56 ? 3   DG  A OP2   1 
ATOM   44  O  "O5'" . DG  A 1 3  ? -5.526  14.448  8.322   1.00 103.43 ? 3   DG  A "O5'" 1 
ATOM   45  C  "C5'" . DG  A 1 3  ? -4.265  15.033  8.515   1.00 103.56 ? 3   DG  A "C5'" 1 
ATOM   46  C  "C4'" . DG  A 1 3  ? -3.305  14.017  9.087   1.00 112.34 ? 3   DG  A "C4'" 1 
ATOM   47  O  "O4'" . DG  A 1 3  ? -3.794  13.577  10.388  1.00 120.50 ? 3   DG  A "O4'" 1 
ATOM   48  C  "C3'" . DG  A 1 3  ? -3.143  12.750  8.248   1.00 108.87 ? 3   DG  A "C3'" 1 
ATOM   49  O  "O3'" . DG  A 1 3  ? -1.795  12.296  8.319   1.00 111.94 ? 3   DG  A "O3'" 1 
ATOM   50  C  "C2'" . DG  A 1 3  ? -4.097  11.774  8.936   1.00 120.58 ? 3   DG  A "C2'" 1 
ATOM   51  C  "C1'" . DG  A 1 3  ? -3.902  12.170  10.393  1.00 121.01 ? 3   DG  A "C1'" 1 
ATOM   52  N  N9    . DG  A 1 3  ? -5.006  11.776  11.275  1.00 108.77 ? 3   DG  A N9    1 
ATOM   53  C  C8    . DG  A 1 3  ? -6.352  11.979  11.071  1.00 112.76 ? 3   DG  A C8    1 
ATOM   54  N  N7    . DG  A 1 3  ? -7.102  11.514  12.035  1.00 103.37 ? 3   DG  A N7    1 
ATOM   55  C  C5    . DG  A 1 3  ? -6.193  10.969  12.934  1.00 106.92 ? 3   DG  A C5    1 
ATOM   56  C  C6    . DG  A 1 3  ? -6.412  10.324  14.172  1.00 107.42 ? 3   DG  A C6    1 
ATOM   57  O  O6    . DG  A 1 3  ? -7.490  10.096  14.738  1.00 107.35 ? 3   DG  A O6    1 
ATOM   58  N  N1    . DG  A 1 3  ? -5.214  9.924   14.763  1.00 100.98 ? 3   DG  A N1    1 
ATOM   59  C  C2    . DG  A 1 3  ? -3.965  10.125  14.224  1.00 105.75 ? 3   DG  A C2    1 
ATOM   60  N  N2    . DG  A 1 3  ? -2.925  9.669   14.938  1.00 105.92 ? 3   DG  A N2    1 
ATOM   61  N  N3    . DG  A 1 3  ? -3.748  10.730  13.067  1.00 103.63 ? 3   DG  A N3    1 
ATOM   62  C  C4    . DG  A 1 3  ? -4.901  11.124  12.479  1.00 102.11 ? 3   DG  A C4    1 
ATOM   63  P  P     . DC  A 1 4  ? -1.275  11.121  7.352   1.00 127.56 ? 4   DC  A P     1 
ATOM   64  O  OP1   . DC  A 1 4  ? -1.390  11.622  5.963   1.00 131.85 ? 4   DC  A OP1   1 
ATOM   65  O  OP2   . DC  A 1 4  ? -1.948  9.865   7.748   1.00 120.96 ? 4   DC  A OP2   1 
ATOM   66  O  "O5'" . DC  A 1 4  ? 0.274   10.957  7.733   1.00 115.98 ? 4   DC  A "O5'" 1 
ATOM   67  C  "C5'" . DC  A 1 4  ? 0.699   11.124  9.081   1.00 113.09 ? 4   DC  A "C5'" 1 
ATOM   68  C  "C4'" . DC  A 1 4  ? 0.702   9.800   9.831   1.00 110.12 ? 4   DC  A "C4'" 1 
ATOM   69  O  "O4'" . DC  A 1 4  ? -0.492  9.677   10.632  1.00 116.21 ? 4   DC  A "O4'" 1 
ATOM   70  C  "C3'" . DC  A 1 4  ? 0.747   8.543   8.959   1.00 106.62 ? 4   DC  A "C3'" 1 
ATOM   71  O  "O3'" . DC  A 1 4  ? 2.000   7.905   9.122   1.00 114.77 ? 4   DC  A "O3'" 1 
ATOM   72  C  "C2'" . DC  A 1 4  ? -0.412  7.671   9.482   1.00 111.37 ? 4   DC  A "C2'" 1 
ATOM   73  C  "C1'" . DC  A 1 4  ? -0.749  8.312   10.817  1.00 109.01 ? 4   DC  A "C1'" 1 
ATOM   74  N  N1    . DC  A 1 4  ? -2.192  8.132   11.218  1.00 111.00 ? 4   DC  A N1    1 
ATOM   75  C  C2    . DC  A 1 4  ? -2.516  7.500   12.430  1.00 108.22 ? 4   DC  A C2    1 
ATOM   76  O  O2    . DC  A 1 4  ? -1.606  7.102   13.171  1.00 111.69 ? 4   DC  A O2    1 
ATOM   77  N  N3    . DC  A 1 4  ? -3.827  7.348   12.760  1.00 100.83 ? 4   DC  A N3    1 
ATOM   78  C  C4    . DC  A 1 4  ? -4.781  7.794   11.939  1.00 102.08 ? 4   DC  A C4    1 
ATOM   79  N  N4    . DC  A 1 4  ? -6.054  7.622   12.301  1.00 95.53  ? 4   DC  A N4    1 
ATOM   80  C  C5    . DC  A 1 4  ? -4.471  8.430   10.705  1.00 110.79 ? 4   DC  A C5    1 
ATOM   81  C  C6    . DC  A 1 4  ? -3.179  8.574   10.387  1.00 114.75 ? 4   DC  A C6    1 
ATOM   82  P  P     . DA  A 1 5  ? 2.198   6.361   8.715   1.00 130.00 ? 5   DA  A P     1 
ATOM   83  O  OP1   . DA  A 1 5  ? 3.653   6.127   8.546   1.00 122.18 ? 5   DA  A OP1   1 
ATOM   84  O  OP2   . DA  A 1 5  ? 1.265   6.031   7.613   1.00 115.56 ? 5   DA  A OP2   1 
ATOM   85  O  "O5'" . DA  A 1 5  ? 1.736   5.566   10.015  1.00 102.54 ? 5   DA  A "O5'" 1 
ATOM   86  C  "C5'" . DA  A 1 5  ? 2.637   5.398   11.088  1.00 107.98 ? 5   DA  A "C5'" 1 
ATOM   87  C  "C4'" . DA  A 1 5  ? 2.466   4.033   11.720  1.00 117.28 ? 5   DA  A "C4'" 1 
ATOM   88  O  "O4'" . DA  A 1 5  ? 1.089   3.862   12.131  1.00 115.68 ? 5   DA  A "O4'" 1 
ATOM   89  C  "C3'" . DA  A 1 5  ? 2.766   2.852   10.811  1.00 117.17 ? 5   DA  A "C3'" 1 
ATOM   90  O  "O3'" . DA  A 1 5  ? 3.212   1.765   11.594  1.00 118.91 ? 5   DA  A "O3'" 1 
ATOM   91  C  "C2'" . DA  A 1 5  ? 1.408   2.565   10.181  1.00 113.17 ? 5   DA  A "C2'" 1 
ATOM   92  C  "C1'" . DA  A 1 5  ? 0.451   2.893   11.320  1.00 109.37 ? 5   DA  A "C1'" 1 
ATOM   93  N  N9    . DA  A 1 5  ? -0.812  3.457   10.863  1.00 106.86 ? 5   DA  A N9    1 
ATOM   94  C  C8    . DA  A 1 5  ? -1.028  4.206   9.738   1.00 110.29 ? 5   DA  A C8    1 
ATOM   95  N  N7    . DA  A 1 5  ? -2.274  4.589   9.588   1.00 104.11 ? 5   DA  A N7    1 
ATOM   96  C  C5    . DA  A 1 5  ? -2.916  4.058   10.694  1.00 103.83 ? 5   DA  A C5    1 
ATOM   97  C  C6    . DA  A 1 5  ? -4.254  4.104   11.130  1.00 103.60 ? 5   DA  A C6    1 
ATOM   98  N  N6    . DA  A 1 5  ? -5.226  4.737   10.468  1.00 109.28 ? 5   DA  A N6    1 
ATOM   99  N  N1    . DA  A 1 5  ? -4.558  3.469   12.276  1.00 102.09 ? 5   DA  A N1    1 
ATOM   100 C  C2    . DA  A 1 5  ? -3.586  2.837   12.942  1.00 107.15 ? 5   DA  A C2    1 
ATOM   101 N  N3    . DA  A 1 5  ? -2.298  2.722   12.633  1.00 109.70 ? 5   DA  A N3    1 
ATOM   102 C  C4    . DA  A 1 5  ? -2.027  3.361   11.488  1.00 105.93 ? 5   DA  A C4    1 
ATOM   103 P  P     . DG  A 1 6  ? 3.628   0.373   10.912  1.00 140.34 ? 6   DG  A P     1 
ATOM   104 O  OP1   . DG  A 1 6  ? 4.990   0.054   11.396  1.00 138.99 ? 6   DG  A OP1   1 
ATOM   105 O  OP2   . DG  A 1 6  ? 3.331   0.389   9.461   1.00 124.76 ? 6   DG  A OP2   1 
ATOM   106 O  "O5'" . DG  A 1 6  ? 2.613   -0.657  11.561  1.00 124.64 ? 6   DG  A "O5'" 1 
ATOM   107 C  "C5'" . DG  A 1 6  ? 2.316   -0.561  12.931  1.00 120.37 ? 6   DG  A "C5'" 1 
ATOM   108 C  "C4'" . DG  A 1 6  ? 0.962   -1.162  13.203  1.00 115.39 ? 6   DG  A "C4'" 1 
ATOM   109 O  "O4'" . DG  A 1 6  ? -0.047  -0.344  12.596  1.00 114.93 ? 6   DG  A "O4'" 1 
ATOM   110 C  "C3'" . DG  A 1 6  ? 0.766   -2.563  12.629  1.00 108.63 ? 6   DG  A "C3'" 1 
ATOM   111 O  "O3'" . DG  A 1 6  ? 0.664   -3.482  13.690  1.00 111.37 ? 6   DG  A "O3'" 1 
ATOM   112 C  "C2'" . DG  A 1 6  ? -0.538  -2.473  11.808  1.00 112.99 ? 6   DG  A "C2'" 1 
ATOM   113 C  "C1'" . DG  A 1 6  ? -1.135  -1.157  12.270  1.00 109.22 ? 6   DG  A "C1'" 1 
ATOM   114 N  N9    . DG  A 1 6  ? -1.919  -0.459  11.265  1.00 96.33  ? 6   DG  A N9    1 
ATOM   115 C  C8    . DG  A 1 6  ? -1.485  0.015   10.055  1.00 97.49  ? 6   DG  A C8    1 
ATOM   116 N  N7    . DG  A 1 6  ? -2.413  0.634   9.378   1.00 101.66 ? 6   DG  A N7    1 
ATOM   117 C  C5    . DG  A 1 6  ? -3.529  0.577   10.203  1.00 103.52 ? 6   DG  A C5    1 
ATOM   118 C  C6    . DG  A 1 6  ? -4.840  1.081   10.005  1.00 99.30  ? 6   DG  A C6    1 
ATOM   119 O  O6    . DG  A 1 6  ? -5.291  1.698   9.029   1.00 97.23  ? 6   DG  A O6    1 
ATOM   120 N  N1    . DG  A 1 6  ? -5.663  0.806   11.092  1.00 97.41  ? 6   DG  A N1    1 
ATOM   121 C  C2    . DG  A 1 6  ? -5.269  0.130   12.224  1.00 103.84 ? 6   DG  A C2    1 
ATOM   122 N  N2    . DG  A 1 6  ? -6.203  -0.043  13.170  1.00 107.91 ? 6   DG  A N2    1 
ATOM   123 N  N3    . DG  A 1 6  ? -4.048  -0.346  12.418  1.00 104.18 ? 6   DG  A N3    1 
ATOM   124 C  C4    . DG  A 1 6  ? -3.235  -0.087  11.370  1.00 102.29 ? 6   DG  A C4    1 
ATOM   125 P  P     . DA  A 1 7  ? 0.389   -5.037  13.406  1.00 145.98 ? 7   DA  A P     1 
ATOM   126 O  OP1   . DA  A 1 7  ? 1.047   -5.784  14.501  1.00 150.38 ? 7   DA  A OP1   1 
ATOM   127 O  OP2   . DA  A 1 7  ? 0.733   -5.345  11.997  1.00 130.63 ? 7   DA  A OP2   1 
ATOM   128 O  "O5'" . DA  A 1 7  ? -1.188  -5.161  13.606  1.00 130.81 ? 7   DA  A "O5'" 1 
ATOM   129 C  "C5'" . DA  A 1 7  ? -1.789  -4.552  14.741  1.00 129.35 ? 7   DA  A "C5'" 1 
ATOM   130 C  "C4'" . DA  A 1 7  ? -3.290  -4.455  14.573  1.00 127.89 ? 7   DA  A "C4'" 1 
ATOM   131 O  "O4'" . DA  A 1 7  ? -3.601  -3.485  13.548  1.00 123.19 ? 7   DA  A "O4'" 1 
ATOM   132 C  "C3'" . DA  A 1 7  ? -3.969  -5.762  14.149  1.00 123.93 ? 7   DA  A "C3'" 1 
ATOM   133 O  "O3'" . DA  A 1 7  ? -4.870  -6.198  15.155  1.00 128.82 ? 7   DA  A "O3'" 1 
ATOM   134 C  "C2'" . DA  A 1 7  ? -4.700  -5.416  12.847  1.00 119.83 ? 7   DA  A "C2'" 1 
ATOM   135 C  "C1'" . DA  A 1 7  ? -4.763  -3.897  12.879  1.00 120.90 ? 7   DA  A "C1'" 1 
ATOM   136 N  N9    . DA  A 1 7  ? -4.762  -3.304  11.548  1.00 109.20 ? 7   DA  A N9    1 
ATOM   137 C  C8    . DA  A 1 7  ? -3.727  -3.285  10.663  1.00 109.24 ? 7   DA  A C8    1 
ATOM   138 N  N7    . DA  A 1 7  ? -4.011  -2.690  9.531   1.00 109.18 ? 7   DA  A N7    1 
ATOM   139 C  C5    . DA  A 1 7  ? -5.328  -2.296  9.681   1.00 101.19 ? 7   DA  A C5    1 
ATOM   140 C  C6    . DA  A 1 7  ? -6.214  -1.612  8.828   1.00 95.52  ? 7   DA  A C6    1 
ATOM   141 N  N6    . DA  A 1 7  ? -5.880  -1.192  7.607   1.00 84.85  ? 7   DA  A N6    1 
ATOM   142 N  N1    . DA  A 1 7  ? -7.459  -1.370  9.284   1.00 96.62  ? 7   DA  A N1    1 
ATOM   143 C  C2    . DA  A 1 7  ? -7.786  -1.794  10.511  1.00 100.37 ? 7   DA  A C2    1 
ATOM   144 N  N3    . DA  A 1 7  ? -7.038  -2.446  11.403  1.00 103.91 ? 7   DA  A N3    1 
ATOM   145 C  C4    . DA  A 1 7  ? -5.809  -2.672  10.918  1.00 102.19 ? 7   DA  A C4    1 
ATOM   146 P  P     . DC  A 1 8  ? -5.497  -7.675  15.087  1.00 142.24 ? 8   DC  A P     1 
ATOM   147 O  OP1   . DC  A 1 8  ? -5.900  -8.064  16.456  1.00 145.53 ? 8   DC  A OP1   1 
ATOM   148 O  OP2   . DC  A 1 8  ? -4.578  -8.527  14.294  1.00 126.30 ? 8   DC  A OP2   1 
ATOM   149 O  "O5'" . DC  A 1 8  ? -6.825  -7.482  14.231  1.00 125.38 ? 8   DC  A "O5'" 1 
ATOM   150 C  "C5'" . DC  A 1 8  ? -7.689  -6.409  14.513  1.00 116.09 ? 8   DC  A "C5'" 1 
ATOM   151 C  "C4'" . DC  A 1 8  ? -8.608  -6.172  13.340  1.00 118.92 ? 8   DC  A "C4'" 1 
ATOM   152 O  "O4'" . DC  A 1 8  ? -7.899  -5.472  12.299  1.00 123.15 ? 8   DC  A "O4'" 1 
ATOM   153 C  "C3'" . DC  A 1 8  ? -9.124  -7.448  12.676  1.00 118.35 ? 8   DC  A "C3'" 1 
ATOM   154 O  "O3'" . DC  A 1 8  ? -10.456 -7.701  13.081  1.00 123.75 ? 8   DC  A "O3'" 1 
ATOM   155 C  "C2'" . DC  A 1 8  ? -9.038  -7.159  11.166  1.00 120.73 ? 8   DC  A "C2'" 1 
ATOM   156 C  "C1'" . DC  A 1 8  ? -8.594  -5.702  11.105  1.00 113.49 ? 8   DC  A "C1'" 1 
ATOM   157 N  N1    . DC  A 1 8  ? -7.710  -5.418  9.948   1.00 99.92  ? 8   DC  A N1    1 
ATOM   158 C  C2    . DC  A 1 8  ? -8.191  -4.635  8.899   1.00 96.14  ? 8   DC  A C2    1 
ATOM   159 O  O2    . DC  A 1 8  ? -9.333  -4.176  8.970   1.00 90.19  ? 8   DC  A O2    1 
ATOM   160 N  N3    . DC  A 1 8  ? -7.389  -4.396  7.835   1.00 96.38  ? 8   DC  A N3    1 
ATOM   161 C  C4    . DC  A 1 8  ? -6.165  -4.912  7.798   1.00 100.92 ? 8   DC  A C4    1 
ATOM   162 N  N4    . DC  A 1 8  ? -5.407  -4.648  6.730   1.00 107.71 ? 8   DC  A N4    1 
ATOM   163 C  C5    . DC  A 1 8  ? -5.658  -5.722  8.858   1.00 106.45 ? 8   DC  A C5    1 
ATOM   164 C  C6    . DC  A 1 8  ? -6.461  -5.952  9.900   1.00 102.43 ? 8   DC  A C6    1 
ATOM   165 P  P     . DC  A 1 9  ? -11.291 -8.897  12.406  1.00 137.62 ? 9   DC  A P     1 
ATOM   166 O  OP1   . DC  A 1 9  ? -12.370 -9.269  13.351  1.00 125.15 ? 9   DC  A OP1   1 
ATOM   167 O  OP2   . DC  A 1 9  ? -10.324 -9.922  11.933  1.00 116.64 ? 9   DC  A OP2   1 
ATOM   168 O  "O5'" . DC  A 1 9  ? -11.966 -8.209  11.133  1.00 97.36  ? 9   DC  A "O5'" 1 
ATOM   169 C  "C5'" . DC  A 1 9  ? -12.746 -7.049  11.293  1.00 90.04  ? 9   DC  A "C5'" 1 
ATOM   170 C  "C4'" . DC  A 1 9  ? -13.311 -6.615  9.961   1.00 98.02  ? 9   DC  A "C4'" 1 
ATOM   171 O  "O4'" . DC  A 1 9  ? -12.233 -6.144  9.100   1.00 103.72 ? 9   DC  A "O4'" 1 
ATOM   172 C  "C3'" . DC  A 1 9  ? -14.015 -7.723  9.173   1.00 98.87  ? 9   DC  A "C3'" 1 
ATOM   173 O  "O3'" . DC  A 1 9  ? -15.178 -7.199  8.553   1.00 102.99 ? 9   DC  A "O3'" 1 
ATOM   174 C  "C2'" . DC  A 1 9  ? -12.966 -8.107  8.132   1.00 102.57 ? 9   DC  A "C2'" 1 
ATOM   175 C  "C1'" . DC  A 1 9  ? -12.385 -6.741  7.833   1.00 100.71 ? 9   DC  A "C1'" 1 
ATOM   176 N  N1    . DC  A 1 9  ? -11.061 -6.767  7.113   1.00 92.46  ? 9   DC  A N1    1 
ATOM   177 C  C2    . DC  A 1 9  ? -10.993 -6.334  5.780   1.00 88.23  ? 9   DC  A C2    1 
ATOM   178 O  O2    . DC  A 1 9  ? -12.022 -5.933  5.221   1.00 93.90  ? 9   DC  A O2    1 
ATOM   179 N  N3    . DC  A 1 9  ? -9.798  -6.365  5.140   1.00 80.16  ? 9   DC  A N3    1 
ATOM   180 C  C4    . DC  A 1 9  ? -8.713  -6.807  5.780   1.00 89.76  ? 9   DC  A C4    1 
ATOM   181 N  N4    . DC  A 1 9  ? -7.557  -6.815  5.114   1.00 90.14  ? 9   DC  A N4    1 
ATOM   182 C  C5    . DC  A 1 9  ? -8.764  -7.255  7.132   1.00 93.63  ? 9   DC  A C5    1 
ATOM   183 C  C6    . DC  A 1 9  ? -9.945  -7.218  7.754   1.00 91.97  ? 9   DC  A C6    1 
ATOM   184 P  P     . DT  A 1 10 ? -16.064 -8.126  7.584   1.00 103.77 ? 10  DT  A P     1 
ATOM   185 O  OP1   . DT  A 1 10 ? -17.395 -7.500  7.426   1.00 91.38  ? 10  DT  A OP1   1 
ATOM   186 O  OP2   . DT  A 1 10 ? -15.927 -9.507  8.102   1.00 106.08 ? 10  DT  A OP2   1 
ATOM   187 O  "O5'" . DT  A 1 10 ? -15.311 -8.054  6.172   1.00 100.61 ? 10  DT  A "O5'" 1 
ATOM   188 C  "C5'" . DT  A 1 10 ? -15.123 -6.801  5.522   1.00 97.87  ? 10  DT  A "C5'" 1 
ATOM   189 C  "C4'" . DT  A 1 10 ? -15.952 -6.723  4.258   1.00 98.26  ? 10  DT  A "C4'" 1 
ATOM   190 O  "O4'" . DT  A 1 10 ? -15.083 -6.574  3.114   1.00 99.73  ? 10  DT  A "O4'" 1 
ATOM   191 C  "C3'" . DT  A 1 10 ? -16.766 -7.960  3.961   1.00 104.41 ? 10  DT  A "C3'" 1 
ATOM   192 O  "O3'" . DT  A 1 10 ? -17.863 -7.619  3.134   1.00 113.10 ? 10  DT  A "O3'" 1 
ATOM   193 C  "C2'" . DT  A 1 10 ? -15.757 -8.851  3.234   1.00 106.30 ? 10  DT  A "C2'" 1 
ATOM   194 C  "C1'" . DT  A 1 10 ? -14.888 -7.832  2.492   1.00 98.96  ? 10  DT  A "C1'" 1 
ATOM   195 N  N1    . DT  A 1 10 ? -13.435 -8.153  2.527   1.00 89.03  ? 10  DT  A N1    1 
ATOM   196 C  C2    . DT  A 1 10 ? -12.659 -7.836  1.440   1.00 88.68  ? 10  DT  A C2    1 
ATOM   197 O  O2    . DT  A 1 10 ? -13.102 -7.300  0.437   1.00 93.79  ? 10  DT  A O2    1 
ATOM   198 N  N3    . DT  A 1 10 ? -11.339 -8.167  1.565   1.00 79.32  ? 10  DT  A N3    1 
ATOM   199 C  C4    . DT  A 1 10 ? -10.731 -8.771  2.648   1.00 79.65  ? 10  DT  A C4    1 
ATOM   200 O  O4    . DT  A 1 10 ? -9.532  -9.028  2.669   1.00 86.16  ? 10  DT  A O4    1 
ATOM   201 C  C5    . DT  A 1 10 ? -11.600 -9.074  3.753   1.00 76.48  ? 10  DT  A C5    1 
ATOM   202 C  C7    . DT  A 1 10 ? -11.046 -9.724  4.982   1.00 81.94  ? 10  DT  A C7    1 
ATOM   203 C  C6    . DT  A 1 10 ? -12.895 -8.756  3.643   1.00 76.92  ? 10  DT  A C6    1 
ATOM   204 P  P     . DG  A 1 11 ? -18.880 -8.757  2.640   1.00 136.64 ? 11  DG  A P     1 
ATOM   205 O  OP1   . DG  A 1 11 ? -20.171 -8.106  2.322   1.00 121.71 ? 11  DG  A OP1   1 
ATOM   206 O  OP2   . DG  A 1 11 ? -18.842 -9.861  3.626   1.00 117.79 ? 11  DG  A OP2   1 
ATOM   207 O  "O5'" . DG  A 1 11 ? -18.201 -9.295  1.305   1.00 104.57 ? 11  DG  A "O5'" 1 
ATOM   208 C  "C5'" . DG  A 1 11 ? -17.677 -8.370  0.365   1.00 122.57 ? 11  DG  A "C5'" 1 
ATOM   209 C  "C4'" . DG  A 1 11 ? -18.076 -8.795  -1.017  1.00 125.66 ? 11  DG  A "C4'" 1 
ATOM   210 O  "O4'" . DG  A 1 11 ? -16.901 -9.089  -1.798  1.00 120.41 ? 11  DG  A "O4'" 1 
ATOM   211 C  "C3'" . DG  A 1 11 ? -18.928 -10.050 -1.018  1.00 119.52 ? 11  DG  A "C3'" 1 
ATOM   212 O  "O3'" . DG  A 1 11 ? -20.066 -9.859  -1.836  1.00 126.48 ? 11  DG  A "O3'" 1 
ATOM   213 C  "C2'" . DG  A 1 11 ? -17.999 -11.165 -1.533  1.00 113.10 ? 11  DG  A "C2'" 1 
ATOM   214 C  "C1'" . DG  A 1 11 ? -16.660 -10.469 -1.791  1.00 106.51 ? 11  DG  A "C1'" 1 
ATOM   215 N  N9    . DG  A 1 11 ? -15.646 -10.766 -0.784  1.00 98.80  ? 11  DG  A N9    1 
ATOM   216 C  C8    . DG  A 1 11 ? -15.869 -11.197 0.500   1.00 101.54 ? 11  DG  A C8    1 
ATOM   217 N  N7    . DG  A 1 11 ? -14.777 -11.394 1.181   1.00 86.88  ? 11  DG  A N7    1 
ATOM   218 C  C5    . DG  A 1 11 ? -13.761 -11.085 0.290   1.00 79.12  ? 11  DG  A C5    1 
ATOM   219 C  C6    . DG  A 1 11 ? -12.358 -11.112 0.468   1.00 85.60  ? 11  DG  A C6    1 
ATOM   220 O  O6    . DG  A 1 11 ? -11.712 -11.426 1.485   1.00 91.75  ? 11  DG  A O6    1 
ATOM   221 N  N1    . DG  A 1 11 ? -11.687 -10.725 -0.690  1.00 72.17  ? 11  DG  A N1    1 
ATOM   222 C  C2    . DG  A 1 11 ? -12.287 -10.354 -1.864  1.00 78.18  ? 11  DG  A C2    1 
ATOM   223 N  N2    . DG  A 1 11 ? -11.459 -10.010 -2.860  1.00 74.55  ? 11  DG  A N2    1 
ATOM   224 N  N3    . DG  A 1 11 ? -13.605 -10.321 -2.049  1.00 85.69  ? 11  DG  A N3    1 
ATOM   225 C  C4    . DG  A 1 11 ? -14.276 -10.700 -0.929  1.00 86.14  ? 11  DG  A C4    1 
ATOM   226 P  P     . DA  B 2 1  ? -1.856  -14.169 -19.632 1.00 136.11 ? 12  DA  B P     1 
ATOM   227 O  OP1   . DA  B 2 1  ? -2.400  -15.125 -20.625 1.00 128.35 ? 12  DA  B OP1   1 
ATOM   228 O  OP2   . DA  B 2 1  ? -2.363  -14.161 -18.238 1.00 121.81 ? 12  DA  B OP2   1 
ATOM   229 O  "O5'" . DA  B 2 1  ? -1.993  -12.686 -20.209 1.00 119.52 ? 12  DA  B "O5'" 1 
ATOM   230 C  "C5'" . DA  B 2 1  ? -2.077  -12.467 -21.606 1.00 112.43 ? 12  DA  B "C5'" 1 
ATOM   231 C  "C4'" . DA  B 2 1  ? -1.396  -11.161 -21.982 1.00 109.23 ? 12  DA  B "C4'" 1 
ATOM   232 O  "O4'" . DA  B 2 1  ? -2.230  -10.044 -21.579 1.00 106.28 ? 12  DA  B "O4'" 1 
ATOM   233 C  "C3'" . DA  B 2 1  ? -0.040  -10.921 -21.321 1.00 100.30 ? 12  DA  B "C3'" 1 
ATOM   234 O  "O3'" . DA  B 2 1  ? 0.810   -10.211 -22.206 1.00 108.20 ? 12  DA  B "O3'" 1 
ATOM   235 C  "C2'" . DA  B 2 1  ? -0.408  -10.070 -20.114 1.00 100.01 ? 12  DA  B "C2'" 1 
ATOM   236 C  "C1'" . DA  B 2 1  ? -1.508  -9.207  -20.704 1.00 92.23  ? 12  DA  B "C1'" 1 
ATOM   237 N  N9    . DA  B 2 1  ? -2.432  -8.679  -19.716 1.00 84.88  ? 12  DA  B N9    1 
ATOM   238 C  C8    . DA  B 2 1  ? -2.957  -9.334  -18.639 1.00 89.60  ? 12  DA  B C8    1 
ATOM   239 N  N7    . DA  B 2 1  ? -3.773  -8.595  -17.921 1.00 90.80  ? 12  DA  B N7    1 
ATOM   240 C  C5    . DA  B 2 1  ? -3.777  -7.373  -18.577 1.00 78.71  ? 12  DA  B C5    1 
ATOM   241 C  C6    . DA  B 2 1  ? -4.442  -6.155  -18.320 1.00 75.13  ? 12  DA  B C6    1 
ATOM   242 N  N6    . DA  B 2 1  ? -5.274  -5.972  -17.285 1.00 78.33  ? 12  DA  B N6    1 
ATOM   243 N  N1    . DA  B 2 1  ? -4.220  -5.128  -19.170 1.00 70.08  ? 12  DA  B N1    1 
ATOM   244 C  C2    . DA  B 2 1  ? -3.392  -5.318  -20.204 1.00 78.41  ? 12  DA  B C2    1 
ATOM   245 N  N3    . DA  B 2 1  ? -2.712  -6.417  -20.544 1.00 77.61  ? 12  DA  B N3    1 
ATOM   246 C  C4    . DA  B 2 1  ? -2.956  -7.414  -19.684 1.00 76.17  ? 12  DA  B C4    1 
ATOM   247 P  P     . DC  B 2 2  ? 2.397   -10.198 -21.957 1.00 131.90 ? 13  DC  B P     1 
ATOM   248 O  OP1   . DC  B 2 2  ? 3.048   -9.721  -23.199 1.00 113.34 ? 13  DC  B OP1   1 
ATOM   249 O  OP2   . DC  B 2 2  ? 2.778   -11.507 -21.376 1.00 114.45 ? 13  DC  B OP2   1 
ATOM   250 O  "O5'" . DC  B 2 2  ? 2.590   -9.086  -20.826 1.00 113.14 ? 13  DC  B "O5'" 1 
ATOM   251 C  "C5'" . DC  B 2 2  ? 3.286   -7.888  -21.124 1.00 106.99 ? 13  DC  B "C5'" 1 
ATOM   252 C  "C4'" . DC  B 2 2  ? 2.343   -6.702  -21.153 1.00 94.69  ? 13  DC  B "C4'" 1 
ATOM   253 O  "O4'" . DC  B 2 2  ? 1.173   -6.992  -20.375 1.00 86.86  ? 13  DC  B "O4'" 1 
ATOM   254 C  "C3'" . DC  B 2 2  ? 2.895   -5.448  -20.507 1.00 101.99 ? 13  DC  B "C3'" 1 
ATOM   255 O  "O3'" . DC  B 2 2  ? 3.654   -4.702  -21.435 1.00 92.72  ? 13  DC  B "O3'" 1 
ATOM   256 C  "C2'" . DC  B 2 2  ? 1.639   -4.686  -20.076 1.00 91.46  ? 13  DC  B "C2'" 1 
ATOM   257 C  "C1'" . DC  B 2 2  ? 0.549   -5.763  -20.058 1.00 87.26  ? 13  DC  B "C1'" 1 
ATOM   258 N  N1    . DC  B 2 2  ? -0.181  -5.899  -18.749 1.00 75.61  ? 13  DC  B N1    1 
ATOM   259 C  C2    . DC  B 2 2  ? -0.874  -4.799  -18.202 1.00 80.54  ? 13  DC  B C2    1 
ATOM   260 O  O2    . DC  B 2 2  ? -0.861  -3.712  -18.794 1.00 83.51  ? 13  DC  B O2    1 
ATOM   261 N  N3    . DC  B 2 2  ? -1.547  -4.959  -17.036 1.00 70.38  ? 13  DC  B N3    1 
ATOM   262 C  C4    . DC  B 2 2  ? -1.551  -6.143  -16.429 1.00 73.75  ? 13  DC  B C4    1 
ATOM   263 N  N4    . DC  B 2 2  ? -2.227  -6.255  -15.275 1.00 81.79  ? 13  DC  B N4    1 
ATOM   264 C  C5    . DC  B 2 2  ? -0.865  -7.268  -16.973 1.00 69.73  ? 13  DC  B C5    1 
ATOM   265 C  C6    . DC  B 2 2  ? -0.202  -7.101  -18.120 1.00 70.76  ? 13  DC  B C6    1 
ATOM   266 P  P     . DA  B 2 3  ? 4.885   -3.818  -20.908 1.00 116.51 ? 14  DA  B P     1 
ATOM   267 O  OP1   . DA  B 2 3  ? 6.123   -4.465  -21.398 1.00 121.68 ? 14  DA  B OP1   1 
ATOM   268 O  OP2   . DA  B 2 3  ? 4.694   -3.599  -19.455 1.00 104.05 ? 14  DA  B OP2   1 
ATOM   269 O  "O5'" . DA  B 2 3  ? 4.691   -2.405  -21.630 1.00 108.11 ? 14  DA  B "O5'" 1 
ATOM   270 C  "C5'" . DA  B 2 3  ? 3.401   -1.829  -21.724 1.00 105.29 ? 14  DA  B "C5'" 1 
ATOM   271 C  "C4'" . DA  B 2 3  ? 3.140   -0.870  -20.574 1.00 106.34 ? 14  DA  B "C4'" 1 
ATOM   272 O  "O4'" . DA  B 2 3  ? 2.294   -1.507  -19.609 1.00 107.77 ? 14  DA  B "O4'" 1 
ATOM   273 C  "C3'" . DA  B 2 3  ? 4.379   -0.398  -19.808 1.00 107.14 ? 14  DA  B "C3'" 1 
ATOM   274 O  "O3'" . DA  B 2 3  ? 4.656   0.996   -20.158 1.00 113.85 ? 14  DA  B "O3'" 1 
ATOM   275 C  "C2'" . DA  B 2 3  ? 4.041   -0.638  -18.313 1.00 103.84 ? 14  DA  B "C2'" 1 
ATOM   276 C  "C1'" . DA  B 2 3  ? 2.543   -0.951  -18.345 1.00 101.81 ? 14  DA  B "C1'" 1 
ATOM   277 N  N9    . DA  B 2 3  ? 2.070   -1.920  -17.339 1.00 87.28  ? 14  DA  B N9    1 
ATOM   278 C  C8    . DA  B 2 3  ? 2.354   -3.257  -17.287 1.00 80.12  ? 14  DA  B C8    1 
ATOM   279 N  N7    . DA  B 2 3  ? 1.756   -3.890  -16.305 1.00 76.94  ? 14  DA  B N7    1 
ATOM   280 C  C5    . DA  B 2 3  ? 1.017   -2.907  -15.674 1.00 64.85  ? 14  DA  B C5    1 
ATOM   281 C  C6    . DA  B 2 3  ? 0.159   -2.939  -14.557 1.00 66.92  ? 14  DA  B C6    1 
ATOM   282 N  N6    . DA  B 2 3  ? -0.097  -4.053  -13.861 1.00 63.66  ? 14  DA  B N6    1 
ATOM   283 N  N1    . DA  B 2 3  ? -0.427  -1.782  -14.181 1.00 65.81  ? 14  DA  B N1    1 
ATOM   284 C  C2    . DA  B 2 3  ? -0.165  -0.673  -14.886 1.00 72.16  ? 14  DA  B C2    1 
ATOM   285 N  N3    . DA  B 2 3  ? 0.620   -0.524  -15.957 1.00 73.66  ? 14  DA  B N3    1 
ATOM   286 C  C4    . DA  B 2 3  ? 1.185   -1.688  -16.303 1.00 67.29  ? 14  DA  B C4    1 
ATOM   287 P  P     . DC  B 2 4  ? 4.614   2.221   -19.109 1.00 133.03 ? 15  DC  B P     1 
ATOM   288 O  OP1   . DC  B 2 4  ? 4.688   3.445   -19.939 1.00 112.73 ? 15  DC  B OP1   1 
ATOM   289 O  OP2   . DC  B 2 4  ? 5.628   2.008   -18.050 1.00 125.55 ? 15  DC  B OP2   1 
ATOM   290 O  "O5'" . DC  B 2 4  ? 3.142   2.188   -18.472 1.00 120.17 ? 15  DC  B "O5'" 1 
ATOM   291 C  "C5'" . DC  B 2 4  ? 2.421   3.408   -18.275 1.00 120.13 ? 15  DC  B "C5'" 1 
ATOM   292 C  "C4'" . DC  B 2 4  ? 2.370   3.813   -16.802 1.00 114.17 ? 15  DC  B "C4'" 1 
ATOM   293 O  "O4'" . DC  B 2 4  ? 2.006   2.678   -15.972 1.00 114.59 ? 15  DC  B "O4'" 1 
ATOM   294 C  "C3'" . DC  B 2 4  ? 3.672   4.373   -16.209 1.00 113.08 ? 15  DC  B "C3'" 1 
ATOM   295 O  "O3'" . DC  B 2 4  ? 3.394   5.579   -15.495 1.00 122.11 ? 15  DC  B "O3'" 1 
ATOM   296 C  "C2'" . DC  B 2 4  ? 4.131   3.263   -15.261 1.00 106.52 ? 15  DC  B "C2'" 1 
ATOM   297 C  "C1'" . DC  B 2 4  ? 2.798   2.700   -14.808 1.00 97.70  ? 15  DC  B "C1'" 1 
ATOM   298 N  N1    . DC  B 2 4  ? 2.890   1.318   -14.261 1.00 81.61  ? 15  DC  B N1    1 
ATOM   299 C  C2    . DC  B 2 4  ? 2.239   0.997   -13.061 1.00 75.62  ? 15  DC  B C2    1 
ATOM   300 O  O2    . DC  B 2 4  ? 1.592   1.871   -12.470 1.00 78.29  ? 15  DC  B O2    1 
ATOM   301 N  N3    . DC  B 2 4  ? 2.331   -0.269  -12.584 1.00 65.61  ? 15  DC  B N3    1 
ATOM   302 C  C4    . DC  B 2 4  ? 3.037   -1.183  -13.256 1.00 71.64  ? 15  DC  B C4    1 
ATOM   303 N  N4    . DC  B 2 4  ? 3.104   -2.421  -12.752 1.00 71.78  ? 15  DC  B N4    1 
ATOM   304 C  C5    . DC  B 2 4  ? 3.708   -0.871  -14.472 1.00 72.80  ? 15  DC  B C5    1 
ATOM   305 C  C6    . DC  B 2 4  ? 3.607   0.378   -14.934 1.00 79.31  ? 15  DC  B C6    1 
ATOM   306 P  P     . DC  B 2 5  ? 4.589   6.515   -14.964 1.00 135.86 ? 16  DC  B P     1 
ATOM   307 O  OP1   . DC  B 2 5  ? 4.325   7.886   -15.466 1.00 125.91 ? 16  DC  B OP1   1 
ATOM   308 O  OP2   . DC  B 2 5  ? 5.883   5.829   -15.220 1.00 108.64 ? 16  DC  B OP2   1 
ATOM   309 O  "O5'" . DC  B 2 5  ? 4.367   6.554   -13.388 1.00 113.03 ? 16  DC  B "O5'" 1 
ATOM   310 C  "C5'" . DC  B 2 5  ? 3.216   7.178   -12.863 1.00 114.11 ? 16  DC  B "C5'" 1 
ATOM   311 C  "C4'" . DC  B 2 5  ? 3.090   6.891   -11.382 1.00 114.32 ? 16  DC  B "C4'" 1 
ATOM   312 O  "O4'" . DC  B 2 5  ? 3.047   5.455   -11.160 1.00 109.12 ? 16  DC  B "O4'" 1 
ATOM   313 C  "C3'" . DC  B 2 5  ? 4.233   7.420   -10.521 1.00 110.10 ? 16  DC  B "C3'" 1 
ATOM   314 O  "O3'" . DC  B 2 5  ? 3.684   8.002   -9.350  1.00 117.44 ? 16  DC  B "O3'" 1 
ATOM   315 C  "C2'" . DC  B 2 5  ? 5.063   6.164   -10.222 1.00 98.21  ? 16  DC  B "C2'" 1 
ATOM   316 C  "C1'" . DC  B 2 5  ? 3.979   5.102   -10.164 1.00 98.39  ? 16  DC  B "C1'" 1 
ATOM   317 N  N1    . DC  B 2 5  ? 4.458   3.709   -10.432 1.00 85.81  ? 16  DC  B N1    1 
ATOM   318 C  C2    . DC  B 2 5  ? 4.089   2.672   -9.562  1.00 82.31  ? 16  DC  B C2    1 
ATOM   319 O  O2    . DC  B 2 5  ? 3.382   2.931   -8.578  1.00 86.48  ? 16  DC  B O2    1 
ATOM   320 N  N3    . DC  B 2 5  ? 4.522   1.411   -9.817  1.00 71.11  ? 16  DC  B N3    1 
ATOM   321 C  C4    . DC  B 2 5  ? 5.280   1.173   -10.888 1.00 72.69  ? 16  DC  B C4    1 
ATOM   322 N  N4    . DC  B 2 5  ? 5.683   -0.087  -11.104 1.00 69.67  ? 16  DC  B N4    1 
ATOM   323 C  C5    . DC  B 2 5  ? 5.662   2.216   -11.785 1.00 71.77  ? 16  DC  B C5    1 
ATOM   324 C  C6    . DC  B 2 5  ? 5.231   3.455   -11.522 1.00 81.46  ? 16  DC  B C6    1 
ATOM   325 P  P     . DA  B 2 6  ? 4.610   8.375   -8.097  1.00 120.17 ? 17  DA  B P     1 
ATOM   326 O  OP1   . DA  B 2 6  ? 3.908   9.444   -7.351  1.00 110.82 ? 17  DA  B OP1   1 
ATOM   327 O  OP2   . DA  B 2 6  ? 6.001   8.542   -8.570  1.00 112.50 ? 17  DA  B OP2   1 
ATOM   328 O  "O5'" . DA  B 2 6  ? 4.537   7.070   -7.193  1.00 119.86 ? 17  DA  B "O5'" 1 
ATOM   329 C  "C5'" . DA  B 2 6  ? 3.291   6.442   -7.014  1.00 126.01 ? 17  DA  B "C5'" 1 
ATOM   330 C  "C4'" . DA  B 2 6  ? 3.082   6.037   -5.574  1.00 118.80 ? 17  DA  B "C4'" 1 
ATOM   331 O  "O4'" . DA  B 2 6  ? 3.444   4.653   -5.399  1.00 117.21 ? 17  DA  B "O4'" 1 
ATOM   332 C  "C3'" . DA  B 2 6  ? 3.906   6.791   -4.556  1.00 105.73 ? 17  DA  B "C3'" 1 
ATOM   333 O  "O3'" . DA  B 2 6  ? 3.204   6.800   -3.321  1.00 116.67 ? 17  DA  B "O3'" 1 
ATOM   334 C  "C2'" . DA  B 2 6  ? 5.202   5.969   -4.479  1.00 96.02  ? 17  DA  B "C2'" 1 
ATOM   335 C  "C1'" . DA  B 2 6  ? 4.767   4.566   -4.918  1.00 100.24 ? 17  DA  B "C1'" 1 
ATOM   336 N  N9    . DA  B 2 6  ? 5.598   3.987   -5.972  1.00 85.98  ? 17  DA  B N9    1 
ATOM   337 C  C8    . DA  B 2 6  ? 6.308   4.656   -6.928  1.00 79.61  ? 17  DA  B C8    1 
ATOM   338 N  N7    . DA  B 2 6  ? 6.962   3.864   -7.749  1.00 82.91  ? 17  DA  B N7    1 
ATOM   339 C  C5    . DA  B 2 6  ? 6.653   2.590   -7.303  1.00 72.27  ? 17  DA  B C5    1 
ATOM   340 C  C6    . DA  B 2 6  ? 7.030   1.306   -7.753  1.00 71.31  ? 17  DA  B C6    1 
ATOM   341 N  N6    . DA  B 2 6  ? 7.842   1.102   -8.795  1.00 70.16  ? 17  DA  B N6    1 
ATOM   342 N  N1    . DA  B 2 6  ? 6.542   0.237   -7.084  1.00 75.65  ? 17  DA  B N1    1 
ATOM   343 C  C2    . DA  B 2 6  ? 5.729   0.450   -6.038  1.00 90.24  ? 17  DA  B C2    1 
ATOM   344 N  N3    . DA  B 2 6  ? 5.305   1.606   -5.524  1.00 80.27  ? 17  DA  B N3    1 
ATOM   345 C  C4    . DA  B 2 6  ? 5.811   2.648   -6.209  1.00 80.99  ? 17  DA  B C4    1 
ATOM   346 P  P     . DC  B 2 7  ? 3.886   7.381   -1.991  1.00 120.23 ? 18  DC  B P     1 
ATOM   347 O  OP1   . DC  B 2 7  ? 2.792   7.791   -1.085  1.00 99.12  ? 18  DC  B OP1   1 
ATOM   348 O  OP2   . DC  B 2 7  ? 4.905   8.375   -2.391  1.00 127.94 ? 18  DC  B OP2   1 
ATOM   349 O  "O5'" . DC  B 2 7  ? 4.637   6.111   -1.371  1.00 114.21 ? 18  DC  B "O5'" 1 
ATOM   350 C  "C5'" . DC  B 2 7  ? 3.879   4.977   -0.992  1.00 114.52 ? 18  DC  B "C5'" 1 
ATOM   351 C  "C4'" . DC  B 2 7  ? 4.761   3.754   -0.832  1.00 107.18 ? 18  DC  B "C4'" 1 
ATOM   352 O  "O4'" . DC  B 2 7  ? 5.425   3.439   -2.078  1.00 100.63 ? 18  DC  B "O4'" 1 
ATOM   353 C  "C3'" . DC  B 2 7  ? 5.886   3.881   0.206   1.00 102.49 ? 18  DC  B "C3'" 1 
ATOM   354 O  "O3'" . DC  B 2 7  ? 5.630   3.006   1.303   1.00 101.99 ? 18  DC  B "O3'" 1 
ATOM   355 C  "C2'" . DC  B 2 7  ? 7.147   3.465   -0.570  1.00 105.26 ? 18  DC  B "C2'" 1 
ATOM   356 C  "C1'" . DC  B 2 7  ? 6.555   2.699   -1.734  1.00 94.08  ? 18  DC  B "C1'" 1 
ATOM   357 N  N1    . DC  B 2 7  ? 7.475   2.552   -2.911  1.00 83.89  ? 18  DC  B N1    1 
ATOM   358 C  C2    . DC  B 2 7  ? 7.876   1.268   -3.302  1.00 85.08  ? 18  DC  B C2    1 
ATOM   359 O  O2    . DC  B 2 7  ? 7.442   0.289   -2.679  1.00 87.69  ? 18  DC  B O2    1 
ATOM   360 N  N3    . DC  B 2 7  ? 8.718   1.127   -4.359  1.00 79.11  ? 18  DC  B N3    1 
ATOM   361 C  C4    . DC  B 2 7  ? 9.158   2.205   -5.005  1.00 80.93  ? 18  DC  B C4    1 
ATOM   362 N  N4    . DC  B 2 7  ? 9.990   2.017   -6.039  1.00 72.12  ? 18  DC  B N4    1 
ATOM   363 C  C5    . DC  B 2 7  ? 8.765   3.528   -4.618  1.00 79.32  ? 18  DC  B C5    1 
ATOM   364 C  C6    . DC  B 2 7  ? 7.934   3.653   -3.571  1.00 80.82  ? 18  DC  B C6    1 
ATOM   365 P  P     . DT  B 2 8  ? 6.786   2.652   2.368   1.00 130.96 ? 19  DT  B P     1 
ATOM   366 O  OP1   . DT  B 2 8  ? 6.105   2.338   3.642   1.00 115.14 ? 19  DT  B OP1   1 
ATOM   367 O  OP2   . DT  B 2 8  ? 7.844   3.695   2.343   1.00 119.97 ? 19  DT  B OP2   1 
ATOM   368 O  "O5'" . DT  B 2 8  ? 7.403   1.290   1.815   1.00 108.62 ? 19  DT  B "O5'" 1 
ATOM   369 C  "C5'" . DT  B 2 8  ? 6.544   0.198   1.550   1.00 107.03 ? 19  DT  B "C5'" 1 
ATOM   370 C  "C4'" . DT  B 2 8  ? 7.323   -1.099  1.493   1.00 112.96 ? 19  DT  B "C4'" 1 
ATOM   371 O  "O4'" . DT  B 2 8  ? 8.086   -1.158  0.260   1.00 117.28 ? 19  DT  B "O4'" 1 
ATOM   372 C  "C3'" . DT  B 2 8  ? 8.332   -1.301  2.613   1.00 118.04 ? 19  DT  B "C3'" 1 
ATOM   373 O  "O3'" . DT  B 2 8  ? 8.421   -2.686  2.901   1.00 124.82 ? 19  DT  B "O3'" 1 
ATOM   374 C  "C2'" . DT  B 2 8  ? 9.629   -0.758  2.000   1.00 112.60 ? 19  DT  B "C2'" 1 
ATOM   375 C  "C1'" . DT  B 2 8  ? 9.476   -1.187  0.545   1.00 113.82 ? 19  DT  B "C1'" 1 
ATOM   376 N  N1    . DT  B 2 8  ? 10.205  -0.312  -0.477  1.00 98.33  ? 19  DT  B N1    1 
ATOM   377 C  C2    . DT  B 2 8  ? 10.957  -0.926  -1.472  1.00 96.40  ? 19  DT  B C2    1 
ATOM   378 O  O2    . DT  B 2 8  ? 11.085  -2.141  -1.569  1.00 96.22  ? 19  DT  B O2    1 
ATOM   379 N  N3    . DT  B 2 8  ? 11.558  -0.064  -2.356  1.00 81.59  ? 19  DT  B N3    1 
ATOM   380 C  C4    . DT  B 2 8  ? 11.490  1.317   -2.356  1.00 85.39  ? 19  DT  B C4    1 
ATOM   381 O  O4    . DT  B 2 8  ? 12.070  2.004   -3.195  1.00 87.14  ? 19  DT  B O4    1 
ATOM   382 C  C5    . DT  B 2 8  ? 10.690  1.902   -1.301  1.00 88.53  ? 19  DT  B C5    1 
ATOM   383 C  C7    . DT  B 2 8  ? 10.557  3.396   -1.212  1.00 78.99  ? 19  DT  B C7    1 
ATOM   384 C  C6    . DT  B 2 8  ? 10.087  1.071   -0.420  1.00 85.98  ? 19  DT  B C6    1 
ATOM   385 P  P     . DC  B 2 9  ? 9.356   -3.213  4.091   1.00 135.18 ? 20  DC  B P     1 
ATOM   386 O  OP1   . DC  B 2 9  ? 8.670   -4.369  4.713   1.00 124.60 ? 20  DC  B OP1   1 
ATOM   387 O  OP2   . DC  B 2 9  ? 9.742   -2.041  4.916   1.00 135.62 ? 20  DC  B OP2   1 
ATOM   388 O  "O5'" . DC  B 2 9  ? 10.639  -3.782  3.328   1.00 133.24 ? 20  DC  B "O5'" 1 
ATOM   389 C  "C5'" . DC  B 2 9  ? 10.545  -5.016  2.626   1.00 137.52 ? 20  DC  B "C5'" 1 
ATOM   390 C  "C4'" . DC  B 2 9  ? 11.904  -5.448  2.105   1.00 150.36 ? 20  DC  B "C4'" 1 
ATOM   391 O  "O4'" . DC  B 2 9  ? 12.377  -4.487  1.122   1.00 165.55 ? 20  DC  B "O4'" 1 
ATOM   392 C  "C3'" . DC  B 2 9  ? 13.006  -5.547  3.167   1.00 160.81 ? 20  DC  B "C3'" 1 
ATOM   393 O  "O3'" . DC  B 2 9  ? 13.802  -6.708  2.937   1.00 157.21 ? 20  DC  B "O3'" 1 
ATOM   394 C  "C2'" . DC  B 2 9  ? 13.804  -4.266  2.954   1.00 152.41 ? 20  DC  B "C2'" 1 
ATOM   395 C  "C1'" . DC  B 2 9  ? 13.687  -4.087  1.452   1.00 139.69 ? 20  DC  B "C1'" 1 
ATOM   396 N  N1    . DC  B 2 9  ? 13.876  -2.689  1.034   1.00 115.81 ? 20  DC  B N1    1 
ATOM   397 C  C2    . DC  B 2 9  ? 14.478  -2.407  -0.200  1.00 107.80 ? 20  DC  B C2    1 
ATOM   398 O  O2    . DC  B 2 9  ? 14.824  -3.346  -0.938  1.00 102.79 ? 20  DC  B O2    1 
ATOM   399 N  N3    . DC  B 2 9  ? 14.655  -1.109  -0.556  1.00 98.56  ? 20  DC  B N3    1 
ATOM   400 C  C4    . DC  B 2 9  ? 14.264  -0.129  0.268   1.00 99.85  ? 20  DC  B C4    1 
ATOM   401 N  N4    . DC  B 2 9  ? 14.457  1.136   -0.125  1.00 94.05  ? 20  DC  B N4    1 
ATOM   402 C  C5    . DC  B 2 9  ? 13.659  -0.402  1.532   1.00 99.69  ? 20  DC  B C5    1 
ATOM   403 C  C6    . DC  B 2 9  ? 13.491  -1.683  1.872   1.00 109.01 ? 20  DC  B C6    1 
ATOM   404 P  P     . DA  B 2 10 ? 15.173  -6.944  3.746   1.00 160.66 ? 21  DA  B P     1 
ATOM   405 O  OP1   . DA  B 2 10 ? 15.206  -8.388  4.074   1.00 174.85 ? 21  DA  B OP1   1 
ATOM   406 O  OP2   . DA  B 2 10 ? 15.295  -5.950  4.843   1.00 143.61 ? 21  DA  B OP2   1 
ATOM   407 O  "O5'" . DA  B 2 10 ? 16.309  -6.671  2.647   1.00 138.28 ? 21  DA  B "O5'" 1 
ATOM   408 C  "C5'" . DA  B 2 10 ? 16.375  -7.502  1.481   1.00 137.81 ? 21  DA  B "C5'" 1 
ATOM   409 C  "C4'" . DA  B 2 10 ? 17.593  -7.185  0.620   1.00 129.73 ? 21  DA  B "C4'" 1 
ATOM   410 O  "O4'" . DA  B 2 10 ? 17.624  -5.773  0.304   1.00 126.86 ? 21  DA  B "O4'" 1 
ATOM   411 C  "C3'" . DA  B 2 10 ? 18.945  -7.484  1.249   1.00 122.79 ? 21  DA  B "C3'" 1 
ATOM   412 O  "O3'" . DA  B 2 10 ? 19.893  -7.782  0.228   1.00 127.30 ? 21  DA  B "O3'" 1 
ATOM   413 C  "C2'" . DA  B 2 10 ? 19.276  -6.171  1.939   1.00 111.98 ? 21  DA  B "C2'" 1 
ATOM   414 C  "C1'" . DA  B 2 10 ? 18.719  -5.157  0.948   1.00 101.11 ? 21  DA  B "C1'" 1 
ATOM   415 N  N9    . DA  B 2 10 ? 18.226  -3.950  1.579   1.00 99.91  ? 21  DA  B N9    1 
ATOM   416 C  C8    . DA  B 2 10 ? 17.669  -3.838  2.821   1.00 102.78 ? 21  DA  B C8    1 
ATOM   417 N  N7    . DA  B 2 10 ? 17.301  -2.616  3.124   1.00 103.16 ? 21  DA  B N7    1 
ATOM   418 C  C5    . DA  B 2 10 ? 17.636  -1.881  1.996   1.00 102.01 ? 21  DA  B C5    1 
ATOM   419 C  C6    . DA  B 2 10 ? 17.504  -0.513  1.677   1.00 102.88 ? 21  DA  B C6    1 
ATOM   420 N  N6    . DA  B 2 10 ? 16.974  0.389   2.511   1.00 105.18 ? 21  DA  B N6    1 
ATOM   421 N  N1    . DA  B 2 10 ? 17.937  -0.109  0.461   1.00 97.30  ? 21  DA  B N1    1 
ATOM   422 C  C2    . DA  B 2 10 ? 18.469  -1.018  -0.369  1.00 101.41 ? 21  DA  B C2    1 
ATOM   423 N  N3    . DA  B 2 10 ? 18.644  -2.326  -0.180  1.00 98.33  ? 21  DA  B N3    1 
ATOM   424 C  C4    . DA  B 2 10 ? 18.202  -2.694  1.034   1.00 99.65  ? 21  DA  B C4    1 
ATOM   425 P  P     . DC  C 3 1  ? -1.396  -12.114 -3.783  1.00 120.70 ? 1   DC  C P     1 
ATOM   426 O  OP1   . DC  C 3 1  ? -0.744  -13.232 -4.505  1.00 108.55 ? 1   DC  C OP1   1 
ATOM   427 O  OP2   . DC  C 3 1  ? -1.302  -12.011 -2.309  1.00 104.79 ? 1   DC  C OP2   1 
ATOM   428 O  "O5'" . DC  C 3 1  ? -2.948  -12.103 -4.162  1.00 99.06  ? 1   DC  C "O5'" 1 
ATOM   429 C  "C5'" . DC  C 3 1  ? -3.360  -12.403 -5.488  1.00 83.26  ? 1   DC  C "C5'" 1 
ATOM   430 C  "C4'" . DC  C 3 1  ? -4.619  -11.636 -5.824  1.00 88.01  ? 1   DC  C "C4'" 1 
ATOM   431 O  "O4'" . DC  C 3 1  ? -5.631  -11.879 -4.807  1.00 89.94  ? 1   DC  C "O4'" 1 
ATOM   432 C  "C3'" . DC  C 3 1  ? -4.444  -10.115 -5.886  1.00 82.58  ? 1   DC  C "C3'" 1 
ATOM   433 O  "O3'" . DC  C 3 1  ? -5.037  -9.623  -7.066  1.00 87.73  ? 1   DC  C "O3'" 1 
ATOM   434 C  "C2'" . DC  C 3 1  ? -5.174  -9.612  -4.633  1.00 79.43  ? 1   DC  C "C2'" 1 
ATOM   435 C  "C1'" . DC  C 3 1  ? -6.261  -10.655 -4.496  1.00 77.86  ? 1   DC  C "C1'" 1 
ATOM   436 N  N1    . DC  C 3 1  ? -6.861  -10.748 -3.131  1.00 71.97  ? 1   DC  C N1    1 
ATOM   437 C  C2    . DC  C 3 1  ? -8.225  -10.458 -2.953  1.00 71.89  ? 1   DC  C C2    1 
ATOM   438 O  O2    . DC  C 3 1  ? -8.899  -10.113 -3.930  1.00 66.13  ? 1   DC  C O2    1 
ATOM   439 N  N3    . DC  C 3 1  ? -8.767  -10.562 -1.712  1.00 71.44  ? 1   DC  C N3    1 
ATOM   440 C  C4    . DC  C 3 1  ? -8.002  -10.938 -0.680  1.00 75.22  ? 1   DC  C C4    1 
ATOM   441 N  N4    . DC  C 3 1  ? -8.572  -11.031 0.530   1.00 71.68  ? 1   DC  C N4    1 
ATOM   442 C  C5    . DC  C 3 1  ? -6.615  -11.238 -0.842  1.00 70.71  ? 1   DC  C C5    1 
ATOM   443 C  C6    . DC  C 3 1  ? -6.092  -11.128 -2.074  1.00 73.49  ? 1   DC  C C6    1 
ATOM   444 P  P     . DA  C 3 2  ? -4.530  -8.249  -7.714  1.00 83.69  ? 2   DA  C P     1 
ATOM   445 O  OP1   . DA  C 3 2  ? -4.849  -8.317  -9.162  1.00 86.81  ? 2   DA  C OP1   1 
ATOM   446 O  OP2   . DA  C 3 2  ? -3.153  -7.976  -7.232  1.00 84.45  ? 2   DA  C OP2   1 
ATOM   447 O  "O5'" . DA  C 3 2  ? -5.482  -7.161  -7.058  1.00 72.19  ? 2   DA  C "O5'" 1 
ATOM   448 C  "C5'" . DA  C 3 2  ? -6.655  -6.757  -7.730  1.00 78.36  ? 2   DA  C "C5'" 1 
ATOM   449 C  "C4'" . DA  C 3 2  ? -7.421  -5.807  -6.855  1.00 77.45  ? 2   DA  C "C4'" 1 
ATOM   450 O  "O4'" . DA  C 3 2  ? -7.746  -6.494  -5.638  1.00 80.84  ? 2   DA  C "O4'" 1 
ATOM   451 C  "C3'" . DA  C 3 2  ? -6.598  -4.628  -6.402  1.00 79.39  ? 2   DA  C "C3'" 1 
ATOM   452 O  "O3'" . DA  C 3 2  ? -6.674  -3.528  -7.340  1.00 84.86  ? 2   DA  C "O3'" 1 
ATOM   453 C  "C2'" . DA  C 3 2  ? -7.174  -4.280  -5.033  1.00 73.77  ? 2   DA  C "C2'" 1 
ATOM   454 C  "C1'" . DA  C 3 2  ? -7.897  -5.554  -4.603  1.00 73.04  ? 2   DA  C "C1'" 1 
ATOM   455 N  N9    . DA  C 3 2  ? -7.386  -6.136  -3.366  1.00 65.78  ? 2   DA  C N9    1 
ATOM   456 C  C8    . DA  C 3 2  ? -6.082  -6.367  -3.038  1.00 70.47  ? 2   DA  C C8    1 
ATOM   457 N  N7    . DA  C 3 2  ? -5.924  -6.914  -1.851  1.00 65.13  ? 2   DA  C N7    1 
ATOM   458 C  C5    . DA  C 3 2  ? -7.217  -7.051  -1.377  1.00 67.35  ? 2   DA  C C5    1 
ATOM   459 C  C6    . DA  C 3 2  ? -7.738  -7.562  -0.173  1.00 62.52  ? 2   DA  C C6    1 
ATOM   460 N  N6    . DA  C 3 2  ? -6.981  -8.043  0.806   1.00 68.94  ? 2   DA  C N6    1 
ATOM   461 N  N1    . DA  C 3 2  ? -9.076  -7.553  -0.015  1.00 63.18  ? 2   DA  C N1    1 
ATOM   462 C  C2    . DA  C 3 2  ? -9.835  -7.064  -1.000  1.00 69.84  ? 2   DA  C C2    1 
ATOM   463 N  N3    . DA  C 3 2  ? -9.458  -6.555  -2.173  1.00 69.92  ? 2   DA  C N3    1 
ATOM   464 C  C4    . DA  C 3 2  ? -8.127  -6.577  -2.299  1.00 66.26  ? 2   DA  C C4    1 
ATOM   465 P  P     . DT  C 3 3  ? -8.069  -2.986  -7.938  1.00 93.65  ? 3   DT  C P     1 
ATOM   466 O  OP1   . DT  C 3 3  ? -9.050  -2.765  -6.849  1.00 73.85  ? 3   DT  C OP1   1 
ATOM   467 O  OP2   . DT  C 3 3  ? -8.400  -3.833  -9.104  1.00 85.93  ? 3   DT  C OP2   1 
ATOM   468 O  "O5'" . DT  C 3 3  ? -7.674  -1.535  -8.495  1.00 90.63  ? 3   DT  C "O5'" 1 
ATOM   469 C  "C5'" . DT  C 3 3  ? -7.090  -0.574  -7.610  1.00 81.04  ? 3   DT  C "C5'" 1 
ATOM   470 C  "C4'" . DT  C 3 3  ? -6.025  0.253   -8.309  1.00 76.51  ? 3   DT  C "C4'" 1 
ATOM   471 O  "O4'" . DT  C 3 3  ? -4.809  -0.506  -8.405  1.00 74.18  ? 3   DT  C "O4'" 1 
ATOM   472 C  "C3'" . DT  C 3 3  ? -6.340  0.633   -9.736  1.00 74.20  ? 3   DT  C "C3'" 1 
ATOM   473 O  "O3'" . DT  C 3 3  ? -7.145  1.783   -9.757  1.00 75.48  ? 3   DT  C "O3'" 1 
ATOM   474 C  "C2'" . DT  C 3 3  ? -4.956  0.907   -10.318 1.00 58.71  ? 3   DT  C "C2'" 1 
ATOM   475 C  "C1'" . DT  C 3 3  ? -4.058  -0.042  -9.514  1.00 66.78  ? 3   DT  C "C1'" 1 
ATOM   476 N  N1    . DT  C 3 3  ? -3.562  -1.232  -10.268 1.00 54.22  ? 3   DT  C N1    1 
ATOM   477 C  C2    . DT  C 3 3  ? -2.749  -1.059  -11.361 1.00 61.80  ? 3   DT  C C2    1 
ATOM   478 O  O2    . DT  C 3 3  ? -2.423  0.034   -11.791 1.00 77.27  ? 3   DT  C O2    1 
ATOM   479 N  N3    . DT  C 3 3  ? -2.329  -2.220  -11.954 1.00 54.42  ? 3   DT  C N3    1 
ATOM   480 C  C4    . DT  C 3 3  ? -2.625  -3.513  -11.566 1.00 61.83  ? 3   DT  C C4    1 
ATOM   481 O  O4    . DT  C 3 3  ? -2.204  -4.505  -12.169 1.00 63.88  ? 3   DT  C O4    1 
ATOM   482 C  C5    . DT  C 3 3  ? -3.473  -3.620  -10.411 1.00 59.60  ? 3   DT  C C5    1 
ATOM   483 C  C7    . DT  C 3 3  ? -3.864  -4.972  -9.900  1.00 68.10  ? 3   DT  C C7    1 
ATOM   484 C  C6    . DT  C 3 3  ? -3.894  -2.488  -9.823  1.00 58.59  ? 3   DT  C C6    1 
ATOM   485 P  P     . DG  C 3 4  ? -8.322  1.894   -10.841 1.00 93.45  ? 4   DG  C P     1 
ATOM   486 O  OP1   . DG  C 3 4  ? -9.014  3.181   -10.605 1.00 85.95  ? 4   DG  C OP1   1 
ATOM   487 O  OP2   . DG  C 3 4  ? -9.105  0.636   -10.786 1.00 81.07  ? 4   DG  C OP2   1 
ATOM   488 O  "O5'" . DG  C 3 4  ? -7.535  1.983   -12.236 1.00 80.92  ? 4   DG  C "O5'" 1 
ATOM   489 C  "C5'" . DG  C 3 4  ? -7.239  3.267   -12.787 1.00 86.80  ? 4   DG  C "C5'" 1 
ATOM   490 C  "C4'" . DG  C 3 4  ? -6.150  3.183   -13.837 1.00 83.40  ? 4   DG  C "C4'" 1 
ATOM   491 O  "O4'" . DG  C 3 4  ? -5.201  2.174   -13.455 1.00 77.78  ? 4   DG  C "O4'" 1 
ATOM   492 C  "C3'" . DG  C 3 4  ? -6.615  2.771   -15.217 1.00 89.30  ? 4   DG  C "C3'" 1 
ATOM   493 O  "O3'" . DG  C 3 4  ? -7.043  3.928   -15.941 1.00 102.33 ? 4   DG  C "O3'" 1 
ATOM   494 C  "C2'" . DG  C 3 4  ? -5.346  2.164   -15.823 1.00 78.23  ? 4   DG  C "C2'" 1 
ATOM   495 C  "C1'" . DG  C 3 4  ? -4.623  1.595   -14.612 1.00 71.74  ? 4   DG  C "C1'" 1 
ATOM   496 N  N9    . DG  C 3 4  ? -4.719  0.151   -14.482 1.00 67.93  ? 4   DG  C N9    1 
ATOM   497 C  C8    . DG  C 3 4  ? -5.440  -0.531  -13.531 1.00 70.53  ? 4   DG  C C8    1 
ATOM   498 N  N7    . DG  C 3 4  ? -5.323  -1.824  -13.619 1.00 68.44  ? 4   DG  C N7    1 
ATOM   499 C  C5    . DG  C 3 4  ? -4.468  -2.016  -14.693 1.00 55.77  ? 4   DG  C C5    1 
ATOM   500 C  C6    . DG  C 3 4  ? -3.990  -3.213  -15.249 1.00 56.40  ? 4   DG  C C6    1 
ATOM   501 O  O6    . DG  C 3 4  ? -4.239  -4.372  -14.890 1.00 64.98  ? 4   DG  C O6    1 
ATOM   502 N  N1    . DG  C 3 4  ? -3.148  -2.979  -16.332 1.00 57.50  ? 4   DG  C N1    1 
ATOM   503 C  C2    . DG  C 3 4  ? -2.813  -1.738  -16.809 1.00 64.86  ? 4   DG  C C2    1 
ATOM   504 N  N2    . DG  C 3 4  ? -1.981  -1.715  -17.856 1.00 62.89  ? 4   DG  C N2    1 
ATOM   505 N  N3    . DG  C 3 4  ? -3.258  -0.593  -16.289 1.00 64.37  ? 4   DG  C N3    1 
ATOM   506 C  C4    . DG  C 3 4  ? -4.081  -0.813  -15.235 1.00 61.18  ? 4   DG  C C4    1 
ATOM   507 P  P     . DT  C 3 5  ? -8.033  3.786   -17.199 1.00 124.59 ? 5   DT  C P     1 
ATOM   508 O  OP1   . DT  C 3 5  ? -8.482  5.148   -17.577 1.00 106.34 ? 5   DT  C OP1   1 
ATOM   509 O  OP2   . DT  C 3 5  ? -9.046  2.758   -16.851 1.00 96.85  ? 5   DT  C OP2   1 
ATOM   510 O  "O5'" . DT  C 3 5  ? -7.069  3.252   -18.361 1.00 97.86  ? 5   DT  C "O5'" 1 
ATOM   511 C  "C5'" . DT  C 3 5  ? -5.829  3.914   -18.585 1.00 83.86  ? 5   DT  C "C5'" 1 
ATOM   512 C  "C4'" . DT  C 3 5  ? -4.919  3.102   -19.486 1.00 92.72  ? 5   DT  C "C4'" 1 
ATOM   513 O  "O4'" . DT  C 3 5  ? -4.686  1.776   -18.936 1.00 91.07  ? 5   DT  C "O4'" 1 
ATOM   514 C  "C3'" . DT  C 3 5  ? -5.446  2.873   -20.895 1.00 91.34  ? 5   DT  C "C3'" 1 
ATOM   515 O  "O3'" . DT  C 3 5  ? -4.367  2.942   -21.799 1.00 91.39  ? 5   DT  C "O3'" 1 
ATOM   516 C  "C2'" . DT  C 3 5  ? -6.000  1.457   -20.810 1.00 89.21  ? 5   DT  C "C2'" 1 
ATOM   517 C  "C1'" . DT  C 3 5  ? -4.936  0.821   -19.942 1.00 79.65  ? 5   DT  C "C1'" 1 
ATOM   518 N  N1    . DT  C 3 5  ? -5.348  -0.442  -19.288 1.00 67.73  ? 5   DT  C N1    1 
ATOM   519 C  C2    . DT  C 3 5  ? -4.828  -1.631  -19.736 1.00 67.78  ? 5   DT  C C2    1 
ATOM   520 O  O2    . DT  C 3 5  ? -4.050  -1.709  -20.673 1.00 72.28  ? 5   DT  C O2    1 
ATOM   521 N  N3    . DT  C 3 5  ? -5.252  -2.736  -19.050 1.00 64.63  ? 5   DT  C N3    1 
ATOM   522 C  C4    . DT  C 3 5  ? -6.127  -2.771  -17.978 1.00 69.33  ? 5   DT  C C4    1 
ATOM   523 O  O4    . DT  C 3 5  ? -6.456  -3.827  -17.424 1.00 66.13  ? 5   DT  C O4    1 
ATOM   524 C  C5    . DT  C 3 5  ? -6.634  -1.483  -17.559 1.00 64.24  ? 5   DT  C C5    1 
ATOM   525 C  C7    . DT  C 3 5  ? -7.590  -1.386  -16.411 1.00 58.82  ? 5   DT  C C7    1 
ATOM   526 C  C6    . DT  C 3 5  ? -6.224  -0.397  -18.227 1.00 68.14  ? 5   DT  C C6    1 
ATOM   527 O  "O5'" . DT  D 4 1  ? 21.649  10.745  7.749   1.00 128.20 ? 1   DT  D "O5'" 1 
ATOM   528 C  "C5'" . DT  D 4 1  ? 20.605  10.581  6.798   1.00 125.58 ? 1   DT  D "C5'" 1 
ATOM   529 C  "C4'" . DT  D 4 1  ? 21.179  10.288  5.425   1.00 126.48 ? 1   DT  D "C4'" 1 
ATOM   530 O  "O4'" . DT  D 4 1  ? 21.798  8.975   5.421   1.00 120.27 ? 1   DT  D "O4'" 1 
ATOM   531 C  "C3'" . DT  D 4 1  ? 20.163  10.288  4.278   1.00 121.58 ? 1   DT  D "C3'" 1 
ATOM   532 O  "O3'" . DT  D 4 1  ? 20.662  11.074  3.211   1.00 129.28 ? 1   DT  D "O3'" 1 
ATOM   533 C  "C2'" . DT  D 4 1  ? 20.056  8.814   3.889   1.00 110.24 ? 1   DT  D "C2'" 1 
ATOM   534 C  "C1'" . DT  D 4 1  ? 21.441  8.303   4.241   1.00 110.41 ? 1   DT  D "C1'" 1 
ATOM   535 N  N1    . DT  D 4 1  ? 21.484  6.842   4.500   1.00 110.95 ? 1   DT  D N1    1 
ATOM   536 C  C2    . DT  D 4 1  ? 22.191  6.028   3.644   1.00 106.40 ? 1   DT  D C2    1 
ATOM   537 O  O2    . DT  D 4 1  ? 22.797  6.444   2.673   1.00 105.82 ? 1   DT  D O2    1 
ATOM   538 N  N3    . DT  D 4 1  ? 22.159  4.699   3.964   1.00 100.41 ? 1   DT  D N3    1 
ATOM   539 C  C4    . DT  D 4 1  ? 21.510  4.116   5.036   1.00 101.19 ? 1   DT  D C4    1 
ATOM   540 O  O4    . DT  D 4 1  ? 21.541  2.910   5.244   1.00 108.28 ? 1   DT  D O4    1 
ATOM   541 C  C5    . DT  D 4 1  ? 20.794  5.025   5.895   1.00 95.27  ? 1   DT  D C5    1 
ATOM   542 C  C7    . DT  D 4 1  ? 20.056  4.504   7.088   1.00 101.78 ? 1   DT  D C7    1 
ATOM   543 C  C6    . DT  D 4 1  ? 20.814  6.328   5.589   1.00 104.84 ? 1   DT  D C6    1 
ATOM   544 P  P     . DC  D 4 2  ? 19.715  11.466  1.977   1.00 136.35 ? 2   DC  D P     1 
ATOM   545 O  OP1   . DC  D 4 2  ? 20.217  12.761  1.460   1.00 141.30 ? 2   DC  D OP1   1 
ATOM   546 O  OP2   . DC  D 4 2  ? 18.304  11.337  2.405   1.00 126.97 ? 2   DC  D OP2   1 
ATOM   547 O  "O5'" . DC  D 4 2  ? 20.046  10.351  0.878   1.00 121.54 ? 2   DC  D "O5'" 1 
ATOM   548 C  "C5'" . DC  D 4 2  ? 21.200  10.493  0.069   1.00 114.39 ? 2   DC  D "C5'" 1 
ATOM   549 C  "C4'" . DC  D 4 2  ? 21.693  9.147   -0.418  1.00 113.80 ? 2   DC  D "C4'" 1 
ATOM   550 O  "O4'" . DC  D 4 2  ? 21.359  8.125   0.535   1.00 115.77 ? 2   DC  D "O4'" 1 
ATOM   551 C  "C3'" . DC  D 4 2  ? 21.080  8.673   -1.732  1.00 117.76 ? 2   DC  D "C3'" 1 
ATOM   552 O  "O3'" . DC  D 4 2  ? 21.985  8.897   -2.794  1.00 122.29 ? 2   DC  D "O3'" 1 
ATOM   553 C  "C2'" . DC  D 4 2  ? 20.830  7.166   -1.520  1.00 115.22 ? 2   DC  D "C2'" 1 
ATOM   554 C  "C1'" . DC  D 4 2  ? 21.435  6.903   -0.145  1.00 111.54 ? 2   DC  D "C1'" 1 
ATOM   555 N  N1    . DC  D 4 2  ? 20.715  5.854   0.633   1.00 108.78 ? 2   DC  D N1    1 
ATOM   556 C  C2    . DC  D 4 2  ? 21.014  4.504   0.401   1.00 101.83 ? 2   DC  D C2    1 
ATOM   557 O  O2    . DC  D 4 2  ? 21.875  4.213   -0.438  1.00 102.14 ? 2   DC  D O2    1 
ATOM   558 N  N3    . DC  D 4 2  ? 20.353  3.555   1.103   1.00 98.98  ? 2   DC  D N3    1 
ATOM   559 C  C4    . DC  D 4 2  ? 19.434  3.911   2.002   1.00 109.10 ? 2   DC  D C4    1 
ATOM   560 N  N4    . DC  D 4 2  ? 18.809  2.936   2.672   1.00 111.49 ? 2   DC  D N4    1 
ATOM   561 C  C5    . DC  D 4 2  ? 19.115  5.282   2.258   1.00 105.60 ? 2   DC  D C5    1 
ATOM   562 C  C6    . DC  D 4 2  ? 19.771  6.211   1.554   1.00 104.27 ? 2   DC  D C6    1 
ATOM   563 P  P     . DT  D 4 3  ? 21.439  8.951   -4.301  1.00 130.49 ? 3   DT  D P     1 
ATOM   564 O  OP1   . DT  D 4 3  ? 22.495  9.527   -5.163  1.00 125.53 ? 3   DT  D OP1   1 
ATOM   565 O  OP2   . DT  D 4 3  ? 20.116  9.605   -4.236  1.00 122.74 ? 3   DT  D OP2   1 
ATOM   566 O  "O5'" . DT  D 4 3  ? 21.242  7.412   -4.693  1.00 109.49 ? 3   DT  D "O5'" 1 
ATOM   567 C  "C5'" . DT  D 4 3  ? 22.363  6.568   -4.779  1.00 95.85  ? 3   DT  D "C5'" 1 
ATOM   568 C  "C4'" . DT  D 4 3  ? 21.937  5.128   -4.934  1.00 104.28 ? 3   DT  D "C4'" 1 
ATOM   569 O  "O4'" . DT  D 4 3  ? 21.293  4.669   -3.725  1.00 118.90 ? 3   DT  D "O4'" 1 
ATOM   570 C  "C3'" . DT  D 4 3  ? 20.931  4.862   -6.060  1.00 121.55 ? 3   DT  D "C3'" 1 
ATOM   571 O  "O3'" . DT  D 4 3  ? 21.491  3.950   -6.980  1.00 127.47 ? 3   DT  D "O3'" 1 
ATOM   572 C  "C2'" . DT  D 4 3  ? 19.717  4.251   -5.339  1.00 126.99 ? 3   DT  D "C2'" 1 
ATOM   573 C  "C1'" . DT  D 4 3  ? 20.371  3.685   -4.099  1.00 116.86 ? 3   DT  D "C1'" 1 
ATOM   574 N  N1    . DT  D 4 3  ? 19.435  3.416   -2.964  1.00 106.03 ? 3   DT  D N1    1 
ATOM   575 C  C2    . DT  D 4 3  ? 19.240  2.116   -2.560  1.00 107.73 ? 3   DT  D C2    1 
ATOM   576 O  O2    . DT  D 4 3  ? 19.792  1.161   -3.086  1.00 106.97 ? 3   DT  D O2    1 
ATOM   577 N  N3    . DT  D 4 3  ? 18.375  1.968   -1.508  1.00 106.57 ? 3   DT  D N3    1 
ATOM   578 C  C4    . DT  D 4 3  ? 17.700  2.967   -0.832  1.00 106.32 ? 3   DT  D C4    1 
ATOM   579 O  O4    . DT  D 4 3  ? 16.940  2.730   0.105   1.00 104.81 ? 3   DT  D O4    1 
ATOM   580 C  C5    . DT  D 4 3  ? 17.949  4.308   -1.306  1.00 98.36  ? 3   DT  D C5    1 
ATOM   581 C  C7    . DT  D 4 3  ? 17.267  5.472   -0.655  1.00 82.67  ? 3   DT  D C7    1 
ATOM   582 C  C6    . DT  D 4 3  ? 18.796  4.465   -2.338  1.00 100.57 ? 3   DT  D C6    1 
ATOM   583 P  P     . DG  D 4 4  ? 21.199  4.116   -8.548  1.00 137.01 ? 4   DG  D P     1 
ATOM   584 O  OP1   . DG  D 4 4  ? 22.505  4.299   -9.227  1.00 126.46 ? 4   DG  D OP1   1 
ATOM   585 O  OP2   . DG  D 4 4  ? 20.148  5.154   -8.685  1.00 128.01 ? 4   DG  D OP2   1 
ATOM   586 O  "O5'" . DG  D 4 4  ? 20.599  2.691   -8.968  1.00 123.77 ? 4   DG  D "O5'" 1 
ATOM   587 C  "C5'" . DG  D 4 4  ? 21.480  1.614   -9.257  1.00 117.23 ? 4   DG  D "C5'" 1 
ATOM   588 C  "C4'" . DG  D 4 4  ? 20.896  0.295   -8.795  1.00 118.95 ? 4   DG  D "C4'" 1 
ATOM   589 O  "O4'" . DG  D 4 4  ? 20.243  0.474   -7.514  1.00 122.87 ? 4   DG  D "O4'" 1 
ATOM   590 C  "C3'" . DG  D 4 4  ? 19.853  -0.323  -9.726  1.00 116.97 ? 4   DG  D "C3'" 1 
ATOM   591 O  "O3'" . DG  D 4 4  ? 20.128  -1.709  -9.865  1.00 127.96 ? 4   DG  D "O3'" 1 
ATOM   592 C  "C2'" . DG  D 4 4  ? 18.531  -0.071  -8.997  1.00 120.23 ? 4   DG  D "C2'" 1 
ATOM   593 C  "C1'" . DG  D 4 4  ? 18.970  -0.130  -7.545  1.00 123.18 ? 4   DG  D "C1'" 1 
ATOM   594 N  N9    . DG  D 4 4  ? 18.097  0.604   -6.626  1.00 117.73 ? 4   DG  D N9    1 
ATOM   595 C  C8    . DG  D 4 4  ? 17.742  1.929   -6.707  1.00 109.94 ? 4   DG  D C8    1 
ATOM   596 N  N7    . DG  D 4 4  ? 16.960  2.322   -5.737  1.00 106.56 ? 4   DG  D N7    1 
ATOM   597 C  C5    . DG  D 4 4  ? 16.785  1.185   -4.961  1.00 106.90 ? 4   DG  D C5    1 
ATOM   598 C  C6    . DG  D 4 4  ? 16.035  1.003   -3.776  1.00 104.23 ? 4   DG  D C6    1 
ATOM   599 O  O6    . DG  D 4 4  ? 15.356  1.845   -3.162  1.00 98.36  ? 4   DG  D O6    1 
ATOM   600 N  N1    . DG  D 4 4  ? 16.123  -0.312  -3.307  1.00 95.45  ? 4   DG  D N1    1 
ATOM   601 C  C2    . DG  D 4 4  ? 16.848  -1.318  -3.907  1.00 98.16  ? 4   DG  D C2    1 
ATOM   602 N  N2    . DG  D 4 4  ? 16.813  -2.520  -3.306  1.00 97.05  ? 4   DG  D N2    1 
ATOM   603 N  N3    . DG  D 4 4  ? 17.557  -1.160  -5.021  1.00 105.36 ? 4   DG  D N3    1 
ATOM   604 C  C4    . DG  D 4 4  ? 17.479  0.115   -5.491  1.00 112.04 ? 4   DG  D C4    1 
ATOM   605 P  P     . DA  D 4 5  ? 19.107  -2.683  -10.630 1.00 144.09 ? 5   DA  D P     1 
ATOM   606 O  OP1   . DA  D 4 5  ? 19.888  -3.828  -11.160 1.00 129.54 ? 5   DA  D OP1   1 
ATOM   607 O  OP2   . DA  D 4 5  ? 18.293  -1.852  -11.546 1.00 136.93 ? 5   DA  D OP2   1 
ATOM   608 O  "O5'" . DA  D 4 5  ? 18.164  -3.223  -9.458  1.00 130.09 ? 5   DA  D "O5'" 1 
ATOM   609 C  "C5'" . DA  D 4 5  ? 18.717  -4.025  -8.418  1.00 127.45 ? 5   DA  D "C5'" 1 
ATOM   610 C  "C4'" . DA  D 4 5  ? 17.765  -5.139  -8.003  1.00 128.75 ? 5   DA  D "C4'" 1 
ATOM   611 O  "O4'" . DA  D 4 5  ? 16.817  -4.636  -7.036  1.00 119.34 ? 5   DA  D "O4'" 1 
ATOM   612 C  "C3'" . DA  D 4 5  ? 16.913  -5.728  -9.109  1.00 123.98 ? 5   DA  D "C3'" 1 
ATOM   613 O  "O3'" . DA  D 4 5  ? 16.521  -7.039  -8.752  1.00 119.93 ? 5   DA  D "O3'" 1 
ATOM   614 C  "C2'" . DA  D 4 5  ? 15.714  -4.785  -9.130  1.00 114.41 ? 5   DA  D "C2'" 1 
ATOM   615 C  "C1'" . DA  D 4 5  ? 15.563  -4.426  -7.654  1.00 105.62 ? 5   DA  D "C1'" 1 
ATOM   616 N  N9    . DA  D 4 5  ? 15.194  -3.039  -7.444  1.00 105.04 ? 5   DA  D N9    1 
ATOM   617 C  C8    . DA  D 4 5  ? 15.560  -1.962  -8.205  1.00 105.48 ? 5   DA  D C8    1 
ATOM   618 N  N7    . DA  D 4 5  ? 15.078  -0.820  -7.771  1.00 101.20 ? 5   DA  D N7    1 
ATOM   619 C  C5    . DA  D 4 5  ? 14.351  -1.174  -6.647  1.00 94.12  ? 5   DA  D C5    1 
ATOM   620 C  C6    . DA  D 4 5  ? 13.596  -0.418  -5.730  1.00 87.44  ? 5   DA  D C6    1 
ATOM   621 N  N6    . DA  D 4 5  ? 13.448  0.906   -5.817  1.00 92.47  ? 5   DA  D N6    1 
ATOM   622 N  N1    . DA  D 4 5  ? 12.994  -1.081  -4.719  1.00 88.47  ? 5   DA  D N1    1 
ATOM   623 C  C2    . DA  D 4 5  ? 13.147  -2.413  -4.637  1.00 96.05  ? 5   DA  D C2    1 
ATOM   624 N  N3    . DA  D 4 5  ? 13.832  -3.232  -5.439  1.00 95.12  ? 5   DA  D N3    1 
ATOM   625 C  C4    . DA  D 4 5  ? 14.415  -2.539  -6.431  1.00 99.90  ? 5   DA  D C4    1 
ATOM   626 P  P     . DG  D 4 6  ? 15.957  -8.046  -9.865  1.00 146.26 ? 6   DG  D P     1 
ATOM   627 O  OP1   . DG  D 4 6  ? 16.803  -9.264  -9.833  1.00 153.68 ? 6   DG  D OP1   1 
ATOM   628 O  OP2   . DG  D 4 6  ? 15.798  -7.279  -11.121 1.00 132.44 ? 6   DG  D OP2   1 
ATOM   629 O  "O5'" . DG  D 4 6  ? 14.492  -8.415  -9.336  1.00 131.03 ? 6   DG  D "O5'" 1 
ATOM   630 C  "C5'" . DG  D 4 6  ? 13.568  -7.376  -9.063  1.00 122.02 ? 6   DG  D "C5'" 1 
ATOM   631 C  "C4'" . DG  D 4 6  ? 12.795  -7.649  -7.791  1.00 115.37 ? 6   DG  D "C4'" 1 
ATOM   632 O  "O4'" . DG  D 4 6  ? 12.725  -6.429  -7.006  1.00 100.66 ? 6   DG  D "O4'" 1 
ATOM   633 C  "C3'" . DG  D 4 6  ? 11.357  -8.072  -8.027  1.00 107.67 ? 6   DG  D "C3'" 1 
ATOM   634 O  "O3'" . DG  D 4 6  ? 10.898  -8.932  -7.006  1.00 117.41 ? 6   DG  D "O3'" 1 
ATOM   635 C  "C2'" . DG  D 4 6  ? 10.613  -6.747  -8.014  1.00 96.42  ? 6   DG  D "C2'" 1 
ATOM   636 C  "C1'" . DG  D 4 6  ? 11.402  -5.928  -6.999  1.00 89.80  ? 6   DG  D "C1'" 1 
ATOM   637 N  N9    . DG  D 4 6  ? 11.442  -4.515  -7.353  1.00 78.66  ? 6   DG  D N9    1 
ATOM   638 C  C8    . DG  D 4 6  ? 12.106  -3.956  -8.411  1.00 85.62  ? 6   DG  D C8    1 
ATOM   639 N  N7    . DG  D 4 6  ? 11.947  -2.667  -8.504  1.00 81.57  ? 6   DG  D N7    1 
ATOM   640 C  C5    . DG  D 4 6  ? 11.112  -2.350  -7.446  1.00 74.51  ? 6   DG  D C5    1 
ATOM   641 C  C6    . DG  D 4 6  ? 10.588  -1.096  -7.041  1.00 79.28  ? 6   DG  D C6    1 
ATOM   642 O  O6    . DG  D 4 6  ? 10.777  0.012   -7.560  1.00 86.57  ? 6   DG  D O6    1 
ATOM   643 N  N1    . DG  D 4 6  ? 9.779   -1.207  -5.916  1.00 67.44  ? 6   DG  D N1    1 
ATOM   644 C  C2    . DG  D 4 6  ? 9.511   -2.384  -5.263  1.00 80.49  ? 6   DG  D C2    1 
ATOM   645 N  N2    . DG  D 4 6  ? 8.709   -2.295  -4.192  1.00 85.62  ? 6   DG  D N2    1 
ATOM   646 N  N3    . DG  D 4 6  ? 9.993   -3.573  -5.633  1.00 84.59  ? 6   DG  D N3    1 
ATOM   647 C  C4    . DG  D 4 6  ? 10.783  -3.476  -6.729  1.00 77.55  ? 6   DG  D C4    1 
ATOM   648 P  P     . DT  D 4 7  ? 9.403   -9.511  -7.097  1.00 133.28 ? 7   DT  D P     1 
ATOM   649 O  OP1   . DT  D 4 7  ? 9.278   -10.675 -6.188  1.00 139.16 ? 7   DT  D OP1   1 
ATOM   650 O  OP2   . DT  D 4 7  ? 9.094   -9.658  -8.538  1.00 125.42 ? 7   DT  D OP2   1 
ATOM   651 O  "O5'" . DT  D 4 7  ? 8.499   -8.321  -6.534  1.00 109.53 ? 7   DT  D "O5'" 1 
ATOM   652 C  "C5'" . DT  D 4 7  ? 8.684   -7.859  -5.206  1.00 131.90 ? 7   DT  D "C5'" 1 
ATOM   653 C  "C4'" . DT  D 4 7  ? 7.371   -7.364  -4.625  1.00 127.09 ? 7   DT  D "C4'" 1 
ATOM   654 O  "O4'" . DT  D 4 7  ? 7.273   -5.927  -4.798  1.00 103.04 ? 7   DT  D "O4'" 1 
ATOM   655 C  "C3'" . DT  D 4 7  ? 6.113   -7.955  -5.259  1.00 110.24 ? 7   DT  D "C3'" 1 
ATOM   656 O  "O3'" . DT  D 4 7  ? 5.122   -8.151  -4.255  1.00 99.14  ? 7   DT  D "O3'" 1 
ATOM   657 C  "C2'" . DT  D 4 7  ? 5.707   -6.889  -6.280  1.00 92.15  ? 7   DT  D "C2'" 1 
ATOM   658 C  "C1'" . DT  D 4 7  ? 6.155   -5.603  -5.603  1.00 88.90  ? 7   DT  D "C1'" 1 
ATOM   659 N  N1    . DT  D 4 7  ? 6.575   -4.543  -6.559  1.00 70.66  ? 7   DT  D N1    1 
ATOM   660 C  C2    . DT  D 4 7  ? 6.215   -3.231  -6.314  1.00 77.65  ? 7   DT  D C2    1 
ATOM   661 O  O2    . DT  D 4 7  ? 5.552   -2.883  -5.344  1.00 81.24  ? 7   DT  D O2    1 
ATOM   662 N  N3    . DT  D 4 7  ? 6.662   -2.332  -7.244  1.00 60.65  ? 7   DT  D N3    1 
ATOM   663 C  C4    . DT  D 4 7  ? 7.415   -2.601  -8.366  1.00 71.58  ? 7   DT  D C4    1 
ATOM   664 O  O4    . DT  D 4 7  ? 7.775   -1.719  -9.146  1.00 66.52  ? 7   DT  D O4    1 
ATOM   665 C  C5    . DT  D 4 7  ? 7.753   -3.993  -8.564  1.00 73.42  ? 7   DT  D C5    1 
ATOM   666 C  C7    . DT  D 4 7  ? 8.565   -4.399  -9.754  1.00 70.12  ? 7   DT  D C7    1 
ATOM   667 C  C6    . DT  D 4 7  ? 7.321   -4.888  -7.660  1.00 65.84  ? 7   DT  D C6    1 
ATOM   668 P  P     . DG  D 4 8  ? 3.579   -8.390  -4.627  1.00 105.98 ? 8   DG  D P     1 
ATOM   669 O  OP1   . DG  D 4 8  ? 3.074   -9.300  -3.580  1.00 110.16 ? 8   DG  D OP1   1 
ATOM   670 O  OP2   . DG  D 4 8  ? 3.386   -8.741  -6.049  1.00 109.19 ? 8   DG  D OP2   1 
ATOM   671 O  "O5'" . DG  D 4 8  ? 2.901   -6.983  -4.324  1.00 75.40  ? 8   DG  D "O5'" 1 
ATOM   672 C  "C5'" . DG  D 4 8  ? 2.860   -6.539  -2.984  1.00 75.45  ? 8   DG  D "C5'" 1 
ATOM   673 C  "C4'" . DG  D 4 8  ? 1.932   -5.354  -2.802  1.00 74.65  ? 8   DG  D "C4'" 1 
ATOM   674 O  "O4'" . DG  D 4 8  ? 2.298   -4.285  -3.706  1.00 81.41  ? 8   DG  D "O4'" 1 
ATOM   675 C  "C3'" . DG  D 4 8  ? 0.460   -5.613  -3.045  1.00 67.42  ? 8   DG  D "C3'" 1 
ATOM   676 O  "O3'" . DG  D 4 8  ? -0.282  -4.769  -2.185  1.00 68.83  ? 8   DG  D "O3'" 1 
ATOM   677 C  "C2'" . DG  D 4 8  ? 0.288   -5.238  -4.520  1.00 73.71  ? 8   DG  D "C2'" 1 
ATOM   678 C  "C1'" . DG  D 4 8  ? 1.298   -4.101  -4.692  1.00 74.38  ? 8   DG  D "C1'" 1 
ATOM   679 N  N9    . DG  D 4 8  ? 1.980   -4.071  -5.986  1.00 70.28  ? 8   DG  D N9    1 
ATOM   680 C  C8    . DG  D 4 8  ? 2.454   -5.146  -6.702  1.00 72.72  ? 8   DG  D C8    1 
ATOM   681 N  N7    . DG  D 4 8  ? 3.060   -4.805  -7.810  1.00 67.53  ? 8   DG  D N7    1 
ATOM   682 C  C5    . DG  D 4 8  ? 2.999   -3.418  -7.819  1.00 58.05  ? 8   DG  D C5    1 
ATOM   683 C  C6    . DG  D 4 8  ? 3.497   -2.494  -8.764  1.00 65.24  ? 8   DG  D C6    1 
ATOM   684 O  O6    . DG  D 4 8  ? 4.104   -2.730  -9.820  1.00 68.21  ? 8   DG  D O6    1 
ATOM   685 N  N1    . DG  D 4 8  ? 3.225   -1.177  -8.390  1.00 62.06  ? 8   DG  D N1    1 
ATOM   686 C  C2    . DG  D 4 8  ? 2.562   -0.809  -7.247  1.00 67.04  ? 8   DG  D C2    1 
ATOM   687 N  N2    . DG  D 4 8  ? 2.398   0.505   -7.055  1.00 74.07  ? 8   DG  D N2    1 
ATOM   688 N  N3    . DG  D 4 8  ? 2.094   -1.666  -6.349  1.00 67.18  ? 8   DG  D N3    1 
ATOM   689 C  C4    . DG  D 4 8  ? 2.346   -2.950  -6.701  1.00 64.58  ? 8   DG  D C4    1 
ATOM   690 P  P     . DG  D 4 9  ? -1.880  -4.836  -2.139  1.00 83.23  ? 9   DG  D P     1 
ATOM   691 O  OP1   . DG  D 4 9  ? -2.328  -4.441  -0.778  1.00 82.15  ? 9   DG  D OP1   1 
ATOM   692 O  OP2   . DG  D 4 9  ? -2.294  -6.146  -2.694  1.00 85.06  ? 9   DG  D OP2   1 
ATOM   693 O  "O5'" . DG  D 4 9  ? -2.311  -3.714  -3.188  1.00 76.34  ? 9   DG  D "O5'" 1 
ATOM   694 C  "C5'" . DG  D 4 9  ? -2.465  -2.369  -2.784  1.00 61.33  ? 9   DG  D "C5'" 1 
ATOM   695 C  "C4'" . DG  D 4 9  ? -2.778  -1.529  -3.988  1.00 69.64  ? 9   DG  D "C4'" 1 
ATOM   696 O  "O4'" . DG  D 4 9  ? -1.838  -1.883  -5.033  1.00 74.99  ? 9   DG  D "O4'" 1 
ATOM   697 C  "C3'" . DG  D 4 9  ? -4.177  -1.773  -4.579  1.00 68.56  ? 9   DG  D "C3'" 1 
ATOM   698 O  "O3'" . DG  D 4 9  ? -4.919  -0.547  -4.670  1.00 61.69  ? 9   DG  D "O3'" 1 
ATOM   699 C  "C2'" . DG  D 4 9  ? -3.883  -2.361  -5.976  1.00 72.46  ? 9   DG  D "C2'" 1 
ATOM   700 C  "C1'" . DG  D 4 9  ? -2.498  -1.805  -6.254  1.00 65.49  ? 9   DG  D "C1'" 1 
ATOM   701 N  N9    . DG  D 4 9  ? -1.719  -2.523  -7.264  1.00 66.39  ? 9   DG  D N9    1 
ATOM   702 C  C8    . DG  D 4 9  ? -1.560  -3.883  -7.411  1.00 66.39  ? 9   DG  D C8    1 
ATOM   703 N  N7    . DG  D 4 9  ? -0.786  -4.209  -8.421  1.00 58.44  ? 9   DG  D N7    1 
ATOM   704 C  C5    . DG  D 4 9  ? -0.413  -2.988  -8.968  1.00 56.21  ? 9   DG  D C5    1 
ATOM   705 C  C6    . DG  D 4 9  ? 0.416   -2.697  -10.079 1.00 60.50  ? 9   DG  D C6    1 
ATOM   706 O  O6    . DG  D 4 9  ? 1.009   -3.492  -10.831 1.00 60.80  ? 9   DG  D O6    1 
ATOM   707 N  N1    . DG  D 4 9  ? 0.535   -1.321  -10.285 1.00 55.39  ? 9   DG  D N1    1 
ATOM   708 C  C2    . DG  D 4 9  ? -0.077  -0.355  -9.517  1.00 66.07  ? 9   DG  D C2    1 
ATOM   709 N  N2    . DG  D 4 9  ? 0.146   0.921   -9.865  1.00 71.88  ? 9   DG  D N2    1 
ATOM   710 N  N3    . DG  D 4 9  ? -0.856  -0.616  -8.482  1.00 66.32  ? 9   DG  D N3    1 
ATOM   711 C  C4    . DG  D 4 9  ? -0.976  -1.948  -8.266  1.00 67.80  ? 9   DG  D C4    1 
ATOM   712 P  P     . DG  D 4 10 ? -5.500  0.186   -3.361  1.00 74.44  ? 10  DG  D P     1 
ATOM   713 O  OP1   . DG  D 4 10 ? -5.325  1.633   -3.594  1.00 103.83 ? 10  DG  D OP1   1 
ATOM   714 O  OP2   . DG  D 4 10 ? -4.959  -0.465  -2.156  1.00 81.01  ? 10  DG  D OP2   1 
ATOM   715 O  "O5'" . DG  D 4 10 ? -7.095  -0.021  -3.385  1.00 85.12  ? 10  DG  D "O5'" 1 
ATOM   716 C  "C5'" . DG  D 4 10 ? -7.663  -1.146  -4.014  1.00 84.59  ? 10  DG  D "C5'" 1 
ATOM   717 C  "C4'" . DG  D 4 10 ? -9.042  -1.471  -3.465  1.00 73.08  ? 10  DG  D "C4'" 1 
ATOM   718 O  "O4'" . DG  D 4 10 ? -9.072  -2.872  -3.120  1.00 79.84  ? 10  DG  D "O4'" 1 
ATOM   719 C  "C3'" . DG  D 4 10 ? -9.427  -0.745  -2.194  1.00 74.47  ? 10  DG  D "C3'" 1 
ATOM   720 O  "O3'" . DG  D 4 10 ? -10.078 0.484   -2.515  1.00 87.95  ? 10  DG  D "O3'" 1 
ATOM   721 C  "C2'" . DG  D 4 10 ? -10.395 -1.726  -1.548  1.00 72.19  ? 10  DG  D "C2'" 1 
ATOM   722 C  "C1'" . DG  D 4 10 ? -9.798  -3.072  -1.928  1.00 76.52  ? 10  DG  D "C1'" 1 
ATOM   723 N  N9    . DG  D 4 10 ? -8.892  -3.613  -0.924  1.00 67.69  ? 10  DG  D N9    1 
ATOM   724 C  C8    . DG  D 4 10 ? -7.536  -3.738  -1.034  1.00 66.47  ? 10  DG  D C8    1 
ATOM   725 N  N7    . DG  D 4 10 ? -6.975  -4.253  0.024   1.00 66.68  ? 10  DG  D N7    1 
ATOM   726 C  C5    . DG  D 4 10 ? -8.027  -4.483  0.892   1.00 62.85  ? 10  DG  D C5    1 
ATOM   727 C  C6    . DG  D 4 10 ? -8.018  -5.032  2.191   1.00 69.25  ? 10  DG  D C6    1 
ATOM   728 O  O6    . DG  D 4 10 ? -7.047  -5.432  2.845   1.00 82.05  ? 10  DG  D O6    1 
ATOM   729 N  N1    . DG  D 4 10 ? -9.297  -5.094  2.733   1.00 68.19  ? 10  DG  D N1    1 
ATOM   730 C  C2    . DG  D 4 10 ? -10.437 -4.682  2.089   1.00 76.42  ? 10  DG  D C2    1 
ATOM   731 N  N2    . DG  D 4 10 ? -11.585 -4.824  2.769   1.00 85.53  ? 10  DG  D N2    1 
ATOM   732 N  N3    . DG  D 4 10 ? -10.456 -4.166  0.859   1.00 66.29  ? 10  DG  D N3    1 
ATOM   733 C  C4    . DG  D 4 10 ? -9.216  -4.097  0.328   1.00 63.03  ? 10  DG  D C4    1 
ATOM   734 P  P     . DG  D 4 11 ? -10.204 1.661   -1.418  1.00 96.67  ? 11  DG  D P     1 
ATOM   735 O  OP1   . DG  D 4 11 ? -11.094 2.701   -1.984  1.00 78.24  ? 11  DG  D OP1   1 
ATOM   736 O  OP2   . DG  D 4 11 ? -8.839  2.038   -0.981  1.00 89.43  ? 11  DG  D OP2   1 
ATOM   737 O  "O5'" . DG  D 4 11 ? -10.939 0.971   -0.171  1.00 76.13  ? 11  DG  D "O5'" 1 
ATOM   738 C  "C5'" . DG  D 4 11 ? -12.355 0.779   -0.192  1.00 78.55  ? 11  DG  D "C5'" 1 
ATOM   739 C  "C4'" . DG  D 4 11 ? -12.815 0.034   1.047   1.00 83.72  ? 11  DG  D "C4'" 1 
ATOM   740 O  "O4'" . DG  D 4 11 ? -11.954 -1.101  1.262   1.00 81.38  ? 11  DG  D "O4'" 1 
ATOM   741 C  "C3'" . DG  D 4 11 ? -12.735 0.830   2.337   1.00 89.02  ? 11  DG  D "C3'" 1 
ATOM   742 O  "O3'" . DG  D 4 11 ? -13.947 1.577   2.520   1.00 87.25  ? 11  DG  D "O3'" 1 
ATOM   743 C  "C2'" . DG  D 4 11 ? -12.573 -0.259  3.404   1.00 75.80  ? 11  DG  D "C2'" 1 
ATOM   744 C  "C1'" . DG  D 4 11 ? -11.905 -1.409  2.644   1.00 72.39  ? 11  DG  D "C1'" 1 
ATOM   745 N  N9    . DG  D 4 11 ? -10.514 -1.631  3.009   1.00 68.21  ? 11  DG  D N9    1 
ATOM   746 C  C8    . DG  D 4 11 ? -9.411  -1.392  2.231   1.00 69.50  ? 11  DG  D C8    1 
ATOM   747 N  N7    . DG  D 4 11 ? -8.286  -1.700  2.815   1.00 62.31  ? 11  DG  D N7    1 
ATOM   748 C  C5    . DG  D 4 11 ? -8.671  -2.174  4.061   1.00 69.48  ? 11  DG  D C5    1 
ATOM   749 C  C6    . DG  D 4 11 ? -7.886  -2.652  5.135   1.00 80.03  ? 11  DG  D C6    1 
ATOM   750 O  O6    . DG  D 4 11 ? -6.651  -2.753  5.198   1.00 85.88  ? 11  DG  D O6    1 
ATOM   751 N  N1    . DG  D 4 11 ? -8.672  -3.035  6.218   1.00 79.91  ? 11  DG  D N1    1 
ATOM   752 C  C2    . DG  D 4 11 ? -10.043 -2.966  6.252   1.00 80.31  ? 11  DG  D C2    1 
ATOM   753 N  N2    . DG  D 4 11 ? -10.630 -3.382  7.381   1.00 87.06  ? 11  DG  D N2    1 
ATOM   754 N  N3    . DG  D 4 11 ? -10.791 -2.520  5.249   1.00 74.14  ? 11  DG  D N3    1 
ATOM   755 C  C4    . DG  D 4 11 ? -10.040 -2.142  4.193   1.00 70.10  ? 11  DG  D C4    1 
ATOM   756 P  P     . DT  D 4 12 ? -14.023 2.753   3.616   1.00 110.64 ? 12  DT  D P     1 
ATOM   757 O  OP1   . DT  D 4 12 ? -15.331 3.423   3.425   1.00 95.43  ? 12  DT  D OP1   1 
ATOM   758 O  OP2   . DT  D 4 12 ? -12.774 3.550   3.573   1.00 96.78  ? 12  DT  D OP2   1 
ATOM   759 O  "O5'" . DT  D 4 12 ? -14.045 1.970   5.007   1.00 71.43  ? 12  DT  D "O5'" 1 
ATOM   760 C  "C5'" . DT  D 4 12 ? -15.161 1.171   5.327   1.00 73.72  ? 12  DT  D "C5'" 1 
ATOM   761 C  "C4'" . DT  D 4 12 ? -14.975 0.509   6.672   1.00 95.00  ? 12  DT  D "C4'" 1 
ATOM   762 O  "O4'" . DT  D 4 12 ? -13.671 -0.133  6.718   1.00 95.71  ? 12  DT  D "O4'" 1 
ATOM   763 C  "C3'" . DT  D 4 12 ? -15.017 1.451   7.873   1.00 96.12  ? 12  DT  D "C3'" 1 
ATOM   764 O  "O3'" . DT  D 4 12 ? -15.627 0.788   8.961   1.00 101.28 ? 12  DT  D "O3'" 1 
ATOM   765 C  "C2'" . DT  D 4 12 ? -13.537 1.715   8.139   1.00 93.23  ? 12  DT  D "C2'" 1 
ATOM   766 C  "C1'" . DT  D 4 12 ? -12.936 0.358   7.819   1.00 89.31  ? 12  DT  D "C1'" 1 
ATOM   767 N  N1    . DT  D 4 12 ? -11.503 0.421   7.428   1.00 83.97  ? 12  DT  D N1    1 
ATOM   768 C  C2    . DT  D 4 12 ? -10.559 -0.216  8.206   1.00 86.60  ? 12  DT  D C2    1 
ATOM   769 O  O2    . DT  D 4 12 ? -10.831 -0.842  9.215   1.00 95.68  ? 12  DT  D O2    1 
ATOM   770 N  N3    . DT  D 4 12 ? -9.274  -0.097  7.753   1.00 78.58  ? 12  DT  D N3    1 
ATOM   771 C  C4    . DT  D 4 12 ? -8.846  0.582   6.626   1.00 77.12  ? 12  DT  D C4    1 
ATOM   772 O  O4    . DT  D 4 12 ? -7.664  0.634   6.300   1.00 83.82  ? 12  DT  D O4    1 
ATOM   773 C  C5    . DT  D 4 12 ? -9.887  1.228   5.860   1.00 72.68  ? 12  DT  D C5    1 
ATOM   774 C  C7    . DT  D 4 12 ? -9.546  1.996   4.617   1.00 72.82  ? 12  DT  D C7    1 
ATOM   775 C  C6    . DT  D 4 12 ? -11.149 1.118   6.295   1.00 78.22  ? 12  DT  D C6    1 
ATOM   776 P  P     . DC  D 4 13 ? -16.075 1.597   10.269  1.00 108.73 ? 13  DC  D P     1 
ATOM   777 O  OP1   . DC  D 4 13 ? -17.541 1.444   10.395  1.00 113.16 ? 13  DC  D OP1   1 
ATOM   778 O  OP2   . DC  D 4 13 ? -15.490 2.952   10.186  1.00 104.82 ? 13  DC  D OP2   1 
ATOM   779 O  "O5'" . DC  D 4 13 ? -15.360 0.807   11.461  1.00 85.19  ? 13  DC  D "O5'" 1 
ATOM   780 C  "C5'" . DC  D 4 13 ? -14.074 0.277   11.255  1.00 85.07  ? 13  DC  D "C5'" 1 
ATOM   781 C  "C4'" . DC  D 4 13 ? -13.545 -0.391  12.504  1.00 93.73  ? 13  DC  D "C4'" 1 
ATOM   782 O  "O4'" . DC  D 4 13 ? -12.127 -0.623  12.330  1.00 104.08 ? 13  DC  D "O4'" 1 
ATOM   783 C  "C3'" . DC  D 4 13 ? -13.633 0.446   13.764  1.00 100.34 ? 13  DC  D "C3'" 1 
ATOM   784 O  "O3'" . DC  D 4 13 ? -13.502 -0.386  14.913  1.00 102.71 ? 13  DC  D "O3'" 1 
ATOM   785 C  "C2'" . DC  D 4 13 ? -12.421 1.348   13.606  1.00 103.15 ? 13  DC  D "C2'" 1 
ATOM   786 C  "C1'" . DC  D 4 13 ? -11.396 0.381   13.011  1.00 96.77  ? 13  DC  D "C1'" 1 
ATOM   787 N  N1    . DC  D 4 13 ? -10.468 1.030   12.048  1.00 92.47  ? 13  DC  D N1    1 
ATOM   788 C  C2    . DC  D 4 13 ? -9.100  0.757   12.116  1.00 101.18 ? 13  DC  D C2    1 
ATOM   789 O  O2    . DC  D 4 13 ? -8.684  -0.040  12.971  1.00 103.00 ? 13  DC  D O2    1 
ATOM   790 N  N3    . DC  D 4 13 ? -8.266  1.365   11.235  1.00 98.82  ? 13  DC  D N3    1 
ATOM   791 C  C4    . DC  D 4 13 ? -8.755  2.215   10.332  1.00 93.77  ? 13  DC  D C4    1 
ATOM   792 N  N4    . DC  D 4 13 ? -7.897  2.790   9.485   1.00 98.82  ? 13  DC  D N4    1 
ATOM   793 C  C5    . DC  D 4 13 ? -10.146 2.509   10.255  1.00 91.83  ? 13  DC  D C5    1 
ATOM   794 C  C6    . DC  D 4 13 ? -10.958 1.899   11.122  1.00 87.89  ? 13  DC  D C6    1 
ATOM   795 P  P     . DT  D 4 14 ? -13.581 0.252   16.387  1.00 114.72 ? 14  DT  D P     1 
ATOM   796 O  OP1   . DT  D 4 14 ? -14.019 -0.816  17.315  1.00 112.87 ? 14  DT  D OP1   1 
ATOM   797 O  OP2   . DT  D 4 14 ? -14.340 1.519   16.268  1.00 99.74  ? 14  DT  D OP2   1 
ATOM   798 O  "O5'" . DT  D 4 14 ? -12.065 0.589   16.763  1.00 100.92 ? 14  DT  D "O5'" 1 
ATOM   799 C  "C5'" . DT  D 4 14 ? -11.239 -0.414  17.330  1.00 90.34  ? 14  DT  D "C5'" 1 
ATOM   800 C  "C4'" . DT  D 4 14 ? -9.777  -0.010  17.251  1.00 103.01 ? 14  DT  D "C4'" 1 
ATOM   801 O  "O4'" . DT  D 4 14 ? -9.544  0.722   16.037  1.00 110.40 ? 14  DT  D "O4'" 1 
ATOM   802 C  "C3'" . DT  D 4 14 ? -9.299  0.924   18.363  1.00 109.36 ? 14  DT  D "C3'" 1 
ATOM   803 O  "O3'" . DT  D 4 14 ? -8.613  0.183   19.367  1.00 107.76 ? 14  DT  D "O3'" 1 
ATOM   804 C  "C2'" . DT  D 4 14 ? -8.359  1.925   17.655  1.00 109.54 ? 14  DT  D "C2'" 1 
ATOM   805 C  "C1'" . DT  D 4 14 ? -8.364  1.455   16.207  1.00 100.48 ? 14  DT  D "C1'" 1 
ATOM   806 N  N1    . DT  D 4 14 ? -8.332  2.558   15.217  1.00 99.02  ? 14  DT  D N1    1 
ATOM   807 C  C2    . DT  D 4 14 ? -7.119  3.035   14.819  1.00 105.07 ? 14  DT  D C2    1 
ATOM   808 O  O2    . DT  D 4 14 ? -6.067  2.602   15.247  1.00 107.98 ? 14  DT  D O2    1 
ATOM   809 N  N3    . DT  D 4 14 ? -7.169  4.043   13.892  1.00 107.52 ? 14  DT  D N3    1 
ATOM   810 C  C4    . DT  D 4 14 ? -8.296  4.612   13.332  1.00 102.33 ? 14  DT  D C4    1 
ATOM   811 O  O4    . DT  D 4 14 ? -8.232  5.521   12.503  1.00 108.36 ? 14  DT  D O4    1 
ATOM   812 C  C5    . DT  D 4 14 ? -9.548  4.072   13.793  1.00 97.52  ? 14  DT  D C5    1 
ATOM   813 C  C7    . DT  D 4 14 ? -10.835 4.620   13.253  1.00 87.75  ? 14  DT  D C7    1 
ATOM   814 C  C6    . DT  D 4 14 ? -9.511  3.077   14.708  1.00 100.19 ? 14  DT  D C6    1 
ATOM   815 P  P     . DG  D 4 15 ? -9.093  0.281   20.897  1.00 113.04 ? 15  DG  D P     1 
ATOM   816 O  OP1   . DG  D 4 15 ? -9.085  -1.079  21.484  1.00 112.21 ? 15  DG  D OP1   1 
ATOM   817 O  OP2   . DG  D 4 15 ? -10.337 1.093   20.891  1.00 102.00 ? 15  DG  D OP2   1 
ATOM   818 O  "O5'" . DG  D 4 15 ? -7.945  1.127   21.620  1.00 110.06 ? 15  DG  D "O5'" 1 
ATOM   819 C  "C5'" . DG  D 4 15 ? -6.581  0.780   21.466  1.00 103.99 ? 15  DG  D "C5'" 1 
ATOM   820 C  "C4'" . DG  D 4 15 ? -5.757  2.041   21.391  1.00 107.00 ? 15  DG  D "C4'" 1 
ATOM   821 O  "O4'" . DG  D 4 15 ? -5.868  2.579   20.065  1.00 109.07 ? 15  DG  D "O4'" 1 
ATOM   822 C  "C3'" . DG  D 4 15 ? -6.269  3.155   22.291  1.00 112.23 ? 15  DG  D "C3'" 1 
ATOM   823 O  "O3'" . DG  D 4 15 ? -5.651  3.132   23.607  1.00 122.82 ? 15  DG  D "O3'" 1 
ATOM   824 C  "C2'" . DG  D 4 15 ? -5.959  4.441   21.522  1.00 111.72 ? 15  DG  D "C2'" 1 
ATOM   825 C  "C1'" . DG  D 4 15 ? -5.614  3.960   20.113  1.00 108.77 ? 15  DG  D "C1'" 1 
ATOM   826 N  N9    . DG  D 4 15 ? -6.400  4.624   19.092  1.00 98.58  ? 15  DG  D N9    1 
ATOM   827 C  C8    . DG  D 4 15 ? -7.728  4.950   19.157  1.00 100.59 ? 15  DG  D C8    1 
ATOM   828 N  N7    . DG  D 4 15 ? -8.163  5.567   18.095  1.00 103.17 ? 15  DG  D N7    1 
ATOM   829 C  C5    . DG  D 4 15 ? -7.045  5.663   17.281  1.00 105.95 ? 15  DG  D C5    1 
ATOM   830 C  C6    . DG  D 4 15 ? -6.902  6.237   16.002  1.00 102.23 ? 15  DG  D C6    1 
ATOM   831 O  O6    . DG  D 4 15 ? -7.767  6.791   15.310  1.00 103.25 ? 15  DG  D O6    1 
ATOM   832 N  N1    . DG  D 4 15 ? -5.597  6.121   15.530  1.00 100.79 ? 15  DG  D N1    1 
ATOM   833 C  C2    . DG  D 4 15 ? -4.562  5.529   16.214  1.00 108.53 ? 15  DG  D C2    1 
ATOM   834 N  N2    . DG  D 4 15 ? -3.368  5.514   15.599  1.00 120.93 ? 15  DG  D N2    1 
ATOM   835 N  N3    . DG  D 4 15 ? -4.686  4.990   17.418  1.00 111.06 ? 15  DG  D N3    1 
ATOM   836 C  C4    . DG  D 4 15 ? -5.951  5.094   17.886  1.00 106.97 ? 15  DG  D C4    1 
ATOM   837 P  P     . DC  D 4 16 ? -4.081  2.857   23.842  1.00 127.82 ? 16  DC  D P     1 
ATOM   838 O  OP1   . DC  D 4 16 ? -3.799  1.429   23.583  1.00 124.14 ? 16  DC  D OP1   1 
ATOM   839 O  OP2   . DC  D 4 16 ? -3.786  3.403   25.185  1.00 128.64 ? 16  DC  D OP2   1 
ATOM   840 O  "O5'" . DC  D 4 16 ? -3.320  3.802   22.791  1.00 132.62 ? 16  DC  D "O5'" 1 
ATOM   841 C  "C5'" . DC  D 4 16 ? -3.062  5.181   23.112  1.00 137.64 ? 16  DC  D "C5'" 1 
ATOM   842 C  "C4'" . DC  D 4 16 ? -2.370  5.896   21.954  1.00 139.63 ? 16  DC  D "C4'" 1 
ATOM   843 O  "O4'" . DC  D 4 16 ? -3.308  6.116   20.867  1.00 136.85 ? 16  DC  D "O4'" 1 
ATOM   844 C  "C3'" . DC  D 4 16 ? -1.790  7.275   22.298  1.00 133.72 ? 16  DC  D "C3'" 1 
ATOM   845 O  "O3'" . DC  D 4 16 ? -0.372  7.271   22.125  1.00 123.51 ? 16  DC  D "O3'" 1 
ATOM   846 C  "C2'" . DC  D 4 16 ? -2.483  8.243   21.321  1.00 126.22 ? 16  DC  D "C2'" 1 
ATOM   847 C  "C1'" . DC  D 4 16 ? -2.967  7.314   20.217  1.00 124.25 ? 16  DC  D "C1'" 1 
ATOM   848 N  N1    . DC  D 4 16 ? -4.172  7.835   19.470  1.00 111.28 ? 16  DC  D N1    1 
ATOM   849 C  C2    . DC  D 4 16 ? -4.022  8.349   18.177  1.00 107.74 ? 16  DC  D C2    1 
ATOM   850 O  O2    . DC  D 4 16 ? -2.898  8.366   17.659  1.00 114.13 ? 16  DC  D O2    1 
ATOM   851 N  N3    . DC  D 4 16 ? -5.116  8.815   17.526  1.00 105.92 ? 16  DC  D N3    1 
ATOM   852 C  C4    . DC  D 4 16 ? -6.309  8.782   18.113  1.00 99.11  ? 16  DC  D C4    1 
ATOM   853 N  N4    . DC  D 4 16 ? -7.355  9.254   17.430  1.00 91.76  ? 16  DC  D N4    1 
ATOM   854 C  C5    . DC  D 4 16 ? -6.482  8.265   19.426  1.00 94.62  ? 16  DC  D C5    1 
ATOM   855 C  C6    . DC  D 4 16 ? -5.399  7.808   20.061  1.00 104.00 ? 16  DC  D C6    1 
HETATM 856 AS AS    . CAC E 5 .  ? -0.303  -8.226  -10.435 1.00 190.14 ? 101 CAC C AS    1 
HETATM 857 AS AS    . CAC F 5 .  ? -4.465  -1.319  1.962   1.00 155.76 ? 101 CAC D AS    1 
# 
loop_
_pdbx_poly_seq_scheme.asym_id 
_pdbx_poly_seq_scheme.entity_id 
_pdbx_poly_seq_scheme.seq_id 
_pdbx_poly_seq_scheme.mon_id 
_pdbx_poly_seq_scheme.ndb_seq_num 
_pdbx_poly_seq_scheme.pdb_seq_num 
_pdbx_poly_seq_scheme.auth_seq_num 
_pdbx_poly_seq_scheme.pdb_mon_id 
_pdbx_poly_seq_scheme.auth_mon_id 
_pdbx_poly_seq_scheme.pdb_strand_id 
_pdbx_poly_seq_scheme.pdb_ins_code 
_pdbx_poly_seq_scheme.hetero 
A 1 1  DG 1  1  1  DG DG A . n 
A 1 2  DA 2  2  2  DA DA A . n 
A 1 3  DG 3  3  3  DG DG A . n 
A 1 4  DC 4  4  4  DC DC A . n 
A 1 5  DA 5  5  5  DA DA A . n 
A 1 6  DG 6  6  6  DG DG A . n 
A 1 7  DA 7  7  7  DA DA A . n 
A 1 8  DC 8  8  8  DC DC A . n 
A 1 9  DC 9  9  9  DC DC A . n 
A 1 10 DT 10 10 10 DT DT A . n 
A 1 11 DG 11 11 11 DG DG A . n 
B 2 1  DA 1  12 12 DA DA B . n 
B 2 2  DC 2  13 13 DC DC B . n 
B 2 3  DA 3  14 14 DA DA B . n 
B 2 4  DC 4  15 15 DC DC B . n 
B 2 5  DC 5  16 16 DC DC B . n 
B 2 6  DA 6  17 17 DA DA B . n 
B 2 7  DC 7  18 18 DC DC B . n 
B 2 8  DT 8  19 19 DT DT B . n 
B 2 9  DC 9  20 20 DC DC B . n 
B 2 10 DA 10 21 21 DA DA B . n 
C 3 1  DC 1  1  1  DC DC C . n 
C 3 2  DA 2  2  2  DA DA C . n 
C 3 3  DT 3  3  3  DT DT C . n 
C 3 4  DG 4  4  4  DG DG C . n 
C 3 5  DT 5  5  5  DT DT C . n 
D 4 1  DT 1  1  1  DT DT D . n 
D 4 2  DC 2  2  2  DC DC D . n 
D 4 3  DT 3  3  3  DT DT D . n 
D 4 4  DG 4  4  4  DG DG D . n 
D 4 5  DA 5  5  5  DA DA D . n 
D 4 6  DG 6  6  6  DG DG D . n 
D 4 7  DT 7  7  7  DT DT D . n 
D 4 8  DG 8  8  8  DG DG D . n 
D 4 9  DG 9  9  9  DG DG D . n 
D 4 10 DG 10 10 10 DG DG D . n 
D 4 11 DG 11 11 11 DG DG D . n 
D 4 12 DT 12 12 12 DT DT D . n 
D 4 13 DC 13 13 13 DC DC D . n 
D 4 14 DT 14 14 14 DT DT D . n 
D 4 15 DG 15 15 15 DG DG D . n 
D 4 16 DC 16 16 16 DC DC D . n 
# 
loop_
_pdbx_nonpoly_scheme.asym_id 
_pdbx_nonpoly_scheme.entity_id 
_pdbx_nonpoly_scheme.mon_id 
_pdbx_nonpoly_scheme.ndb_seq_num 
_pdbx_nonpoly_scheme.pdb_seq_num 
_pdbx_nonpoly_scheme.auth_seq_num 
_pdbx_nonpoly_scheme.pdb_mon_id 
_pdbx_nonpoly_scheme.auth_mon_id 
_pdbx_nonpoly_scheme.pdb_strand_id 
_pdbx_nonpoly_scheme.pdb_ins_code 
E 5 CAC 1 101 2 CAC AS C . 
F 5 CAC 1 101 1 CAC AS D . 
# 
_pdbx_struct_assembly.id                   1 
_pdbx_struct_assembly.details              author_and_software_defined_assembly 
_pdbx_struct_assembly.method_details       PISA 
_pdbx_struct_assembly.oligomeric_details   tetrameric 
_pdbx_struct_assembly.oligomeric_count     4 
# 
_pdbx_struct_assembly_gen.assembly_id       1 
_pdbx_struct_assembly_gen.oper_expression   1 
_pdbx_struct_assembly_gen.asym_id_list      A,B,C,D,E,F 
# 
loop_
_pdbx_struct_assembly_prop.biol_id 
_pdbx_struct_assembly_prop.type 
_pdbx_struct_assembly_prop.value 
_pdbx_struct_assembly_prop.details 
1 'ABSA (A^2)' 2680 ? 
1 MORE         -13  ? 
1 'SSA (A^2)'  7730 ? 
# 
_pdbx_struct_oper_list.id                   1 
_pdbx_struct_oper_list.type                 'identity operation' 
_pdbx_struct_oper_list.name                 1_555 
_pdbx_struct_oper_list.symmetry_operation   x,y,z 
_pdbx_struct_oper_list.matrix[1][1]         1.0000000000 
_pdbx_struct_oper_list.matrix[1][2]         0.0000000000 
_pdbx_struct_oper_list.matrix[1][3]         0.0000000000 
_pdbx_struct_oper_list.vector[1]            0.0000000000 
_pdbx_struct_oper_list.matrix[2][1]         0.0000000000 
_pdbx_struct_oper_list.matrix[2][2]         1.0000000000 
_pdbx_struct_oper_list.matrix[2][3]         0.0000000000 
_pdbx_struct_oper_list.vector[2]            0.0000000000 
_pdbx_struct_oper_list.matrix[3][1]         0.0000000000 
_pdbx_struct_oper_list.matrix[3][2]         0.0000000000 
_pdbx_struct_oper_list.matrix[3][3]         1.0000000000 
_pdbx_struct_oper_list.vector[3]            0.0000000000 
# 
loop_
_pdbx_audit_revision_history.ordinal 
_pdbx_audit_revision_history.data_content_type 
_pdbx_audit_revision_history.major_revision 
_pdbx_audit_revision_history.minor_revision 
_pdbx_audit_revision_history.revision_date 
1 'Structure model' 1 0 2021-07-14 
2 'Structure model' 1 1 2022-07-06 
3 'Structure model' 1 2 2023-10-18 
# 
_pdbx_audit_revision_details.ordinal             1 
_pdbx_audit_revision_details.revision_ordinal    1 
_pdbx_audit_revision_details.data_content_type   'Structure model' 
_pdbx_audit_revision_details.provider            repository 
_pdbx_audit_revision_details.type                'Initial release' 
_pdbx_audit_revision_details.description         ? 
_pdbx_audit_revision_details.details             ? 
# 
loop_
_pdbx_audit_revision_group.ordinal 
_pdbx_audit_revision_group.revision_ordinal 
_pdbx_audit_revision_group.data_content_type 
_pdbx_audit_revision_group.group 
1 2 'Structure model' 'Database references'    
2 3 'Structure model' 'Data collection'        
3 3 'Structure model' 'Refinement description' 
# 
loop_
_pdbx_audit_revision_category.ordinal 
_pdbx_audit_revision_category.revision_ordinal 
_pdbx_audit_revision_category.data_content_type 
_pdbx_audit_revision_category.category 
1 2 'Structure model' citation                      
2 2 'Structure model' citation_author               
3 2 'Structure model' database_2                    
4 3 'Structure model' chem_comp_atom                
5 3 'Structure model' chem_comp_bond                
6 3 'Structure model' pdbx_initial_refinement_model 
# 
loop_
_pdbx_audit_revision_item.ordinal 
_pdbx_audit_revision_item.revision_ordinal 
_pdbx_audit_revision_item.data_content_type 
_pdbx_audit_revision_item.item 
1  2 'Structure model' '_citation.country'                   
2  2 'Structure model' '_citation.journal_abbrev'            
3  2 'Structure model' '_citation.journal_id_CSD'            
4  2 'Structure model' '_citation.journal_id_ISSN'           
5  2 'Structure model' '_citation.journal_volume'            
6  2 'Structure model' '_citation.page_first'                
7  2 'Structure model' '_citation.page_last'                 
8  2 'Structure model' '_citation.pdbx_database_id_DOI'      
9  2 'Structure model' '_citation.pdbx_database_id_PubMed'   
10 2 'Structure model' '_citation.title'                     
11 2 'Structure model' '_citation.year'                      
12 2 'Structure model' '_database_2.pdbx_DOI'                
13 2 'Structure model' '_database_2.pdbx_database_accession' 
# 
loop_
_software.citation_id 
_software.classification 
_software.compiler_name 
_software.compiler_version 
_software.contact_author 
_software.contact_author_email 
_software.date 
_software.description 
_software.dependencies 
_software.hardware 
_software.language 
_software.location 
_software.mods 
_software.name 
_software.os 
_software.os_version 
_software.type 
_software.version 
_software.pdbx_ordinal 
? 'data reduction'  ? ? ? ? ? ? ? ? ? ? ? HKL-2000    ? ? ? .           1 
? 'data scaling'    ? ? ? ? ? ? ? ? ? ? ? HKL-2000    ? ? ? .           2 
? refinement        ? ? ? ? ? ? ? ? ? ? ? PHENIX      ? ? ? 1.11.1_2575 3 
? 'data extraction' ? ? ? ? ? ? ? ? ? ? ? PDB_EXTRACT ? ? ? 3.25        4 
? phasing           ? ? ? ? ? ? ? ? ? ? ? PHASER      ? ? ? .           5 
# 
_pdbx_entry_details.entry_id                 6XFG 
_pdbx_entry_details.has_ligand_of_interest   N 
_pdbx_entry_details.compound_details         ? 
_pdbx_entry_details.source_details           ? 
_pdbx_entry_details.nonpolymer_details       ? 
_pdbx_entry_details.sequence_details         ? 
# 
_pdbx_validate_rmsd_angle.id                         1 
_pdbx_validate_rmsd_angle.PDB_model_num              1 
_pdbx_validate_rmsd_angle.auth_atom_id_1             "O4'" 
_pdbx_validate_rmsd_angle.auth_asym_id_1             B 
_pdbx_validate_rmsd_angle.auth_comp_id_1             DC 
_pdbx_validate_rmsd_angle.auth_seq_id_1              18 
_pdbx_validate_rmsd_angle.PDB_ins_code_1             ? 
_pdbx_validate_rmsd_angle.label_alt_id_1             ? 
_pdbx_validate_rmsd_angle.auth_atom_id_2             "C1'" 
_pdbx_validate_rmsd_angle.auth_asym_id_2             B 
_pdbx_validate_rmsd_angle.auth_comp_id_2             DC 
_pdbx_validate_rmsd_angle.auth_seq_id_2              18 
_pdbx_validate_rmsd_angle.PDB_ins_code_2             ? 
_pdbx_validate_rmsd_angle.label_alt_id_2             ? 
_pdbx_validate_rmsd_angle.auth_atom_id_3             N1 
_pdbx_validate_rmsd_angle.auth_asym_id_3             B 
_pdbx_validate_rmsd_angle.auth_comp_id_3             DC 
_pdbx_validate_rmsd_angle.auth_seq_id_3              18 
_pdbx_validate_rmsd_angle.PDB_ins_code_3             ? 
_pdbx_validate_rmsd_angle.label_alt_id_3             ? 
_pdbx_validate_rmsd_angle.angle_value                110.77 
_pdbx_validate_rmsd_angle.angle_target_value         108.30 
_pdbx_validate_rmsd_angle.angle_deviation            2.47 
_pdbx_validate_rmsd_angle.angle_standard_deviation   0.30 
_pdbx_validate_rmsd_angle.linker_flag                N 
# 
loop_
_pdbx_unobs_or_zero_occ_atoms.id 
_pdbx_unobs_or_zero_occ_atoms.PDB_model_num 
_pdbx_unobs_or_zero_occ_atoms.polymer_flag 
_pdbx_unobs_or_zero_occ_atoms.occupancy_flag 
_pdbx_unobs_or_zero_occ_atoms.auth_asym_id 
_pdbx_unobs_or_zero_occ_atoms.auth_comp_id 
_pdbx_unobs_or_zero_occ_atoms.auth_seq_id 
_pdbx_unobs_or_zero_occ_atoms.PDB_ins_code 
_pdbx_unobs_or_zero_occ_atoms.auth_atom_id 
_pdbx_unobs_or_zero_occ_atoms.label_alt_id 
_pdbx_unobs_or_zero_occ_atoms.label_asym_id 
_pdbx_unobs_or_zero_occ_atoms.label_comp_id 
_pdbx_unobs_or_zero_occ_atoms.label_seq_id 
_pdbx_unobs_or_zero_occ_atoms.label_atom_id 
1 1 N 1 C CAC 101 ? O1 ? E CAC 1 O1 
2 1 N 1 C CAC 101 ? O2 ? E CAC 1 O2 
3 1 N 1 C CAC 101 ? C1 ? E CAC 1 C1 
4 1 N 1 C CAC 101 ? C2 ? E CAC 1 C2 
5 1 N 1 D CAC 101 ? O1 ? F CAC 1 O1 
6 1 N 1 D CAC 101 ? O2 ? F CAC 1 O2 
7 1 N 1 D CAC 101 ? C1 ? F CAC 1 C1 
8 1 N 1 D CAC 101 ? C2 ? F CAC 1 C2 
# 
loop_
_chem_comp_atom.comp_id 
_chem_comp_atom.atom_id 
_chem_comp_atom.type_symbol 
_chem_comp_atom.pdbx_aromatic_flag 
_chem_comp_atom.pdbx_stereo_config 
_chem_comp_atom.pdbx_ordinal 
CAC AS     AS N N 1   
CAC O1     O  N N 2   
CAC O2     O  N N 3   
CAC C1     C  N N 4   
CAC C2     C  N N 5   
CAC H11    H  N N 6   
CAC H12    H  N N 7   
CAC H13    H  N N 8   
CAC H21    H  N N 9   
CAC H22    H  N N 10  
CAC H23    H  N N 11  
DA  OP3    O  N N 12  
DA  P      P  N N 13  
DA  OP1    O  N N 14  
DA  OP2    O  N N 15  
DA  "O5'"  O  N N 16  
DA  "C5'"  C  N N 17  
DA  "C4'"  C  N R 18  
DA  "O4'"  O  N N 19  
DA  "C3'"  C  N S 20  
DA  "O3'"  O  N N 21  
DA  "C2'"  C  N N 22  
DA  "C1'"  C  N R 23  
DA  N9     N  Y N 24  
DA  C8     C  Y N 25  
DA  N7     N  Y N 26  
DA  C5     C  Y N 27  
DA  C6     C  Y N 28  
DA  N6     N  N N 29  
DA  N1     N  Y N 30  
DA  C2     C  Y N 31  
DA  N3     N  Y N 32  
DA  C4     C  Y N 33  
DA  HOP3   H  N N 34  
DA  HOP2   H  N N 35  
DA  "H5'"  H  N N 36  
DA  "H5''" H  N N 37  
DA  "H4'"  H  N N 38  
DA  "H3'"  H  N N 39  
DA  "HO3'" H  N N 40  
DA  "H2'"  H  N N 41  
DA  "H2''" H  N N 42  
DA  "H1'"  H  N N 43  
DA  H8     H  N N 44  
DA  H61    H  N N 45  
DA  H62    H  N N 46  
DA  H2     H  N N 47  
DC  OP3    O  N N 48  
DC  P      P  N N 49  
DC  OP1    O  N N 50  
DC  OP2    O  N N 51  
DC  "O5'"  O  N N 52  
DC  "C5'"  C  N N 53  
DC  "C4'"  C  N R 54  
DC  "O4'"  O  N N 55  
DC  "C3'"  C  N S 56  
DC  "O3'"  O  N N 57  
DC  "C2'"  C  N N 58  
DC  "C1'"  C  N R 59  
DC  N1     N  N N 60  
DC  C2     C  N N 61  
DC  O2     O  N N 62  
DC  N3     N  N N 63  
DC  C4     C  N N 64  
DC  N4     N  N N 65  
DC  C5     C  N N 66  
DC  C6     C  N N 67  
DC  HOP3   H  N N 68  
DC  HOP2   H  N N 69  
DC  "H5'"  H  N N 70  
DC  "H5''" H  N N 71  
DC  "H4'"  H  N N 72  
DC  "H3'"  H  N N 73  
DC  "HO3'" H  N N 74  
DC  "H2'"  H  N N 75  
DC  "H2''" H  N N 76  
DC  "H1'"  H  N N 77  
DC  H41    H  N N 78  
DC  H42    H  N N 79  
DC  H5     H  N N 80  
DC  H6     H  N N 81  
DG  OP3    O  N N 82  
DG  P      P  N N 83  
DG  OP1    O  N N 84  
DG  OP2    O  N N 85  
DG  "O5'"  O  N N 86  
DG  "C5'"  C  N N 87  
DG  "C4'"  C  N R 88  
DG  "O4'"  O  N N 89  
DG  "C3'"  C  N S 90  
DG  "O3'"  O  N N 91  
DG  "C2'"  C  N N 92  
DG  "C1'"  C  N R 93  
DG  N9     N  Y N 94  
DG  C8     C  Y N 95  
DG  N7     N  Y N 96  
DG  C5     C  Y N 97  
DG  C6     C  N N 98  
DG  O6     O  N N 99  
DG  N1     N  N N 100 
DG  C2     C  N N 101 
DG  N2     N  N N 102 
DG  N3     N  N N 103 
DG  C4     C  Y N 104 
DG  HOP3   H  N N 105 
DG  HOP2   H  N N 106 
DG  "H5'"  H  N N 107 
DG  "H5''" H  N N 108 
DG  "H4'"  H  N N 109 
DG  "H3'"  H  N N 110 
DG  "HO3'" H  N N 111 
DG  "H2'"  H  N N 112 
DG  "H2''" H  N N 113 
DG  "H1'"  H  N N 114 
DG  H8     H  N N 115 
DG  H1     H  N N 116 
DG  H21    H  N N 117 
DG  H22    H  N N 118 
DT  OP3    O  N N 119 
DT  P      P  N N 120 
DT  OP1    O  N N 121 
DT  OP2    O  N N 122 
DT  "O5'"  O  N N 123 
DT  "C5'"  C  N N 124 
DT  "C4'"  C  N R 125 
DT  "O4'"  O  N N 126 
DT  "C3'"  C  N S 127 
DT  "O3'"  O  N N 128 
DT  "C2'"  C  N N 129 
DT  "C1'"  C  N R 130 
DT  N1     N  N N 131 
DT  C2     C  N N 132 
DT  O2     O  N N 133 
DT  N3     N  N N 134 
DT  C4     C  N N 135 
DT  O4     O  N N 136 
DT  C5     C  N N 137 
DT  C7     C  N N 138 
DT  C6     C  N N 139 
DT  HOP3   H  N N 140 
DT  HOP2   H  N N 141 
DT  "H5'"  H  N N 142 
DT  "H5''" H  N N 143 
DT  "H4'"  H  N N 144 
DT  "H3'"  H  N N 145 
DT  "HO3'" H  N N 146 
DT  "H2'"  H  N N 147 
DT  "H2''" H  N N 148 
DT  "H1'"  H  N N 149 
DT  H3     H  N N 150 
DT  H71    H  N N 151 
DT  H72    H  N N 152 
DT  H73    H  N N 153 
DT  H6     H  N N 154 
# 
loop_
_chem_comp_bond.comp_id 
_chem_comp_bond.atom_id_1 
_chem_comp_bond.atom_id_2 
_chem_comp_bond.value_order 
_chem_comp_bond.pdbx_aromatic_flag 
_chem_comp_bond.pdbx_stereo_config 
_chem_comp_bond.pdbx_ordinal 
CAC AS    O1     doub N N 1   
CAC AS    O2     sing N N 2   
CAC AS    C1     sing N N 3   
CAC AS    C2     sing N N 4   
CAC C1    H11    sing N N 5   
CAC C1    H12    sing N N 6   
CAC C1    H13    sing N N 7   
CAC C2    H21    sing N N 8   
CAC C2    H22    sing N N 9   
CAC C2    H23    sing N N 10  
DA  OP3   P      sing N N 11  
DA  OP3   HOP3   sing N N 12  
DA  P     OP1    doub N N 13  
DA  P     OP2    sing N N 14  
DA  P     "O5'"  sing N N 15  
DA  OP2   HOP2   sing N N 16  
DA  "O5'" "C5'"  sing N N 17  
DA  "C5'" "C4'"  sing N N 18  
DA  "C5'" "H5'"  sing N N 19  
DA  "C5'" "H5''" sing N N 20  
DA  "C4'" "O4'"  sing N N 21  
DA  "C4'" "C3'"  sing N N 22  
DA  "C4'" "H4'"  sing N N 23  
DA  "O4'" "C1'"  sing N N 24  
DA  "C3'" "O3'"  sing N N 25  
DA  "C3'" "C2'"  sing N N 26  
DA  "C3'" "H3'"  sing N N 27  
DA  "O3'" "HO3'" sing N N 28  
DA  "C2'" "C1'"  sing N N 29  
DA  "C2'" "H2'"  sing N N 30  
DA  "C2'" "H2''" sing N N 31  
DA  "C1'" N9     sing N N 32  
DA  "C1'" "H1'"  sing N N 33  
DA  N9    C8     sing Y N 34  
DA  N9    C4     sing Y N 35  
DA  C8    N7     doub Y N 36  
DA  C8    H8     sing N N 37  
DA  N7    C5     sing Y N 38  
DA  C5    C6     sing Y N 39  
DA  C5    C4     doub Y N 40  
DA  C6    N6     sing N N 41  
DA  C6    N1     doub Y N 42  
DA  N6    H61    sing N N 43  
DA  N6    H62    sing N N 44  
DA  N1    C2     sing Y N 45  
DA  C2    N3     doub Y N 46  
DA  C2    H2     sing N N 47  
DA  N3    C4     sing Y N 48  
DC  OP3   P      sing N N 49  
DC  OP3   HOP3   sing N N 50  
DC  P     OP1    doub N N 51  
DC  P     OP2    sing N N 52  
DC  P     "O5'"  sing N N 53  
DC  OP2   HOP2   sing N N 54  
DC  "O5'" "C5'"  sing N N 55  
DC  "C5'" "C4'"  sing N N 56  
DC  "C5'" "H5'"  sing N N 57  
DC  "C5'" "H5''" sing N N 58  
DC  "C4'" "O4'"  sing N N 59  
DC  "C4'" "C3'"  sing N N 60  
DC  "C4'" "H4'"  sing N N 61  
DC  "O4'" "C1'"  sing N N 62  
DC  "C3'" "O3'"  sing N N 63  
DC  "C3'" "C2'"  sing N N 64  
DC  "C3'" "H3'"  sing N N 65  
DC  "O3'" "HO3'" sing N N 66  
DC  "C2'" "C1'"  sing N N 67  
DC  "C2'" "H2'"  sing N N 68  
DC  "C2'" "H2''" sing N N 69  
DC  "C1'" N1     sing N N 70  
DC  "C1'" "H1'"  sing N N 71  
DC  N1    C2     sing N N 72  
DC  N1    C6     sing N N 73  
DC  C2    O2     doub N N 74  
DC  C2    N3     sing N N 75  
DC  N3    C4     doub N N 76  
DC  C4    N4     sing N N 77  
DC  C4    C5     sing N N 78  
DC  N4    H41    sing N N 79  
DC  N4    H42    sing N N 80  
DC  C5    C6     doub N N 81  
DC  C5    H5     sing N N 82  
DC  C6    H6     sing N N 83  
DG  OP3   P      sing N N 84  
DG  OP3   HOP3   sing N N 85  
DG  P     OP1    doub N N 86  
DG  P     OP2    sing N N 87  
DG  P     "O5'"  sing N N 88  
DG  OP2   HOP2   sing N N 89  
DG  "O5'" "C5'"  sing N N 90  
DG  "C5'" "C4'"  sing N N 91  
DG  "C5'" "H5'"  sing N N 92  
DG  "C5'" "H5''" sing N N 93  
DG  "C4'" "O4'"  sing N N 94  
DG  "C4'" "C3'"  sing N N 95  
DG  "C4'" "H4'"  sing N N 96  
DG  "O4'" "C1'"  sing N N 97  
DG  "C3'" "O3'"  sing N N 98  
DG  "C3'" "C2'"  sing N N 99  
DG  "C3'" "H3'"  sing N N 100 
DG  "O3'" "HO3'" sing N N 101 
DG  "C2'" "C1'"  sing N N 102 
DG  "C2'" "H2'"  sing N N 103 
DG  "C2'" "H2''" sing N N 104 
DG  "C1'" N9     sing N N 105 
DG  "C1'" "H1'"  sing N N 106 
DG  N9    C8     sing Y N 107 
DG  N9    C4     sing Y N 108 
DG  C8    N7     doub Y N 109 
DG  C8    H8     sing N N 110 
DG  N7    C5     sing Y N 111 
DG  C5    C6     sing N N 112 
DG  C5    C4     doub Y N 113 
DG  C6    O6     doub N N 114 
DG  C6    N1     sing N N 115 
DG  N1    C2     sing N N 116 
DG  N1    H1     sing N N 117 
DG  C2    N2     sing N N 118 
DG  C2    N3     doub N N 119 
DG  N2    H21    sing N N 120 
DG  N2    H22    sing N N 121 
DG  N3    C4     sing N N 122 
DT  OP3   P      sing N N 123 
DT  OP3   HOP3   sing N N 124 
DT  P     OP1    doub N N 125 
DT  P     OP2    sing N N 126 
DT  P     "O5'"  sing N N 127 
DT  OP2   HOP2   sing N N 128 
DT  "O5'" "C5'"  sing N N 129 
DT  "C5'" "C4'"  sing N N 130 
DT  "C5'" "H5'"  sing N N 131 
DT  "C5'" "H5''" sing N N 132 
DT  "C4'" "O4'"  sing N N 133 
DT  "C4'" "C3'"  sing N N 134 
DT  "C4'" "H4'"  sing N N 135 
DT  "O4'" "C1'"  sing N N 136 
DT  "C3'" "O3'"  sing N N 137 
DT  "C3'" "C2'"  sing N N 138 
DT  "C3'" "H3'"  sing N N 139 
DT  "O3'" "HO3'" sing N N 140 
DT  "C2'" "C1'"  sing N N 141 
DT  "C2'" "H2'"  sing N N 142 
DT  "C2'" "H2''" sing N N 143 
DT  "C1'" N1     sing N N 144 
DT  "C1'" "H1'"  sing N N 145 
DT  N1    C2     sing N N 146 
DT  N1    C6     sing N N 147 
DT  C2    O2     doub N N 148 
DT  C2    N3     sing N N 149 
DT  N3    C4     sing N N 150 
DT  N3    H3     sing N N 151 
DT  C4    O4     doub N N 152 
DT  C4    C5     sing N N 153 
DT  C5    C7     sing N N 154 
DT  C5    C6     doub N N 155 
DT  C7    H71    sing N N 156 
DT  C7    H72    sing N N 157 
DT  C7    H73    sing N N 158 
DT  C6    H6     sing N N 159 
# 
loop_
_ndb_struct_conf_na.entry_id 
_ndb_struct_conf_na.feature 
6XFG 'double helix'        
6XFG 'a-form double helix' 
6XFG 'b-form double helix' 
# 
loop_
_ndb_struct_na_base_pair.model_number 
_ndb_struct_na_base_pair.i_label_asym_id 
_ndb_struct_na_base_pair.i_label_comp_id 
_ndb_struct_na_base_pair.i_label_seq_id 
_ndb_struct_na_base_pair.i_symmetry 
_ndb_struct_na_base_pair.j_label_asym_id 
_ndb_struct_na_base_pair.j_label_comp_id 
_ndb_struct_na_base_pair.j_label_seq_id 
_ndb_struct_na_base_pair.j_symmetry 
_ndb_struct_na_base_pair.shear 
_ndb_struct_na_base_pair.stretch 
_ndb_struct_na_base_pair.stagger 
_ndb_struct_na_base_pair.buckle 
_ndb_struct_na_base_pair.propeller 
_ndb_struct_na_base_pair.opening 
_ndb_struct_na_base_pair.pair_number 
_ndb_struct_na_base_pair.pair_name 
_ndb_struct_na_base_pair.i_auth_asym_id 
_ndb_struct_na_base_pair.i_auth_seq_id 
_ndb_struct_na_base_pair.i_PDB_ins_code 
_ndb_struct_na_base_pair.j_auth_asym_id 
_ndb_struct_na_base_pair.j_auth_seq_id 
_ndb_struct_na_base_pair.j_PDB_ins_code 
_ndb_struct_na_base_pair.hbond_type_28 
_ndb_struct_na_base_pair.hbond_type_12 
1 A DG 3  1_555 D DC 16 1_555 0.271  -0.056 0.171 -5.095 -6.175  -4.623  1  A_DG3:DC16_D A 3  ? D 16 ? 19 1 
1 A DC 4  1_555 D DG 15 1_555 -0.882 0.480  0.122 -6.315 -10.889 0.364   2  A_DC4:DG15_D A 4  ? D 15 ? 19 1 
1 A DA 5  1_555 D DT 14 1_555 -0.362 -0.019 1.619 18.769 -7.355  9.240   3  A_DA5:DT14_D A 5  ? D 14 ? 20 1 
1 A DG 6  1_555 D DC 13 1_555 0.172  -0.281 0.285 8.217  -14.208 3.195   4  A_DG6:DC13_D A 6  ? D 13 ? 19 1 
1 A DA 7  1_555 D DT 12 1_555 -0.024 -0.279 0.166 3.125  -14.347 -0.654  5  A_DA7:DT12_D A 7  ? D 12 ? 20 1 
1 A DC 8  1_555 D DG 11 1_555 0.496  -0.578 0.235 11.696 -15.033 4.031   6  A_DC8:DG11_D A 8  ? D 11 ? 22 1 
1 A DC 9  1_555 D DG 10 1_555 -0.189 -0.273 0.513 -4.927 -3.561  -3.056  7  A_DC9:DG10_D A 9  ? D 10 ? 19 1 
1 A DT 10 1_555 C DA 2  1_555 -0.955 -0.131 0.336 -5.240 -5.647  8.740   8  A_DT10:DA2_C A 10 ? C 2  ? 20 1 
1 A DG 11 1_555 C DC 1  1_555 0.761  0.138  0.486 15.234 -4.753  4.590   9  A_DG11:DC1_C A 11 ? C 1  ? 19 1 
1 B DA 1  1_555 C DT 5  1_555 0.578  -0.394 0.455 10.445 -6.649  -8.444  10 B_DA12:DT5_C B 12 ? C 5  ? 20 1 
1 B DC 2  1_555 C DG 4  1_555 0.114  -0.462 0.660 4.933  -13.869 -1.575  11 B_DC13:DG4_C B 13 ? C 4  ? 19 1 
1 B DA 3  1_555 C DT 3  1_555 -0.150 -0.148 0.325 2.648  -11.627 -11.061 12 B_DA14:DT3_C B 14 ? C 3  ? 20 1 
1 B DC 4  1_555 D DG 9  1_555 -0.113 0.068  0.551 -9.914 -10.171 -3.894  13 B_DC15:DG9_D B 15 ? D 9  ? 19 1 
1 B DC 5  1_555 D DG 8  1_555 -0.158 0.190  0.755 -3.996 -7.497  0.500   14 B_DC16:DG8_D B 16 ? D 8  ? 19 1 
1 B DA 6  1_555 D DT 7  1_555 0.623  -0.354 0.327 5.220  -6.389  2.548   15 B_DA17:DT7_D B 17 ? D 7  ? 20 1 
1 B DC 7  1_555 D DG 6  1_555 -0.609 -0.079 0.317 3.146  -4.748  -10.281 16 B_DC18:DG6_D B 18 ? D 6  ? 19 1 
1 B DT 8  1_555 D DA 5  1_555 -0.346 0.010  0.321 0.497  -5.057  1.251   17 B_DT19:DA5_D B 19 ? D 5  ? 20 1 
1 B DC 9  1_555 D DG 4  1_555 0.037  0.207  0.108 2.732  -16.883 -1.510  18 B_DC20:DG4_D B 20 ? D 4  ? 19 1 
1 B DA 10 1_555 D DT 3  1_555 1.171  -0.139 0.696 11.785 -13.156 5.984   19 B_DA21:DT3_D B 21 ? D 3  ? 20 1 
# 
loop_
_ndb_struct_na_base_pair_step.model_number 
_ndb_struct_na_base_pair_step.i_label_asym_id_1 
_ndb_struct_na_base_pair_step.i_label_comp_id_1 
_ndb_struct_na_base_pair_step.i_label_seq_id_1 
_ndb_struct_na_base_pair_step.i_symmetry_1 
_ndb_struct_na_base_pair_step.j_label_asym_id_1 
_ndb_struct_na_base_pair_step.j_label_comp_id_1 
_ndb_struct_na_base_pair_step.j_label_seq_id_1 
_ndb_struct_na_base_pair_step.j_symmetry_1 
_ndb_struct_na_base_pair_step.i_label_asym_id_2 
_ndb_struct_na_base_pair_step.i_label_comp_id_2 
_ndb_struct_na_base_pair_step.i_label_seq_id_2 
_ndb_struct_na_base_pair_step.i_symmetry_2 
_ndb_struct_na_base_pair_step.j_label_asym_id_2 
_ndb_struct_na_base_pair_step.j_label_comp_id_2 
_ndb_struct_na_base_pair_step.j_label_seq_id_2 
_ndb_struct_na_base_pair_step.j_symmetry_2 
_ndb_struct_na_base_pair_step.shift 
_ndb_struct_na_base_pair_step.slide 
_ndb_struct_na_base_pair_step.rise 
_ndb_struct_na_base_pair_step.tilt 
_ndb_struct_na_base_pair_step.roll 
_ndb_struct_na_base_pair_step.twist 
_ndb_struct_na_base_pair_step.x_displacement 
_ndb_struct_na_base_pair_step.y_displacement 
_ndb_struct_na_base_pair_step.helical_rise 
_ndb_struct_na_base_pair_step.inclination 
_ndb_struct_na_base_pair_step.tip 
_ndb_struct_na_base_pair_step.helical_twist 
_ndb_struct_na_base_pair_step.step_number 
_ndb_struct_na_base_pair_step.step_name 
_ndb_struct_na_base_pair_step.i_auth_asym_id_1 
_ndb_struct_na_base_pair_step.i_auth_seq_id_1 
_ndb_struct_na_base_pair_step.i_PDB_ins_code_1 
_ndb_struct_na_base_pair_step.j_auth_asym_id_1 
_ndb_struct_na_base_pair_step.j_auth_seq_id_1 
_ndb_struct_na_base_pair_step.j_PDB_ins_code_1 
_ndb_struct_na_base_pair_step.i_auth_asym_id_2 
_ndb_struct_na_base_pair_step.i_auth_seq_id_2 
_ndb_struct_na_base_pair_step.i_PDB_ins_code_2 
_ndb_struct_na_base_pair_step.j_auth_asym_id_2 
_ndb_struct_na_base_pair_step.j_auth_seq_id_2 
_ndb_struct_na_base_pair_step.j_PDB_ins_code_2 
1 A DG 3  1_555 D DC 16 1_555 A DC 4  1_555 D DG 15 1_555 -0.661 -0.674 3.149 -1.010  0.725  24.398 -1.810 1.260  3.152 1.713  
2.389   24.429 1  AA_DG3DC4:DG15DC16_DD A 3  ? D 16 ? A 4  ? D 15 ? 
1 A DC 4  1_555 D DG 15 1_555 A DA 5  1_555 D DT 14 1_555 0.148  0.934  2.849 -11.095 7.002  37.802 0.648  -1.357 2.820 10.430 
16.529  39.935 2  AA_DC4DA5:DT14DG15_DD A 4  ? D 15 ? A 5  ? D 14 ? 
1 A DA 5  1_555 D DT 14 1_555 A DG 6  1_555 D DC 13 1_555 -0.402 -0.338 3.707 7.672   -4.416 32.602 0.225  2.096  3.538 -7.690 
-13.362 33.751 3  AA_DA5DG6:DC13DT14_DD A 5  ? D 14 ? A 6  ? D 13 ? 
1 A DG 6  1_555 D DC 13 1_555 A DA 7  1_555 D DT 12 1_555 0.327  -0.770 3.249 -0.881  -4.752 37.014 -0.570 -0.628 3.311 -7.446 
1.381   37.317 4  AA_DG6DA7:DT12DC13_DD A 6  ? D 13 ? A 7  ? D 12 ? 
1 A DA 7  1_555 D DT 12 1_555 A DC 8  1_555 D DG 11 1_555 0.942  -0.777 3.059 -2.623  -1.759 36.074 -1.021 -1.859 3.019 -2.834 
4.225   36.207 5  AA_DA7DC8:DG11DT12_DD A 7  ? D 12 ? A 8  ? D 11 ? 
1 A DC 8  1_555 D DG 11 1_555 A DC 9  1_555 D DG 10 1_555 -0.507 -1.797 3.550 -4.603  3.145  30.236 -4.050 -0.008 3.388 5.965  
8.731   30.733 6  AA_DC8DC9:DG10DG11_DD A 8  ? D 11 ? A 9  ? D 10 ? 
1 A DC 9  1_555 D DG 10 1_555 A DT 10 1_555 C DA 2  1_555 -0.622 -1.682 3.175 3.806   0.318  25.036 -3.924 2.470  3.027 0.727  
-8.714  25.321 7  AA_DC9DT10:DA2DG10_CD A 9  ? D 10 ? A 10 ? C 2  ? 
1 A DT 10 1_555 C DA 2  1_555 A DG 11 1_555 C DC 1  1_555 -0.602 1.308  2.980 -4.115  8.717  43.016 0.957  0.431  3.214 11.712 
5.528   44.033 8  AA_DT10DG11:DC1DA2_CC A 10 ? C 2  ? A 11 ? C 1  ? 
1 B DA 1  1_555 C DT 5  1_555 B DC 2  1_555 C DG 4  1_555 0.899  -1.255 3.347 -4.219  -0.476 28.124 -2.445 -2.804 3.201 -0.973 
8.620   28.436 9  BB_DA12DC13:DG4DT5_CC B 12 ? C 5  ? B 13 ? C 4  ? 
1 B DC 2  1_555 C DG 4  1_555 B DA 3  1_555 C DT 3  1_555 -0.656 -0.860 3.198 0.554   3.285  38.917 -1.669 1.045  3.108 4.919  
-0.829  39.054 10 BB_DC13DA14:DT3DG4_CC B 13 ? C 4  ? B 14 ? C 3  ? 
1 B DA 3  1_555 C DT 3  1_555 B DC 4  1_555 D DG 9  1_555 -0.624 -1.031 3.497 -2.741  -2.188 29.995 -1.496 0.591  3.603 -4.209 
5.273   30.195 11 BB_DA14DC15:DG9DT3_DC B 14 ? C 3  ? B 15 ? D 9  ? 
1 B DC 4  1_555 D DG 9  1_555 B DC 5  1_555 D DG 8  1_555 -0.250 0.126  3.316 -0.995  3.618  32.114 -0.425 0.269  3.316 6.512  
1.791   32.327 12 BB_DC15DC16:DG8DG9_DD B 15 ? D 9  ? B 16 ? D 8  ? 
1 B DC 5  1_555 D DG 8  1_555 B DA 6  1_555 D DT 7  1_555 0.101  0.606  3.138 2.315   -2.927 44.756 1.046  0.068  3.095 -3.836 
-3.034  44.903 13 BB_DC16DA17:DT7DG8_DD B 16 ? D 8  ? B 17 ? D 7  ? 
1 B DA 6  1_555 D DT 7  1_555 B DC 7  1_555 D DG 6  1_555 0.091  -0.850 3.430 -2.159  -1.708 24.998 -1.423 -0.879 3.459 -3.931 
4.969   25.146 14 BB_DA17DC18:DG6DT7_DD B 17 ? D 7  ? B 18 ? D 6  ? 
1 B DC 7  1_555 D DG 6  1_555 B DT 8  1_555 D DA 5  1_555 0.241  -0.740 3.330 1.981   0.508  34.147 -1.340 -0.092 3.327 0.864  
-3.370  34.206 15 BB_DC18DT19:DA5DG6_DD B 18 ? D 6  ? B 19 ? D 5  ? 
1 B DT 8  1_555 D DA 5  1_555 B DC 9  1_555 D DG 4  1_555 0.148  0.119  3.309 5.597   2.200  41.204 -0.069 0.393  3.303 3.106  
-7.902  41.622 16 BB_DT19DC20:DG4DA5_DD B 19 ? D 5  ? B 20 ? D 4  ? 
1 B DC 9  1_555 D DG 4  1_555 B DA 10 1_555 D DT 3  1_555 0.745  1.070  3.205 -0.801  1.549  45.291 1.254  -1.036 3.225 2.011  
1.039   45.323 17 BB_DC20DA21:DT3DG4_DD B 20 ? D 4  ? B 21 ? D 3  ? 
# 
loop_
_pdbx_audit_support.funding_organization 
_pdbx_audit_support.country 
_pdbx_audit_support.grant_number 
_pdbx_audit_support.ordinal 
'National Science Foundation (NSF, United States)'                                         'United States' 1360635     1 
'National Institutes of Health/National Institute of General Medical Sciences (NIH/NIGMS)' 'United States' R01GM104960 2 
'National Science Foundation (NSF, United States)'                                         'United States' NSF2004250  3 
# 
_pdbx_entity_nonpoly.entity_id   5 
_pdbx_entity_nonpoly.name        'CACODYLATE ION' 
_pdbx_entity_nonpoly.comp_id     CAC 
# 
_pdbx_initial_refinement_model.id               1 
_pdbx_initial_refinement_model.entity_id_list   ? 
_pdbx_initial_refinement_model.type             'experimental model' 
_pdbx_initial_refinement_model.source_name      PDB 
_pdbx_initial_refinement_model.accession_code   6X8C 
_pdbx_initial_refinement_model.details          ? 
# 
_pdbx_struct_assembly_auth_evidence.id                     1 
_pdbx_struct_assembly_auth_evidence.assembly_id            1 
_pdbx_struct_assembly_auth_evidence.experimental_support   none 
_pdbx_struct_assembly_auth_evidence.details                ? 
# 
